data_4I86
# 
_entry.id   4I86 
# 
_audit_conform.dict_name       mmcif_pdbx.dic 
_audit_conform.dict_version    5.388 
_audit_conform.dict_location   http://mmcif.pdb.org/dictionaries/ascii/mmcif_pdbx.dic 
# 
loop_
_database_2.database_id 
_database_2.database_code 
_database_2.pdbx_database_accession 
_database_2.pdbx_DOI 
PDB   4I86         pdb_00004i86 10.2210/pdb4i86/pdb 
RCSB  RCSB076425   ?            ?                   
WWPDB D_1000076425 ?            ?                   
# 
loop_
_pdbx_audit_revision_history.ordinal 
_pdbx_audit_revision_history.data_content_type 
_pdbx_audit_revision_history.major_revision 
_pdbx_audit_revision_history.minor_revision 
_pdbx_audit_revision_history.revision_date 
1 'Structure model' 1 0 2013-04-03 
2 'Structure model' 1 1 2024-03-20 
# 
_pdbx_audit_revision_details.ordinal             1 
_pdbx_audit_revision_details.revision_ordinal    1 
_pdbx_audit_revision_details.data_content_type   'Structure model' 
_pdbx_audit_revision_details.provider            repository 
_pdbx_audit_revision_details.type                'Initial release' 
_pdbx_audit_revision_details.description         ? 
_pdbx_audit_revision_details.details             ? 
# 
loop_
_pdbx_audit_revision_group.ordinal 
_pdbx_audit_revision_group.revision_ordinal 
_pdbx_audit_revision_group.data_content_type 
_pdbx_audit_revision_group.group 
1 2 'Structure model' 'Data collection'     
2 2 'Structure model' 'Database references' 
# 
loop_
_pdbx_audit_revision_category.ordinal 
_pdbx_audit_revision_category.revision_ordinal 
_pdbx_audit_revision_category.data_content_type 
_pdbx_audit_revision_category.category 
1 2 'Structure model' chem_comp_atom     
2 2 'Structure model' chem_comp_bond     
3 2 'Structure model' database_2         
4 2 'Structure model' struct_ref_seq_dif 
# 
loop_
_pdbx_audit_revision_item.ordinal 
_pdbx_audit_revision_item.revision_ordinal 
_pdbx_audit_revision_item.data_content_type 
_pdbx_audit_revision_item.item 
1 2 'Structure model' '_database_2.pdbx_DOI'                
2 2 'Structure model' '_database_2.pdbx_database_accession' 
3 2 'Structure model' '_struct_ref_seq_dif.details'         
# 
_pdbx_database_status.status_code                     REL 
_pdbx_database_status.entry_id                        4I86 
_pdbx_database_status.recvd_initial_deposition_date   2012-12-03 
_pdbx_database_status.deposit_site                    RCSB 
_pdbx_database_status.process_site                    PDBJ 
_pdbx_database_status.methods_development_category    ? 
_pdbx_database_status.status_code_sf                  REL 
_pdbx_database_status.status_code_mr                  ? 
_pdbx_database_status.SG_entry                        ? 
_pdbx_database_status.status_code_cs                  ? 
_pdbx_database_status.pdb_format_compatible           Y 
_pdbx_database_status.status_code_nmr_data            ? 
# 
loop_
_audit_author.name 
_audit_author.pdbx_ordinal 
'Fujiwara, T.' 1 
'Komoda, K.'   2 
'Sakurai, N.'  3 
'Tanaka, I.'   4 
'Yao, M.'      5 
# 
_citation.id                        primary 
_citation.title                     
'The c-di-GMP recognition mechanism of the PilZ domain of bacterial cellulose synthase subunit A' 
_citation.journal_abbrev            Biochem.Biophys.Res.Commun. 
_citation.journal_volume            431 
_citation.page_first                802 
_citation.page_last                 807 
_citation.year                      2013 
_citation.journal_id_ASTM           BBRCA9 
_citation.country                   US 
_citation.journal_id_ISSN           0006-291X 
_citation.journal_id_CSD            0146 
_citation.book_publisher            ? 
_citation.pdbx_database_id_PubMed   23291177 
_citation.pdbx_database_id_DOI      10.1016/j.bbrc.2012.12.103 
# 
loop_
_citation_author.citation_id 
_citation_author.name 
_citation_author.ordinal 
_citation_author.identifier_ORCID 
primary 'Fujiwara, T.' 1 ? 
primary 'Komoda, K.'   2 ? 
primary 'Sakurai, N.'  3 ? 
primary 'Tajima, K.'   4 ? 
primary 'Tanaka, I.'   5 ? 
primary 'Yao, M.'      6 ? 
# 
loop_
_entity.id 
_entity.type 
_entity.src_method 
_entity.pdbx_description 
_entity.formula_weight 
_entity.pdbx_number_of_molecules 
_entity.pdbx_ec 
_entity.pdbx_mutation 
_entity.pdbx_fragment 
_entity.details 
1 polymer man 'Cellulose synthase 1' 12295.118 2  2.4.1.12 ? 'C-TERMINAL DOMAIN, UNP residues 572-670' ? 
2 water   nat water                  18.015    62 ?        ? ?                                         ? 
# 
_entity_name_com.entity_id   1 
_entity_name_com.name        
;CELLLOSE SYNTHASE SUBUNIT A, Cellulose synthase catalytic domain [UDP-forming], Cyclic di-GMP-binding domain, Cellulose synthase 1 regulatory domain
;
# 
_entity_poly.entity_id                      1 
_entity_poly.type                           'polypeptide(L)' 
_entity_poly.nstd_linkage                   no 
_entity_poly.nstd_monomer                   no 
_entity_poly.pdbx_seq_one_letter_code       
;MRDPQKRNSHRIPATIPVEVANADGSIIVTGVTEDLSMGGAAVKMSWPAKLSGPTPVYIRTVLDGEELILPARIIRAGNG
RGIFIWTIDNLQQEFSVIRLVFGLEHHHHHH
;
_entity_poly.pdbx_seq_one_letter_code_can   
;MRDPQKRNSHRIPATIPVEVANADGSIIVTGVTEDLSMGGAAVKMSWPAKLSGPTPVYIRTVLDGEELILPARIIRAGNG
RGIFIWTIDNLQQEFSVIRLVFGLEHHHHHH
;
_entity_poly.pdbx_strand_id                 A,B 
_entity_poly.pdbx_target_identifier         ? 
# 
_pdbx_entity_nonpoly.entity_id   2 
_pdbx_entity_nonpoly.name        water 
_pdbx_entity_nonpoly.comp_id     HOH 
# 
loop_
_entity_poly_seq.entity_id 
_entity_poly_seq.num 
_entity_poly_seq.mon_id 
_entity_poly_seq.hetero 
1 1   MET n 
1 2   ARG n 
1 3   ASP n 
1 4   PRO n 
1 5   GLN n 
1 6   LYS n 
1 7   ARG n 
1 8   ASN n 
1 9   SER n 
1 10  HIS n 
1 11  ARG n 
1 12  ILE n 
1 13  PRO n 
1 14  ALA n 
1 15  THR n 
1 16  ILE n 
1 17  PRO n 
1 18  VAL n 
1 19  GLU n 
1 20  VAL n 
1 21  ALA n 
1 22  ASN n 
1 23  ALA n 
1 24  ASP n 
1 25  GLY n 
1 26  SER n 
1 27  ILE n 
1 28  ILE n 
1 29  VAL n 
1 30  THR n 
1 31  GLY n 
1 32  VAL n 
1 33  THR n 
1 34  GLU n 
1 35  ASP n 
1 36  LEU n 
1 37  SER n 
1 38  MET n 
1 39  GLY n 
1 40  GLY n 
1 41  ALA n 
1 42  ALA n 
1 43  VAL n 
1 44  LYS n 
1 45  MET n 
1 46  SER n 
1 47  TRP n 
1 48  PRO n 
1 49  ALA n 
1 50  LYS n 
1 51  LEU n 
1 52  SER n 
1 53  GLY n 
1 54  PRO n 
1 55  THR n 
1 56  PRO n 
1 57  VAL n 
1 58  TYR n 
1 59  ILE n 
1 60  ARG n 
1 61  THR n 
1 62  VAL n 
1 63  LEU n 
1 64  ASP n 
1 65  GLY n 
1 66  GLU n 
1 67  GLU n 
1 68  LEU n 
1 69  ILE n 
1 70  LEU n 
1 71  PRO n 
1 72  ALA n 
1 73  ARG n 
1 74  ILE n 
1 75  ILE n 
1 76  ARG n 
1 77  ALA n 
1 78  GLY n 
1 79  ASN n 
1 80  GLY n 
1 81  ARG n 
1 82  GLY n 
1 83  ILE n 
1 84  PHE n 
1 85  ILE n 
1 86  TRP n 
1 87  THR n 
1 88  ILE n 
1 89  ASP n 
1 90  ASN n 
1 91  LEU n 
1 92  GLN n 
1 93  GLN n 
1 94  GLU n 
1 95  PHE n 
1 96  SER n 
1 97  VAL n 
1 98  ILE n 
1 99  ARG n 
1 100 LEU n 
1 101 VAL n 
1 102 PHE n 
1 103 GLY n 
1 104 LEU n 
1 105 GLU n 
1 106 HIS n 
1 107 HIS n 
1 108 HIS n 
1 109 HIS n 
1 110 HIS n 
1 111 HIS n 
# 
_entity_src_gen.entity_id                          1 
_entity_src_gen.pdbx_src_id                        1 
_entity_src_gen.pdbx_alt_source_flag               sample 
_entity_src_gen.pdbx_seq_type                      ? 
_entity_src_gen.pdbx_beg_seq_num                   ? 
_entity_src_gen.pdbx_end_seq_num                   ? 
_entity_src_gen.gene_src_common_name               ? 
_entity_src_gen.gene_src_genus                     ? 
_entity_src_gen.pdbx_gene_src_gene                 acsAB 
_entity_src_gen.gene_src_species                   ? 
_entity_src_gen.gene_src_strain                    ? 
_entity_src_gen.gene_src_tissue                    ? 
_entity_src_gen.gene_src_tissue_fraction           ? 
_entity_src_gen.gene_src_details                   ? 
_entity_src_gen.pdbx_gene_src_fragment             ? 
_entity_src_gen.pdbx_gene_src_scientific_name      'Gluconacetobacter xylinus' 
_entity_src_gen.pdbx_gene_src_ncbi_taxonomy_id     28448 
_entity_src_gen.pdbx_gene_src_variant              ? 
_entity_src_gen.pdbx_gene_src_cell_line            ? 
_entity_src_gen.pdbx_gene_src_atcc                 ? 
_entity_src_gen.pdbx_gene_src_organ                ? 
_entity_src_gen.pdbx_gene_src_organelle            ? 
_entity_src_gen.pdbx_gene_src_cell                 ? 
_entity_src_gen.pdbx_gene_src_cellular_location    ? 
_entity_src_gen.host_org_common_name               ? 
_entity_src_gen.pdbx_host_org_scientific_name      'Escherichia coli' 
_entity_src_gen.pdbx_host_org_ncbi_taxonomy_id     562 
_entity_src_gen.host_org_genus                     ? 
_entity_src_gen.pdbx_host_org_gene                 ? 
_entity_src_gen.pdbx_host_org_organ                ? 
_entity_src_gen.host_org_species                   ? 
_entity_src_gen.pdbx_host_org_tissue               ? 
_entity_src_gen.pdbx_host_org_tissue_fraction      ? 
_entity_src_gen.pdbx_host_org_strain               'BL21(DE3)' 
_entity_src_gen.pdbx_host_org_variant              ? 
_entity_src_gen.pdbx_host_org_cell_line            ? 
_entity_src_gen.pdbx_host_org_atcc                 ? 
_entity_src_gen.pdbx_host_org_culture_collection   ? 
_entity_src_gen.pdbx_host_org_cell                 ? 
_entity_src_gen.pdbx_host_org_organelle            ? 
_entity_src_gen.pdbx_host_org_cellular_location    ? 
_entity_src_gen.pdbx_host_org_vector_type          PLASMID 
_entity_src_gen.pdbx_host_org_vector               ? 
_entity_src_gen.host_org_details                   ? 
_entity_src_gen.expression_system_id               ? 
_entity_src_gen.plasmid_name                       pET26B 
_entity_src_gen.plasmid_details                    ? 
_entity_src_gen.pdbx_description                   ? 
# 
loop_
_chem_comp.id 
_chem_comp.type 
_chem_comp.mon_nstd_flag 
_chem_comp.name 
_chem_comp.pdbx_synonyms 
_chem_comp.formula 
_chem_comp.formula_weight 
ALA 'L-peptide linking' y ALANINE         ? 'C3 H7 N O2'     89.093  
ARG 'L-peptide linking' y ARGININE        ? 'C6 H15 N4 O2 1' 175.209 
ASN 'L-peptide linking' y ASPARAGINE      ? 'C4 H8 N2 O3'    132.118 
ASP 'L-peptide linking' y 'ASPARTIC ACID' ? 'C4 H7 N O4'     133.103 
GLN 'L-peptide linking' y GLUTAMINE       ? 'C5 H10 N2 O3'   146.144 
GLU 'L-peptide linking' y 'GLUTAMIC ACID' ? 'C5 H9 N O4'     147.129 
GLY 'peptide linking'   y GLYCINE         ? 'C2 H5 N O2'     75.067  
HIS 'L-peptide linking' y HISTIDINE       ? 'C6 H10 N3 O2 1' 156.162 
HOH non-polymer         . WATER           ? 'H2 O'           18.015  
ILE 'L-peptide linking' y ISOLEUCINE      ? 'C6 H13 N O2'    131.173 
LEU 'L-peptide linking' y LEUCINE         ? 'C6 H13 N O2'    131.173 
LYS 'L-peptide linking' y LYSINE          ? 'C6 H15 N2 O2 1' 147.195 
MET 'L-peptide linking' y METHIONINE      ? 'C5 H11 N O2 S'  149.211 
PHE 'L-peptide linking' y PHENYLALANINE   ? 'C9 H11 N O2'    165.189 
PRO 'L-peptide linking' y PROLINE         ? 'C5 H9 N O2'     115.130 
SER 'L-peptide linking' y SERINE          ? 'C3 H7 N O3'     105.093 
THR 'L-peptide linking' y THREONINE       ? 'C4 H9 N O3'     119.119 
TRP 'L-peptide linking' y TRYPTOPHAN      ? 'C11 H12 N2 O2'  204.225 
TYR 'L-peptide linking' y TYROSINE        ? 'C9 H11 N O3'    181.189 
VAL 'L-peptide linking' y VALINE          ? 'C5 H11 N O2'    117.146 
# 
loop_
_pdbx_poly_seq_scheme.asym_id 
_pdbx_poly_seq_scheme.entity_id 
_pdbx_poly_seq_scheme.seq_id 
_pdbx_poly_seq_scheme.mon_id 
_pdbx_poly_seq_scheme.ndb_seq_num 
_pdbx_poly_seq_scheme.pdb_seq_num 
_pdbx_poly_seq_scheme.auth_seq_num 
_pdbx_poly_seq_scheme.pdb_mon_id 
_pdbx_poly_seq_scheme.auth_mon_id 
_pdbx_poly_seq_scheme.pdb_strand_id 
_pdbx_poly_seq_scheme.pdb_ins_code 
_pdbx_poly_seq_scheme.hetero 
A 1 1   MET 1   -3  ?   ?   ?   A . n 
A 1 2   ARG 2   -2  ?   ?   ?   A . n 
A 1 3   ASP 3   -1  ?   ?   ?   A . n 
A 1 4   PRO 4   0   ?   ?   ?   A . n 
A 1 5   GLN 5   1   1   GLN GLN A . n 
A 1 6   LYS 6   2   2   LYS LYS A . n 
A 1 7   ARG 7   3   3   ARG ARG A . n 
A 1 8   ASN 8   4   4   ASN ASN A . n 
A 1 9   SER 9   5   5   SER SER A . n 
A 1 10  HIS 10  6   6   HIS HIS A . n 
A 1 11  ARG 11  7   7   ARG ARG A . n 
A 1 12  ILE 12  8   8   ILE ILE A . n 
A 1 13  PRO 13  9   9   PRO PRO A . n 
A 1 14  ALA 14  10  10  ALA ALA A . n 
A 1 15  THR 15  11  11  THR THR A . n 
A 1 16  ILE 16  12  12  ILE ILE A . n 
A 1 17  PRO 17  13  13  PRO PRO A . n 
A 1 18  VAL 18  14  14  VAL VAL A . n 
A 1 19  GLU 19  15  15  GLU GLU A . n 
A 1 20  VAL 20  16  16  VAL VAL A . n 
A 1 21  ALA 21  17  17  ALA ALA A . n 
A 1 22  ASN 22  18  18  ASN ASN A . n 
A 1 23  ALA 23  19  19  ALA ALA A . n 
A 1 24  ASP 24  20  20  ASP ASP A . n 
A 1 25  GLY 25  21  21  GLY GLY A . n 
A 1 26  SER 26  22  22  SER SER A . n 
A 1 27  ILE 27  23  23  ILE ILE A . n 
A 1 28  ILE 28  24  24  ILE ILE A . n 
A 1 29  VAL 29  25  25  VAL VAL A . n 
A 1 30  THR 30  26  26  THR THR A . n 
A 1 31  GLY 31  27  27  GLY GLY A . n 
A 1 32  VAL 32  28  28  VAL VAL A . n 
A 1 33  THR 33  29  29  THR THR A . n 
A 1 34  GLU 34  30  30  GLU GLU A . n 
A 1 35  ASP 35  31  31  ASP ASP A . n 
A 1 36  LEU 36  32  32  LEU LEU A . n 
A 1 37  SER 37  33  33  SER SER A . n 
A 1 38  MET 38  34  34  MET MET A . n 
A 1 39  GLY 39  35  35  GLY GLY A . n 
A 1 40  GLY 40  36  36  GLY GLY A . n 
A 1 41  ALA 41  37  37  ALA ALA A . n 
A 1 42  ALA 42  38  38  ALA ALA A . n 
A 1 43  VAL 43  39  39  VAL VAL A . n 
A 1 44  LYS 44  40  40  LYS LYS A . n 
A 1 45  MET 45  41  41  MET MET A . n 
A 1 46  SER 46  42  42  SER SER A . n 
A 1 47  TRP 47  43  43  TRP TRP A . n 
A 1 48  PRO 48  44  44  PRO PRO A . n 
A 1 49  ALA 49  45  45  ALA ALA A . n 
A 1 50  LYS 50  46  46  LYS LYS A . n 
A 1 51  LEU 51  47  47  LEU LEU A . n 
A 1 52  SER 52  48  48  SER SER A . n 
A 1 53  GLY 53  49  49  GLY GLY A . n 
A 1 54  PRO 54  50  50  PRO PRO A . n 
A 1 55  THR 55  51  51  THR THR A . n 
A 1 56  PRO 56  52  52  PRO PRO A . n 
A 1 57  VAL 57  53  53  VAL VAL A . n 
A 1 58  TYR 58  54  54  TYR TYR A . n 
A 1 59  ILE 59  55  55  ILE ILE A . n 
A 1 60  ARG 60  56  56  ARG ARG A . n 
A 1 61  THR 61  57  57  THR THR A . n 
A 1 62  VAL 62  58  58  VAL VAL A . n 
A 1 63  LEU 63  59  59  LEU LEU A . n 
A 1 64  ASP 64  60  60  ASP ASP A . n 
A 1 65  GLY 65  61  61  GLY GLY A . n 
A 1 66  GLU 66  62  62  GLU GLU A . n 
A 1 67  GLU 67  63  63  GLU GLU A . n 
A 1 68  LEU 68  64  64  LEU LEU A . n 
A 1 69  ILE 69  65  65  ILE ILE A . n 
A 1 70  LEU 70  66  66  LEU LEU A . n 
A 1 71  PRO 71  67  67  PRO PRO A . n 
A 1 72  ALA 72  68  68  ALA ALA A . n 
A 1 73  ARG 73  69  69  ARG ARG A . n 
A 1 74  ILE 74  70  70  ILE ILE A . n 
A 1 75  ILE 75  71  71  ILE ILE A . n 
A 1 76  ARG 76  72  72  ARG ARG A . n 
A 1 77  ALA 77  73  73  ALA ALA A . n 
A 1 78  GLY 78  74  74  GLY GLY A . n 
A 1 79  ASN 79  75  75  ASN ASN A . n 
A 1 80  GLY 80  76  76  GLY GLY A . n 
A 1 81  ARG 81  77  77  ARG ARG A . n 
A 1 82  GLY 82  78  78  GLY GLY A . n 
A 1 83  ILE 83  79  79  ILE ILE A . n 
A 1 84  PHE 84  80  80  PHE PHE A . n 
A 1 85  ILE 85  81  81  ILE ILE A . n 
A 1 86  TRP 86  82  82  TRP TRP A . n 
A 1 87  THR 87  83  83  THR THR A . n 
A 1 88  ILE 88  84  84  ILE ILE A . n 
A 1 89  ASP 89  85  85  ASP ASP A . n 
A 1 90  ASN 90  86  86  ASN ASN A . n 
A 1 91  LEU 91  87  87  LEU LEU A . n 
A 1 92  GLN 92  88  88  GLN GLN A . n 
A 1 93  GLN 93  89  89  GLN GLN A . n 
A 1 94  GLU 94  90  90  GLU GLU A . n 
A 1 95  PHE 95  91  91  PHE PHE A . n 
A 1 96  SER 96  92  92  SER SER A . n 
A 1 97  VAL 97  93  93  VAL VAL A . n 
A 1 98  ILE 98  94  94  ILE ILE A . n 
A 1 99  ARG 99  95  95  ARG ARG A . n 
A 1 100 LEU 100 96  96  LEU LEU A . n 
A 1 101 VAL 101 97  97  VAL VAL A . n 
A 1 102 PHE 102 98  98  PHE PHE A . n 
A 1 103 GLY 103 99  99  GLY GLY A . n 
A 1 104 LEU 104 100 100 LEU LEU A . n 
A 1 105 GLU 105 101 101 GLU GLU A . n 
A 1 106 HIS 106 102 102 HIS HIS A . n 
A 1 107 HIS 107 103 ?   ?   ?   A . n 
A 1 108 HIS 108 104 ?   ?   ?   A . n 
A 1 109 HIS 109 105 ?   ?   ?   A . n 
A 1 110 HIS 110 106 ?   ?   ?   A . n 
A 1 111 HIS 111 107 ?   ?   ?   A . n 
B 1 1   MET 1   -3  ?   ?   ?   B . n 
B 1 2   ARG 2   -2  ?   ?   ?   B . n 
B 1 3   ASP 3   -1  ?   ?   ?   B . n 
B 1 4   PRO 4   0   ?   ?   ?   B . n 
B 1 5   GLN 5   1   ?   ?   ?   B . n 
B 1 6   LYS 6   2   ?   ?   ?   B . n 
B 1 7   ARG 7   3   ?   ?   ?   B . n 
B 1 8   ASN 8   4   ?   ?   ?   B . n 
B 1 9   SER 9   5   5   SER SER B . n 
B 1 10  HIS 10  6   6   HIS HIS B . n 
B 1 11  ARG 11  7   7   ARG ARG B . n 
B 1 12  ILE 12  8   8   ILE ILE B . n 
B 1 13  PRO 13  9   9   PRO PRO B . n 
B 1 14  ALA 14  10  10  ALA ALA B . n 
B 1 15  THR 15  11  11  THR THR B . n 
B 1 16  ILE 16  12  12  ILE ILE B . n 
B 1 17  PRO 17  13  13  PRO PRO B . n 
B 1 18  VAL 18  14  14  VAL VAL B . n 
B 1 19  GLU 19  15  15  GLU GLU B . n 
B 1 20  VAL 20  16  16  VAL VAL B . n 
B 1 21  ALA 21  17  17  ALA ALA B . n 
B 1 22  ASN 22  18  18  ASN ASN B . n 
B 1 23  ALA 23  19  19  ALA ALA B . n 
B 1 24  ASP 24  20  20  ASP ASP B . n 
B 1 25  GLY 25  21  21  GLY GLY B . n 
B 1 26  SER 26  22  22  SER SER B . n 
B 1 27  ILE 27  23  23  ILE ILE B . n 
B 1 28  ILE 28  24  24  ILE ILE B . n 
B 1 29  VAL 29  25  25  VAL VAL B . n 
B 1 30  THR 30  26  26  THR THR B . n 
B 1 31  GLY 31  27  27  GLY GLY B . n 
B 1 32  VAL 32  28  28  VAL VAL B . n 
B 1 33  THR 33  29  29  THR THR B . n 
B 1 34  GLU 34  30  30  GLU GLU B . n 
B 1 35  ASP 35  31  31  ASP ASP B . n 
B 1 36  LEU 36  32  32  LEU LEU B . n 
B 1 37  SER 37  33  33  SER SER B . n 
B 1 38  MET 38  34  34  MET MET B . n 
B 1 39  GLY 39  35  35  GLY GLY B . n 
B 1 40  GLY 40  36  36  GLY GLY B . n 
B 1 41  ALA 41  37  37  ALA ALA B . n 
B 1 42  ALA 42  38  38  ALA ALA B . n 
B 1 43  VAL 43  39  39  VAL VAL B . n 
B 1 44  LYS 44  40  40  LYS LYS B . n 
B 1 45  MET 45  41  41  MET MET B . n 
B 1 46  SER 46  42  42  SER SER B . n 
B 1 47  TRP 47  43  43  TRP TRP B . n 
B 1 48  PRO 48  44  44  PRO PRO B . n 
B 1 49  ALA 49  45  45  ALA ALA B . n 
B 1 50  LYS 50  46  46  LYS LYS B . n 
B 1 51  LEU 51  47  47  LEU LEU B . n 
B 1 52  SER 52  48  48  SER SER B . n 
B 1 53  GLY 53  49  49  GLY GLY B . n 
B 1 54  PRO 54  50  50  PRO PRO B . n 
B 1 55  THR 55  51  51  THR THR B . n 
B 1 56  PRO 56  52  52  PRO PRO B . n 
B 1 57  VAL 57  53  53  VAL VAL B . n 
B 1 58  TYR 58  54  54  TYR TYR B . n 
B 1 59  ILE 59  55  55  ILE ILE B . n 
B 1 60  ARG 60  56  56  ARG ARG B . n 
B 1 61  THR 61  57  57  THR THR B . n 
B 1 62  VAL 62  58  58  VAL VAL B . n 
B 1 63  LEU 63  59  59  LEU LEU B . n 
B 1 64  ASP 64  60  60  ASP ASP B . n 
B 1 65  GLY 65  61  61  GLY GLY B . n 
B 1 66  GLU 66  62  62  GLU GLU B . n 
B 1 67  GLU 67  63  63  GLU GLU B . n 
B 1 68  LEU 68  64  64  LEU LEU B . n 
B 1 69  ILE 69  65  65  ILE ILE B . n 
B 1 70  LEU 70  66  66  LEU LEU B . n 
B 1 71  PRO 71  67  67  PRO PRO B . n 
B 1 72  ALA 72  68  68  ALA ALA B . n 
B 1 73  ARG 73  69  69  ARG ARG B . n 
B 1 74  ILE 74  70  70  ILE ILE B . n 
B 1 75  ILE 75  71  71  ILE ILE B . n 
B 1 76  ARG 76  72  72  ARG ARG B . n 
B 1 77  ALA 77  73  73  ALA ALA B . n 
B 1 78  GLY 78  74  74  GLY GLY B . n 
B 1 79  ASN 79  75  75  ASN ASN B . n 
B 1 80  GLY 80  76  76  GLY GLY B . n 
B 1 81  ARG 81  77  77  ARG ARG B . n 
B 1 82  GLY 82  78  78  GLY GLY B . n 
B 1 83  ILE 83  79  79  ILE ILE B . n 
B 1 84  PHE 84  80  80  PHE PHE B . n 
B 1 85  ILE 85  81  81  ILE ILE B . n 
B 1 86  TRP 86  82  82  TRP TRP B . n 
B 1 87  THR 87  83  83  THR THR B . n 
B 1 88  ILE 88  84  84  ILE ILE B . n 
B 1 89  ASP 89  85  85  ASP ASP B . n 
B 1 90  ASN 90  86  86  ASN ASN B . n 
B 1 91  LEU 91  87  87  LEU LEU B . n 
B 1 92  GLN 92  88  88  GLN GLN B . n 
B 1 93  GLN 93  89  89  GLN GLN B . n 
B 1 94  GLU 94  90  90  GLU GLU B . n 
B 1 95  PHE 95  91  91  PHE PHE B . n 
B 1 96  SER 96  92  92  SER SER B . n 
B 1 97  VAL 97  93  93  VAL VAL B . n 
B 1 98  ILE 98  94  94  ILE ILE B . n 
B 1 99  ARG 99  95  95  ARG ARG B . n 
B 1 100 LEU 100 96  96  LEU LEU B . n 
B 1 101 VAL 101 97  97  VAL VAL B . n 
B 1 102 PHE 102 98  98  PHE PHE B . n 
B 1 103 GLY 103 99  99  GLY GLY B . n 
B 1 104 LEU 104 100 100 LEU LEU B . n 
B 1 105 GLU 105 101 101 GLU GLU B . n 
B 1 106 HIS 106 102 102 HIS HIS B . n 
B 1 107 HIS 107 103 ?   ?   ?   B . n 
B 1 108 HIS 108 104 ?   ?   ?   B . n 
B 1 109 HIS 109 105 ?   ?   ?   B . n 
B 1 110 HIS 110 106 ?   ?   ?   B . n 
B 1 111 HIS 111 107 ?   ?   ?   B . n 
# 
loop_
_pdbx_nonpoly_scheme.asym_id 
_pdbx_nonpoly_scheme.entity_id 
_pdbx_nonpoly_scheme.mon_id 
_pdbx_nonpoly_scheme.ndb_seq_num 
_pdbx_nonpoly_scheme.pdb_seq_num 
_pdbx_nonpoly_scheme.auth_seq_num 
_pdbx_nonpoly_scheme.pdb_mon_id 
_pdbx_nonpoly_scheme.auth_mon_id 
_pdbx_nonpoly_scheme.pdb_strand_id 
_pdbx_nonpoly_scheme.pdb_ins_code 
C 2 HOH 1  201 1  HOH HOH A . 
C 2 HOH 2  202 5  HOH HOH A . 
C 2 HOH 3  203 7  HOH HOH A . 
C 2 HOH 4  204 8  HOH HOH A . 
C 2 HOH 5  205 9  HOH HOH A . 
C 2 HOH 6  206 11 HOH HOH A . 
C 2 HOH 7  207 15 HOH HOH A . 
C 2 HOH 8  208 16 HOH HOH A . 
C 2 HOH 9  209 20 HOH HOH A . 
C 2 HOH 10 210 21 HOH HOH A . 
C 2 HOH 11 211 22 HOH HOH A . 
C 2 HOH 12 212 24 HOH HOH A . 
C 2 HOH 13 213 25 HOH HOH A . 
C 2 HOH 14 214 27 HOH HOH A . 
C 2 HOH 15 215 31 HOH HOH A . 
C 2 HOH 16 216 32 HOH HOH A . 
C 2 HOH 17 217 33 HOH HOH A . 
C 2 HOH 18 218 34 HOH HOH A . 
C 2 HOH 19 219 35 HOH HOH A . 
C 2 HOH 20 220 36 HOH HOH A . 
C 2 HOH 21 221 37 HOH HOH A . 
C 2 HOH 22 222 38 HOH HOH A . 
C 2 HOH 23 223 40 HOH HOH A . 
C 2 HOH 24 224 41 HOH HOH A . 
C 2 HOH 25 225 43 HOH HOH A . 
C 2 HOH 26 226 45 HOH HOH A . 
C 2 HOH 27 227 49 HOH HOH A . 
C 2 HOH 28 228 50 HOH HOH A . 
C 2 HOH 29 229 51 HOH HOH A . 
C 2 HOH 30 230 52 HOH HOH A . 
C 2 HOH 31 231 53 HOH HOH A . 
C 2 HOH 32 232 58 HOH HOH A . 
D 2 HOH 1  201 2  HOH HOH B . 
D 2 HOH 2  202 3  HOH HOH B . 
D 2 HOH 3  203 4  HOH HOH B . 
D 2 HOH 4  204 6  HOH HOH B . 
D 2 HOH 5  205 10 HOH HOH B . 
D 2 HOH 6  206 12 HOH HOH B . 
D 2 HOH 7  207 13 HOH HOH B . 
D 2 HOH 8  208 14 HOH HOH B . 
D 2 HOH 9  209 17 HOH HOH B . 
D 2 HOH 10 210 18 HOH HOH B . 
D 2 HOH 11 211 19 HOH HOH B . 
D 2 HOH 12 212 23 HOH HOH B . 
D 2 HOH 13 213 26 HOH HOH B . 
D 2 HOH 14 214 28 HOH HOH B . 
D 2 HOH 15 215 29 HOH HOH B . 
D 2 HOH 16 216 30 HOH HOH B . 
D 2 HOH 17 217 39 HOH HOH B . 
D 2 HOH 18 218 42 HOH HOH B . 
D 2 HOH 19 219 44 HOH HOH B . 
D 2 HOH 20 220 46 HOH HOH B . 
D 2 HOH 21 221 47 HOH HOH B . 
D 2 HOH 22 222 48 HOH HOH B . 
D 2 HOH 23 223 54 HOH HOH B . 
D 2 HOH 24 224 55 HOH HOH B . 
D 2 HOH 25 225 56 HOH HOH B . 
D 2 HOH 26 226 57 HOH HOH B . 
D 2 HOH 27 227 59 HOH HOH B . 
D 2 HOH 28 228 60 HOH HOH B . 
D 2 HOH 29 229 61 HOH HOH B . 
D 2 HOH 30 230 62 HOH HOH B . 
# 
loop_
_software.name 
_software.classification 
_software.version 
_software.citation_id 
_software.pdbx_ordinal 
XDS    'data scaling'   .                            ? 1 
PHENIX 'model building' '(AutoMR: 1.7.1_743)'        ? 2 
PHENIX refinement       '(phenix.refine: 1.7.1_743)' ? 3 
XDS    'data reduction' .                            ? 4 
PHENIX phasing          '(AutoMR: 1.7.1_743)'        ? 5 
# 
_cell.entry_id           4I86 
_cell.length_a           39.360 
_cell.length_b           59.500 
_cell.length_c           78.153 
_cell.angle_alpha        90.00 
_cell.angle_beta         90.00 
_cell.angle_gamma        90.00 
_cell.Z_PDB              8 
_cell.pdbx_unique_axis   ? 
_cell.length_a_esd       ? 
_cell.length_b_esd       ? 
_cell.length_c_esd       ? 
_cell.angle_alpha_esd    ? 
_cell.angle_beta_esd     ? 
_cell.angle_gamma_esd    ? 
# 
_symmetry.entry_id                         4I86 
_symmetry.space_group_name_H-M             'P 21 21 21' 
_symmetry.pdbx_full_space_group_name_H-M   ? 
_symmetry.cell_setting                     ? 
_symmetry.Int_Tables_number                19 
_symmetry.space_group_name_Hall            ? 
# 
_exptl.entry_id          4I86 
_exptl.method            'X-RAY DIFFRACTION' 
_exptl.crystals_number   1 
# 
_exptl_crystal.id                    1 
_exptl_crystal.density_meas          ? 
_exptl_crystal.density_Matthews      1.86 
_exptl_crystal.density_percent_sol   33.90 
_exptl_crystal.description           ? 
_exptl_crystal.F_000                 ? 
_exptl_crystal.preparation           ? 
# 
_exptl_crystal_grow.crystal_id      1 
_exptl_crystal_grow.method          'VAPOR DIFFUSION, HANGING DROP' 
_exptl_crystal_grow.temp            293 
_exptl_crystal_grow.temp_details    ? 
_exptl_crystal_grow.pH              3.8 
_exptl_crystal_grow.pdbx_details    
'0.1M phosphate-citrate, 30%(v/v) PEG300, pH 3.8, VAPOR DIFFUSION, HANGING DROP, temperature 293K' 
_exptl_crystal_grow.pdbx_pH_range   . 
# 
_diffrn.id                     1 
_diffrn.ambient_temp           100 
_diffrn.ambient_temp_details   ? 
_diffrn.crystal_id             1 
# 
_diffrn_detector.diffrn_id              1 
_diffrn_detector.detector               CCD 
_diffrn_detector.type                   'ADSC QUANTUM 210r' 
_diffrn_detector.pdbx_collection_date   2011-10-05 
_diffrn_detector.details                ? 
# 
_diffrn_radiation.diffrn_id                        1 
_diffrn_radiation.wavelength_id                    1 
_diffrn_radiation.pdbx_monochromatic_or_laue_m_l   M 
_diffrn_radiation.monochromator                    'Numerical link type Si(111) double crystal monochromator' 
_diffrn_radiation.pdbx_diffrn_protocol             'SINGLE WAVELENGTH' 
_diffrn_radiation.pdbx_scattering_type             x-ray 
# 
_diffrn_radiation_wavelength.id           1 
_diffrn_radiation_wavelength.wavelength   1.0000 
_diffrn_radiation_wavelength.wt           1.0 
# 
_diffrn_source.diffrn_id                   1 
_diffrn_source.source                      SYNCHROTRON 
_diffrn_source.type                        'PHOTON FACTORY BEAMLINE BL-5A' 
_diffrn_source.pdbx_synchrotron_site       'Photon Factory' 
_diffrn_source.pdbx_synchrotron_beamline   BL-5A 
_diffrn_source.pdbx_wavelength             ? 
_diffrn_source.pdbx_wavelength_list        1.0000 
# 
_reflns.entry_id                     4I86 
_reflns.observed_criterion_sigma_I   ? 
_reflns.observed_criterion_sigma_F   ? 
_reflns.d_resolution_low             45 
_reflns.d_resolution_high            2.0980 
_reflns.number_obs                   11236 
_reflns.number_all                   ? 
_reflns.percent_possible_obs         99.9 
_reflns.pdbx_Rmerge_I_obs            0.081 
_reflns.pdbx_Rsym_value              ? 
_reflns.pdbx_netI_over_sigmaI        24.52 
_reflns.B_iso_Wilson_estimate        ? 
_reflns.pdbx_redundancy              10.7 
_reflns.R_free_details               ? 
_reflns.limit_h_max                  ? 
_reflns.limit_h_min                  ? 
_reflns.limit_k_max                  ? 
_reflns.limit_k_min                  ? 
_reflns.limit_l_max                  ? 
_reflns.limit_l_min                  ? 
_reflns.observed_criterion_F_max     ? 
_reflns.observed_criterion_F_min     ? 
_reflns.pdbx_chi_squared             ? 
_reflns.pdbx_scaling_rejects         ? 
_reflns.pdbx_ordinal                 1 
_reflns.pdbx_diffrn_id               1 
# 
_reflns_shell.d_res_high                  2.10 
_reflns_shell.d_res_low                   2.22 
_reflns_shell.percent_possible_all        99.7 
_reflns_shell.Rmerge_I_obs                0.618 
_reflns_shell.pdbx_Rsym_value             ? 
_reflns_shell.meanI_over_sigI_obs         4.50 
_reflns_shell.pdbx_redundancy             10.8 
_reflns_shell.percent_possible_obs        ? 
_reflns_shell.number_unique_all           1767 
_reflns_shell.number_measured_all         ? 
_reflns_shell.number_measured_obs         ? 
_reflns_shell.number_unique_obs           ? 
_reflns_shell.pdbx_chi_squared            ? 
_reflns_shell.pdbx_rejects                ? 
_reflns_shell.pdbx_netI_over_sigmaI_obs   ? 
_reflns_shell.number_possible             ? 
_reflns_shell.Rmerge_F_all                ? 
_reflns_shell.Rmerge_F_obs                ? 
_reflns_shell.Rmerge_I_all                ? 
_reflns_shell.meanI_over_sigI_all         ? 
_reflns_shell.pdbx_Rrim_I_all             ? 
_reflns_shell.pdbx_Rpim_I_all             ? 
_reflns_shell.pdbx_ordinal                1 
_reflns_shell.pdbx_diffrn_id              1 
# 
_refine.entry_id                                 4I86 
_refine.ls_number_reflns_obs                     11226 
_refine.ls_number_reflns_all                     ? 
_refine.pdbx_ls_sigma_I                          ? 
_refine.pdbx_ls_sigma_F                          2.01 
_refine.pdbx_data_cutoff_high_absF               ? 
_refine.pdbx_data_cutoff_low_absF                ? 
_refine.pdbx_data_cutoff_high_rms_absF           ? 
_refine.ls_d_res_low                             35.153 
_refine.ls_d_res_high                            2.098 
_refine.ls_percent_reflns_obs                    99.82 
_refine.ls_R_factor_obs                          0.2167 
_refine.ls_R_factor_all                          ? 
_refine.ls_R_factor_R_work                       0.2144 
_refine.ls_R_factor_R_free                       0.2613 
_refine.ls_R_factor_R_free_error                 ? 
_refine.ls_R_factor_R_free_error_details         ? 
_refine.ls_percent_reflns_R_free                 4.78 
_refine.ls_number_reflns_R_free                  537 
_refine.ls_number_parameters                     ? 
_refine.ls_number_restraints                     ? 
_refine.correlation_coeff_Fo_to_Fc               ? 
_refine.correlation_coeff_Fo_to_Fc_free          ? 
_refine.B_iso_mean                               33.8746 
_refine.aniso_B[1][1]                            -4.3776 
_refine.aniso_B[2][2]                            -2.5412 
_refine.aniso_B[3][3]                            6.9187 
_refine.aniso_B[1][2]                            0.0000 
_refine.aniso_B[1][3]                            -0.0000 
_refine.aniso_B[2][3]                            0.0000 
_refine.solvent_model_details                    'FLAT BULK SOLVENT MODEL' 
_refine.solvent_model_param_ksol                 0.412 
_refine.solvent_model_param_bsol                 45.971 
_refine.pdbx_solvent_vdw_probe_radii             1.20 
_refine.pdbx_solvent_ion_probe_radii             ? 
_refine.pdbx_solvent_shrinkage_radii             0.95 
_refine.pdbx_ls_cross_valid_method               ? 
_refine.details                                  ? 
_refine.pdbx_starting_model                      ? 
_refine.pdbx_method_to_determine_struct          'MOLECULAR REPLACEMENT' 
_refine.pdbx_isotropic_thermal_model             ? 
_refine.pdbx_stereochemistry_target_values       ML 
_refine.pdbx_stereochem_target_val_spec_case     ? 
_refine.pdbx_R_Free_selection_details            RANDOM 
_refine.pdbx_overall_ESU_R                       ? 
_refine.pdbx_overall_ESU_R_Free                  ? 
_refine.overall_SU_ML                            0.47 
_refine.overall_FOM_work_R_set                   0.8042 
_refine.B_iso_max                                68.900 
_refine.B_iso_min                                14.810 
_refine.pdbx_overall_phase_error                 25.6500 
_refine.occupancy_max                            1.000 
_refine.occupancy_min                            1.000 
_refine.pdbx_diffrn_id                           1 
_refine.pdbx_refine_id                           'X-RAY DIFFRACTION' 
_refine.ls_redundancy_reflns_obs                 ? 
_refine.overall_SU_B                             ? 
_refine.overall_SU_R_Cruickshank_DPI             ? 
_refine.overall_SU_R_free                        ? 
_refine.ls_wR_factor_R_free                      ? 
_refine.ls_wR_factor_R_work                      ? 
_refine.overall_FOM_free_R_set                   ? 
_refine.pdbx_TLS_residual_ADP_flag               ? 
_refine.pdbx_overall_SU_R_free_Cruickshank_DPI   ? 
_refine.pdbx_overall_SU_R_Blow_DPI               ? 
_refine.pdbx_overall_SU_R_free_Blow_DPI          ? 
# 
_refine_hist.pdbx_refine_id                   'X-RAY DIFFRACTION' 
_refine_hist.cycle_id                         LAST 
_refine_hist.pdbx_number_atoms_protein        1525 
_refine_hist.pdbx_number_atoms_nucleic_acid   0 
_refine_hist.pdbx_number_atoms_ligand         0 
_refine_hist.number_atoms_solvent             62 
_refine_hist.number_atoms_total               1587 
_refine_hist.d_res_high                       2.098 
_refine_hist.d_res_low                        35.153 
# 
loop_
_refine_ls_restr.pdbx_refine_id 
_refine_ls_restr.type 
_refine_ls_restr.number 
_refine_ls_restr.dev_ideal 
_refine_ls_restr.dev_ideal_target 
_refine_ls_restr.weight 
_refine_ls_restr.pdbx_restraint_function 
'X-RAY DIFFRACTION' f_bond_d           1555 0.008  ? ? ? 
'X-RAY DIFFRACTION' f_angle_d          2116 1.147  ? ? ? 
'X-RAY DIFFRACTION' f_chiral_restr     250  0.076  ? ? ? 
'X-RAY DIFFRACTION' f_plane_restr      271  0.005  ? ? ? 
'X-RAY DIFFRACTION' f_dihedral_angle_d 568  15.519 ? ? ? 
# 
loop_
_refine_ls_shell.d_res_high 
_refine_ls_shell.d_res_low 
_refine_ls_shell.pdbx_total_number_of_bins_used 
_refine_ls_shell.percent_reflns_obs 
_refine_ls_shell.number_reflns_R_work 
_refine_ls_shell.R_factor_all 
_refine_ls_shell.R_factor_R_work 
_refine_ls_shell.R_factor_R_free 
_refine_ls_shell.percent_reflns_R_free 
_refine_ls_shell.number_reflns_R_free 
_refine_ls_shell.R_factor_R_free_error 
_refine_ls_shell.number_reflns_all 
_refine_ls_shell.number_reflns_obs 
_refine_ls_shell.pdbx_refine_id 
_refine_ls_shell.redundancy_reflns_obs 
2.0983 2.3094  4 100.0000 2605 . 0.2266 0.2757 . 141 . 2746 . 'X-RAY DIFFRACTION' . 
2.3094 2.6434  4 100.0000 2648 . 0.2169 0.2886 . 125 . 2773 . 'X-RAY DIFFRACTION' . 
2.6434 3.3301  4 100.0000 2641 . 0.2114 0.2848 . 134 . 2775 . 'X-RAY DIFFRACTION' . 
3.3301 35.1584 4 100.0000 2795 . 0.2124 0.2387 . 137 . 2932 . 'X-RAY DIFFRACTION' . 
# 
_struct.entry_id                  4I86 
_struct.title                     'Crystal structure of PilZ domain of CeSA from cellulose synthesizing bacterium' 
_struct.pdbx_model_details        ? 
_struct.pdbx_CASP_flag            ? 
_struct.pdbx_model_type_details   ? 
# 
_struct_keywords.entry_id        4I86 
_struct_keywords.pdbx_keywords   TRANSFERASE 
_struct_keywords.text            'beta-barrel fold, c-di-GMP Binding, Transferase' 
# 
loop_
_struct_asym.id 
_struct_asym.pdbx_blank_PDB_chainid_flag 
_struct_asym.pdbx_modified 
_struct_asym.entity_id 
_struct_asym.details 
A N N 1 ? 
B N N 1 ? 
C N N 2 ? 
D N N 2 ? 
# 
_struct_ref.id                         1 
_struct_ref.db_name                    UNP 
_struct_ref.db_code                    ACSA1_GLUXY 
_struct_ref.pdbx_db_accession          P0CW87 
_struct_ref.entity_id                  1 
_struct_ref.pdbx_seq_one_letter_code   
;QKRNSHRIPATIPVEVANADGSIIVTGVTEDLSMGGAAVKMSWPAKLSGPTPVYIRTVLDGEELILPARIIRAGNGRGIF
IWTIDNLQQEFSVIRLVFG
;
_struct_ref.pdbx_align_begin           572 
_struct_ref.pdbx_db_isoform            ? 
# 
loop_
_struct_ref_seq.align_id 
_struct_ref_seq.ref_id 
_struct_ref_seq.pdbx_PDB_id_code 
_struct_ref_seq.pdbx_strand_id 
_struct_ref_seq.seq_align_beg 
_struct_ref_seq.pdbx_seq_align_beg_ins_code 
_struct_ref_seq.seq_align_end 
_struct_ref_seq.pdbx_seq_align_end_ins_code 
_struct_ref_seq.pdbx_db_accession 
_struct_ref_seq.db_align_beg 
_struct_ref_seq.pdbx_db_align_beg_ins_code 
_struct_ref_seq.db_align_end 
_struct_ref_seq.pdbx_db_align_end_ins_code 
_struct_ref_seq.pdbx_auth_seq_align_beg 
_struct_ref_seq.pdbx_auth_seq_align_end 
1 1 4I86 A 5 ? 103 ? P0CW87 572 ? 670 ? 1 99 
2 1 4I86 B 5 ? 103 ? P0CW87 572 ? 670 ? 1 99 
# 
loop_
_struct_ref_seq_dif.align_id 
_struct_ref_seq_dif.pdbx_pdb_id_code 
_struct_ref_seq_dif.mon_id 
_struct_ref_seq_dif.pdbx_pdb_strand_id 
_struct_ref_seq_dif.seq_num 
_struct_ref_seq_dif.pdbx_pdb_ins_code 
_struct_ref_seq_dif.pdbx_seq_db_name 
_struct_ref_seq_dif.pdbx_seq_db_accession_code 
_struct_ref_seq_dif.db_mon_id 
_struct_ref_seq_dif.pdbx_seq_db_seq_num 
_struct_ref_seq_dif.details 
_struct_ref_seq_dif.pdbx_auth_seq_num 
_struct_ref_seq_dif.pdbx_ordinal 
1 4I86 MET A 1   ? UNP P0CW87 ? ? 'expression tag' -3  1  
1 4I86 ARG A 2   ? UNP P0CW87 ? ? 'expression tag' -2  2  
1 4I86 ASP A 3   ? UNP P0CW87 ? ? 'expression tag' -1  3  
1 4I86 PRO A 4   ? UNP P0CW87 ? ? 'expression tag' 0   4  
1 4I86 LEU A 104 ? UNP P0CW87 ? ? 'expression tag' 100 5  
1 4I86 GLU A 105 ? UNP P0CW87 ? ? 'expression tag' 101 6  
1 4I86 HIS A 106 ? UNP P0CW87 ? ? 'expression tag' 102 7  
1 4I86 HIS A 107 ? UNP P0CW87 ? ? 'expression tag' 103 8  
1 4I86 HIS A 108 ? UNP P0CW87 ? ? 'expression tag' 104 9  
1 4I86 HIS A 109 ? UNP P0CW87 ? ? 'expression tag' 105 10 
1 4I86 HIS A 110 ? UNP P0CW87 ? ? 'expression tag' 106 11 
1 4I86 HIS A 111 ? UNP P0CW87 ? ? 'expression tag' 107 12 
2 4I86 MET B 1   ? UNP P0CW87 ? ? 'expression tag' -3  13 
2 4I86 ARG B 2   ? UNP P0CW87 ? ? 'expression tag' -2  14 
2 4I86 ASP B 3   ? UNP P0CW87 ? ? 'expression tag' -1  15 
2 4I86 PRO B 4   ? UNP P0CW87 ? ? 'expression tag' 0   16 
2 4I86 LEU B 104 ? UNP P0CW87 ? ? 'expression tag' 100 17 
2 4I86 GLU B 105 ? UNP P0CW87 ? ? 'expression tag' 101 18 
2 4I86 HIS B 106 ? UNP P0CW87 ? ? 'expression tag' 102 19 
2 4I86 HIS B 107 ? UNP P0CW87 ? ? 'expression tag' 103 20 
2 4I86 HIS B 108 ? UNP P0CW87 ? ? 'expression tag' 104 21 
2 4I86 HIS B 109 ? UNP P0CW87 ? ? 'expression tag' 105 22 
2 4I86 HIS B 110 ? UNP P0CW87 ? ? 'expression tag' 106 23 
2 4I86 HIS B 111 ? UNP P0CW87 ? ? 'expression tag' 107 24 
# 
loop_
_pdbx_struct_assembly.id 
_pdbx_struct_assembly.details 
_pdbx_struct_assembly.method_details 
_pdbx_struct_assembly.oligomeric_details 
_pdbx_struct_assembly.oligomeric_count 
1 author_and_software_defined_assembly PISA monomeric 1 
2 author_and_software_defined_assembly PISA monomeric 1 
# 
loop_
_pdbx_struct_assembly_gen.assembly_id 
_pdbx_struct_assembly_gen.oper_expression 
_pdbx_struct_assembly_gen.asym_id_list 
1 1 A,C 
2 1 B,D 
# 
_pdbx_struct_oper_list.id                   1 
_pdbx_struct_oper_list.type                 'identity operation' 
_pdbx_struct_oper_list.name                 1_555 
_pdbx_struct_oper_list.symmetry_operation   x,y,z 
_pdbx_struct_oper_list.matrix[1][1]         1.0000000000 
_pdbx_struct_oper_list.matrix[1][2]         0.0000000000 
_pdbx_struct_oper_list.matrix[1][3]         0.0000000000 
_pdbx_struct_oper_list.vector[1]            0.0000000000 
_pdbx_struct_oper_list.matrix[2][1]         0.0000000000 
_pdbx_struct_oper_list.matrix[2][2]         1.0000000000 
_pdbx_struct_oper_list.matrix[2][3]         0.0000000000 
_pdbx_struct_oper_list.vector[2]            0.0000000000 
_pdbx_struct_oper_list.matrix[3][1]         0.0000000000 
_pdbx_struct_oper_list.matrix[3][2]         0.0000000000 
_pdbx_struct_oper_list.matrix[3][3]         1.0000000000 
_pdbx_struct_oper_list.vector[3]            0.0000000000 
# 
_struct_biol.id        1 
_struct_biol.details   ? 
# 
loop_
_struct_conf.conf_type_id 
_struct_conf.id 
_struct_conf.pdbx_PDB_helix_id 
_struct_conf.beg_label_comp_id 
_struct_conf.beg_label_asym_id 
_struct_conf.beg_label_seq_id 
_struct_conf.pdbx_beg_PDB_ins_code 
_struct_conf.end_label_comp_id 
_struct_conf.end_label_asym_id 
_struct_conf.end_label_seq_id 
_struct_conf.pdbx_end_PDB_ins_code 
_struct_conf.beg_auth_comp_id 
_struct_conf.beg_auth_asym_id 
_struct_conf.beg_auth_seq_id 
_struct_conf.end_auth_comp_id 
_struct_conf.end_auth_asym_id 
_struct_conf.end_auth_seq_id 
_struct_conf.pdbx_PDB_helix_class 
_struct_conf.details 
_struct_conf.pdbx_PDB_helix_length 
HELX_P HELX_P1 1 ASN A 90 ? HIS A 106 ? ASN A 86 HIS A 102 1 ? 17 
HELX_P HELX_P2 2 ASN B 90 ? HIS B 106 ? ASN B 86 HIS B 102 1 ? 17 
# 
_struct_conf_type.id          HELX_P 
_struct_conf_type.criteria    ? 
_struct_conf_type.reference   ? 
# 
loop_
_struct_sheet.id 
_struct_sheet.type 
_struct_sheet.number_strands 
_struct_sheet.details 
A ? 8 ? 
B ? 7 ? 
# 
loop_
_struct_sheet_order.sheet_id 
_struct_sheet_order.range_id_1 
_struct_sheet_order.range_id_2 
_struct_sheet_order.offset 
_struct_sheet_order.sense 
A 1 2 ? anti-parallel 
A 2 3 ? anti-parallel 
A 3 4 ? anti-parallel 
A 4 5 ? anti-parallel 
A 5 6 ? anti-parallel 
A 6 7 ? anti-parallel 
A 7 8 ? anti-parallel 
B 1 2 ? anti-parallel 
B 2 3 ? anti-parallel 
B 3 4 ? anti-parallel 
B 4 5 ? anti-parallel 
B 5 6 ? anti-parallel 
B 6 7 ? anti-parallel 
# 
loop_
_struct_sheet_range.sheet_id 
_struct_sheet_range.id 
_struct_sheet_range.beg_label_comp_id 
_struct_sheet_range.beg_label_asym_id 
_struct_sheet_range.beg_label_seq_id 
_struct_sheet_range.pdbx_beg_PDB_ins_code 
_struct_sheet_range.end_label_comp_id 
_struct_sheet_range.end_label_asym_id 
_struct_sheet_range.end_label_seq_id 
_struct_sheet_range.pdbx_end_PDB_ins_code 
_struct_sheet_range.beg_auth_comp_id 
_struct_sheet_range.beg_auth_asym_id 
_struct_sheet_range.beg_auth_seq_id 
_struct_sheet_range.end_auth_comp_id 
_struct_sheet_range.end_auth_asym_id 
_struct_sheet_range.end_auth_seq_id 
A 1 ILE A 12 ? PRO A 13 ? ILE A 8  PRO A 9  
A 2 ILE A 28 ? LEU A 36 ? ILE A 24 LEU A 32 
A 3 GLY A 40 ? LYS A 44 ? GLY A 36 LYS A 40 
A 4 GLY A 82 ? TRP A 86 ? GLY A 78 TRP A 82 
A 5 GLU A 66 ? ALA A 77 ? GLU A 62 ALA A 73 
A 6 THR A 55 ? LEU A 63 ? THR A 51 LEU A 59 
A 7 PRO A 17 ? ASN A 22 ? PRO A 13 ASN A 18 
A 8 ILE A 28 ? LEU A 36 ? ILE A 24 LEU A 32 
B 1 PRO B 17 ? ASN B 22 ? PRO B 13 ASN B 18 
B 2 ILE B 28 ? LEU B 36 ? ILE B 24 LEU B 32 
B 3 GLY B 40 ? LYS B 44 ? GLY B 36 LYS B 40 
B 4 ARG B 81 ? TRP B 86 ? ARG B 77 TRP B 82 
B 5 GLU B 66 ? GLY B 78 ? GLU B 62 GLY B 74 
B 6 THR B 55 ? LEU B 63 ? THR B 51 LEU B 59 
B 7 PRO B 17 ? ASN B 22 ? PRO B 13 ASN B 18 
# 
loop_
_pdbx_struct_sheet_hbond.sheet_id 
_pdbx_struct_sheet_hbond.range_id_1 
_pdbx_struct_sheet_hbond.range_id_2 
_pdbx_struct_sheet_hbond.range_1_label_atom_id 
_pdbx_struct_sheet_hbond.range_1_label_comp_id 
_pdbx_struct_sheet_hbond.range_1_label_asym_id 
_pdbx_struct_sheet_hbond.range_1_label_seq_id 
_pdbx_struct_sheet_hbond.range_1_PDB_ins_code 
_pdbx_struct_sheet_hbond.range_1_auth_atom_id 
_pdbx_struct_sheet_hbond.range_1_auth_comp_id 
_pdbx_struct_sheet_hbond.range_1_auth_asym_id 
_pdbx_struct_sheet_hbond.range_1_auth_seq_id 
_pdbx_struct_sheet_hbond.range_2_label_atom_id 
_pdbx_struct_sheet_hbond.range_2_label_comp_id 
_pdbx_struct_sheet_hbond.range_2_label_asym_id 
_pdbx_struct_sheet_hbond.range_2_label_seq_id 
_pdbx_struct_sheet_hbond.range_2_PDB_ins_code 
_pdbx_struct_sheet_hbond.range_2_auth_atom_id 
_pdbx_struct_sheet_hbond.range_2_auth_comp_id 
_pdbx_struct_sheet_hbond.range_2_auth_asym_id 
_pdbx_struct_sheet_hbond.range_2_auth_seq_id 
A 1 2 N ILE A 12 ? N ILE A 8  O LEU A 36 ? O LEU A 32 
A 2 3 N GLU A 34 ? N GLU A 30 O ALA A 42 ? O ALA A 38 
A 3 4 N VAL A 43 ? N VAL A 39 O GLY A 82 ? O GLY A 78 
A 4 5 O ILE A 83 ? O ILE A 79 N ILE A 75 ? N ILE A 71 
A 5 6 O ILE A 74 ? O ILE A 70 N THR A 55 ? N THR A 51 
A 6 7 O ARG A 60 ? O ARG A 56 N GLU A 19 ? N GLU A 15 
A 7 8 N VAL A 20 ? N VAL A 16 O VAL A 29 ? O VAL A 25 
B 1 2 N VAL B 20 ? N VAL B 16 O VAL B 29 ? O VAL B 25 
B 2 3 N VAL B 32 ? N VAL B 28 O LYS B 44 ? O LYS B 40 
B 3 4 N ALA B 41 ? N ALA B 37 O PHE B 84 ? O PHE B 80 
B 4 5 O ILE B 83 ? O ILE B 79 N ARG B 76 ? N ARG B 72 
B 5 6 O ILE B 74 ? O ILE B 70 N THR B 55 ? N THR B 51 
B 6 7 O ARG B 60 ? O ARG B 56 N GLU B 19 ? N GLU B 15 
# 
loop_
_pdbx_validate_close_contact.id 
_pdbx_validate_close_contact.PDB_model_num 
_pdbx_validate_close_contact.auth_atom_id_1 
_pdbx_validate_close_contact.auth_asym_id_1 
_pdbx_validate_close_contact.auth_comp_id_1 
_pdbx_validate_close_contact.auth_seq_id_1 
_pdbx_validate_close_contact.PDB_ins_code_1 
_pdbx_validate_close_contact.label_alt_id_1 
_pdbx_validate_close_contact.auth_atom_id_2 
_pdbx_validate_close_contact.auth_asym_id_2 
_pdbx_validate_close_contact.auth_comp_id_2 
_pdbx_validate_close_contact.auth_seq_id_2 
_pdbx_validate_close_contact.PDB_ins_code_2 
_pdbx_validate_close_contact.label_alt_id_2 
_pdbx_validate_close_contact.dist 
1 1 OD1 A ASN 75  ? ? O A HOH 215 ? ? 2.00 
2 1 NH2 B ARG 69  ? ? O B HOH 224 ? ? 2.00 
3 1 N   B HIS 6   ? ? O B HOH 220 ? ? 2.08 
4 1 O   A HOH 225 ? ? O A HOH 228 ? ? 2.13 
# 
loop_
_pdbx_validate_torsion.id 
_pdbx_validate_torsion.PDB_model_num 
_pdbx_validate_torsion.auth_comp_id 
_pdbx_validate_torsion.auth_asym_id 
_pdbx_validate_torsion.auth_seq_id 
_pdbx_validate_torsion.PDB_ins_code 
_pdbx_validate_torsion.label_alt_id 
_pdbx_validate_torsion.phi 
_pdbx_validate_torsion.psi 
1 1 PRO A 44 ? ? -87.69 35.69  
2 1 PRO A 50 ? ? -39.08 108.18 
3 1 ASN A 75 ? ? 46.93  123.29 
# 
loop_
_pdbx_unobs_or_zero_occ_residues.id 
_pdbx_unobs_or_zero_occ_residues.PDB_model_num 
_pdbx_unobs_or_zero_occ_residues.polymer_flag 
_pdbx_unobs_or_zero_occ_residues.occupancy_flag 
_pdbx_unobs_or_zero_occ_residues.auth_asym_id 
_pdbx_unobs_or_zero_occ_residues.auth_comp_id 
_pdbx_unobs_or_zero_occ_residues.auth_seq_id 
_pdbx_unobs_or_zero_occ_residues.PDB_ins_code 
_pdbx_unobs_or_zero_occ_residues.label_asym_id 
_pdbx_unobs_or_zero_occ_residues.label_comp_id 
_pdbx_unobs_or_zero_occ_residues.label_seq_id 
1  1 Y 1 A MET -3  ? A MET 1   
2  1 Y 1 A ARG -2  ? A ARG 2   
3  1 Y 1 A ASP -1  ? A ASP 3   
4  1 Y 1 A PRO 0   ? A PRO 4   
5  1 Y 1 A HIS 103 ? A HIS 107 
6  1 Y 1 A HIS 104 ? A HIS 108 
7  1 Y 1 A HIS 105 ? A HIS 109 
8  1 Y 1 A HIS 106 ? A HIS 110 
9  1 Y 1 A HIS 107 ? A HIS 111 
10 1 Y 1 B MET -3  ? B MET 1   
11 1 Y 1 B ARG -2  ? B ARG 2   
12 1 Y 1 B ASP -1  ? B ASP 3   
13 1 Y 1 B PRO 0   ? B PRO 4   
14 1 Y 1 B GLN 1   ? B GLN 5   
15 1 Y 1 B LYS 2   ? B LYS 6   
16 1 Y 1 B ARG 3   ? B ARG 7   
17 1 Y 1 B ASN 4   ? B ASN 8   
18 1 Y 1 B HIS 103 ? B HIS 107 
19 1 Y 1 B HIS 104 ? B HIS 108 
20 1 Y 1 B HIS 105 ? B HIS 109 
21 1 Y 1 B HIS 106 ? B HIS 110 
22 1 Y 1 B HIS 107 ? B HIS 111 
# 
loop_
_chem_comp_atom.comp_id 
_chem_comp_atom.atom_id 
_chem_comp_atom.type_symbol 
_chem_comp_atom.pdbx_aromatic_flag 
_chem_comp_atom.pdbx_stereo_config 
_chem_comp_atom.pdbx_ordinal 
ALA N    N N N 1   
ALA CA   C N S 2   
ALA C    C N N 3   
ALA O    O N N 4   
ALA CB   C N N 5   
ALA OXT  O N N 6   
ALA H    H N N 7   
ALA H2   H N N 8   
ALA HA   H N N 9   
ALA HB1  H N N 10  
ALA HB2  H N N 11  
ALA HB3  H N N 12  
ALA HXT  H N N 13  
ARG N    N N N 14  
ARG CA   C N S 15  
ARG C    C N N 16  
ARG O    O N N 17  
ARG CB   C N N 18  
ARG CG   C N N 19  
ARG CD   C N N 20  
ARG NE   N N N 21  
ARG CZ   C N N 22  
ARG NH1  N N N 23  
ARG NH2  N N N 24  
ARG OXT  O N N 25  
ARG H    H N N 26  
ARG H2   H N N 27  
ARG HA   H N N 28  
ARG HB2  H N N 29  
ARG HB3  H N N 30  
ARG HG2  H N N 31  
ARG HG3  H N N 32  
ARG HD2  H N N 33  
ARG HD3  H N N 34  
ARG HE   H N N 35  
ARG HH11 H N N 36  
ARG HH12 H N N 37  
ARG HH21 H N N 38  
ARG HH22 H N N 39  
ARG HXT  H N N 40  
ASN N    N N N 41  
ASN CA   C N S 42  
ASN C    C N N 43  
ASN O    O N N 44  
ASN CB   C N N 45  
ASN CG   C N N 46  
ASN OD1  O N N 47  
ASN ND2  N N N 48  
ASN OXT  O N N 49  
ASN H    H N N 50  
ASN H2   H N N 51  
ASN HA   H N N 52  
ASN HB2  H N N 53  
ASN HB3  H N N 54  
ASN HD21 H N N 55  
ASN HD22 H N N 56  
ASN HXT  H N N 57  
ASP N    N N N 58  
ASP CA   C N S 59  
ASP C    C N N 60  
ASP O    O N N 61  
ASP CB   C N N 62  
ASP CG   C N N 63  
ASP OD1  O N N 64  
ASP OD2  O N N 65  
ASP OXT  O N N 66  
ASP H    H N N 67  
ASP H2   H N N 68  
ASP HA   H N N 69  
ASP HB2  H N N 70  
ASP HB3  H N N 71  
ASP HD2  H N N 72  
ASP HXT  H N N 73  
GLN N    N N N 74  
GLN CA   C N S 75  
GLN C    C N N 76  
GLN O    O N N 77  
GLN CB   C N N 78  
GLN CG   C N N 79  
GLN CD   C N N 80  
GLN OE1  O N N 81  
GLN NE2  N N N 82  
GLN OXT  O N N 83  
GLN H    H N N 84  
GLN H2   H N N 85  
GLN HA   H N N 86  
GLN HB2  H N N 87  
GLN HB3  H N N 88  
GLN HG2  H N N 89  
GLN HG3  H N N 90  
GLN HE21 H N N 91  
GLN HE22 H N N 92  
GLN HXT  H N N 93  
GLU N    N N N 94  
GLU CA   C N S 95  
GLU C    C N N 96  
GLU O    O N N 97  
GLU CB   C N N 98  
GLU CG   C N N 99  
GLU CD   C N N 100 
GLU OE1  O N N 101 
GLU OE2  O N N 102 
GLU OXT  O N N 103 
GLU H    H N N 104 
GLU H2   H N N 105 
GLU HA   H N N 106 
GLU HB2  H N N 107 
GLU HB3  H N N 108 
GLU HG2  H N N 109 
GLU HG3  H N N 110 
GLU HE2  H N N 111 
GLU HXT  H N N 112 
GLY N    N N N 113 
GLY CA   C N N 114 
GLY C    C N N 115 
GLY O    O N N 116 
GLY OXT  O N N 117 
GLY H    H N N 118 
GLY H2   H N N 119 
GLY HA2  H N N 120 
GLY HA3  H N N 121 
GLY HXT  H N N 122 
HIS N    N N N 123 
HIS CA   C N S 124 
HIS C    C N N 125 
HIS O    O N N 126 
HIS CB   C N N 127 
HIS CG   C Y N 128 
HIS ND1  N Y N 129 
HIS CD2  C Y N 130 
HIS CE1  C Y N 131 
HIS NE2  N Y N 132 
HIS OXT  O N N 133 
HIS H    H N N 134 
HIS H2   H N N 135 
HIS HA   H N N 136 
HIS HB2  H N N 137 
HIS HB3  H N N 138 
HIS HD1  H N N 139 
HIS HD2  H N N 140 
HIS HE1  H N N 141 
HIS HE2  H N N 142 
HIS HXT  H N N 143 
HOH O    O N N 144 
HOH H1   H N N 145 
HOH H2   H N N 146 
ILE N    N N N 147 
ILE CA   C N S 148 
ILE C    C N N 149 
ILE O    O N N 150 
ILE CB   C N S 151 
ILE CG1  C N N 152 
ILE CG2  C N N 153 
ILE CD1  C N N 154 
ILE OXT  O N N 155 
ILE H    H N N 156 
ILE H2   H N N 157 
ILE HA   H N N 158 
ILE HB   H N N 159 
ILE HG12 H N N 160 
ILE HG13 H N N 161 
ILE HG21 H N N 162 
ILE HG22 H N N 163 
ILE HG23 H N N 164 
ILE HD11 H N N 165 
ILE HD12 H N N 166 
ILE HD13 H N N 167 
ILE HXT  H N N 168 
LEU N    N N N 169 
LEU CA   C N S 170 
LEU C    C N N 171 
LEU O    O N N 172 
LEU CB   C N N 173 
LEU CG   C N N 174 
LEU CD1  C N N 175 
LEU CD2  C N N 176 
LEU OXT  O N N 177 
LEU H    H N N 178 
LEU H2   H N N 179 
LEU HA   H N N 180 
LEU HB2  H N N 181 
LEU HB3  H N N 182 
LEU HG   H N N 183 
LEU HD11 H N N 184 
LEU HD12 H N N 185 
LEU HD13 H N N 186 
LEU HD21 H N N 187 
LEU HD22 H N N 188 
LEU HD23 H N N 189 
LEU HXT  H N N 190 
LYS N    N N N 191 
LYS CA   C N S 192 
LYS C    C N N 193 
LYS O    O N N 194 
LYS CB   C N N 195 
LYS CG   C N N 196 
LYS CD   C N N 197 
LYS CE   C N N 198 
LYS NZ   N N N 199 
LYS OXT  O N N 200 
LYS H    H N N 201 
LYS H2   H N N 202 
LYS HA   H N N 203 
LYS HB2  H N N 204 
LYS HB3  H N N 205 
LYS HG2  H N N 206 
LYS HG3  H N N 207 
LYS HD2  H N N 208 
LYS HD3  H N N 209 
LYS HE2  H N N 210 
LYS HE3  H N N 211 
LYS HZ1  H N N 212 
LYS HZ2  H N N 213 
LYS HZ3  H N N 214 
LYS HXT  H N N 215 
MET N    N N N 216 
MET CA   C N S 217 
MET C    C N N 218 
MET O    O N N 219 
MET CB   C N N 220 
MET CG   C N N 221 
MET SD   S N N 222 
MET CE   C N N 223 
MET OXT  O N N 224 
MET H    H N N 225 
MET H2   H N N 226 
MET HA   H N N 227 
MET HB2  H N N 228 
MET HB3  H N N 229 
MET HG2  H N N 230 
MET HG3  H N N 231 
MET HE1  H N N 232 
MET HE2  H N N 233 
MET HE3  H N N 234 
MET HXT  H N N 235 
PHE N    N N N 236 
PHE CA   C N S 237 
PHE C    C N N 238 
PHE O    O N N 239 
PHE CB   C N N 240 
PHE CG   C Y N 241 
PHE CD1  C Y N 242 
PHE CD2  C Y N 243 
PHE CE1  C Y N 244 
PHE CE2  C Y N 245 
PHE CZ   C Y N 246 
PHE OXT  O N N 247 
PHE H    H N N 248 
PHE H2   H N N 249 
PHE HA   H N N 250 
PHE HB2  H N N 251 
PHE HB3  H N N 252 
PHE HD1  H N N 253 
PHE HD2  H N N 254 
PHE HE1  H N N 255 
PHE HE2  H N N 256 
PHE HZ   H N N 257 
PHE HXT  H N N 258 
PRO N    N N N 259 
PRO CA   C N S 260 
PRO C    C N N 261 
PRO O    O N N 262 
PRO CB   C N N 263 
PRO CG   C N N 264 
PRO CD   C N N 265 
PRO OXT  O N N 266 
PRO H    H N N 267 
PRO HA   H N N 268 
PRO HB2  H N N 269 
PRO HB3  H N N 270 
PRO HG2  H N N 271 
PRO HG3  H N N 272 
PRO HD2  H N N 273 
PRO HD3  H N N 274 
PRO HXT  H N N 275 
SER N    N N N 276 
SER CA   C N S 277 
SER C    C N N 278 
SER O    O N N 279 
SER CB   C N N 280 
SER OG   O N N 281 
SER OXT  O N N 282 
SER H    H N N 283 
SER H2   H N N 284 
SER HA   H N N 285 
SER HB2  H N N 286 
SER HB3  H N N 287 
SER HG   H N N 288 
SER HXT  H N N 289 
THR N    N N N 290 
THR CA   C N S 291 
THR C    C N N 292 
THR O    O N N 293 
THR CB   C N R 294 
THR OG1  O N N 295 
THR CG2  C N N 296 
THR OXT  O N N 297 
THR H    H N N 298 
THR H2   H N N 299 
THR HA   H N N 300 
THR HB   H N N 301 
THR HG1  H N N 302 
THR HG21 H N N 303 
THR HG22 H N N 304 
THR HG23 H N N 305 
THR HXT  H N N 306 
TRP N    N N N 307 
TRP CA   C N S 308 
TRP C    C N N 309 
TRP O    O N N 310 
TRP CB   C N N 311 
TRP CG   C Y N 312 
TRP CD1  C Y N 313 
TRP CD2  C Y N 314 
TRP NE1  N Y N 315 
TRP CE2  C Y N 316 
TRP CE3  C Y N 317 
TRP CZ2  C Y N 318 
TRP CZ3  C Y N 319 
TRP CH2  C Y N 320 
TRP OXT  O N N 321 
TRP H    H N N 322 
TRP H2   H N N 323 
TRP HA   H N N 324 
TRP HB2  H N N 325 
TRP HB3  H N N 326 
TRP HD1  H N N 327 
TRP HE1  H N N 328 
TRP HE3  H N N 329 
TRP HZ2  H N N 330 
TRP HZ3  H N N 331 
TRP HH2  H N N 332 
TRP HXT  H N N 333 
TYR N    N N N 334 
TYR CA   C N S 335 
TYR C    C N N 336 
TYR O    O N N 337 
TYR CB   C N N 338 
TYR CG   C Y N 339 
TYR CD1  C Y N 340 
TYR CD2  C Y N 341 
TYR CE1  C Y N 342 
TYR CE2  C Y N 343 
TYR CZ   C Y N 344 
TYR OH   O N N 345 
TYR OXT  O N N 346 
TYR H    H N N 347 
TYR H2   H N N 348 
TYR HA   H N N 349 
TYR HB2  H N N 350 
TYR HB3  H N N 351 
TYR HD1  H N N 352 
TYR HD2  H N N 353 
TYR HE1  H N N 354 
TYR HE2  H N N 355 
TYR HH   H N N 356 
TYR HXT  H N N 357 
VAL N    N N N 358 
VAL CA   C N S 359 
VAL C    C N N 360 
VAL O    O N N 361 
VAL CB   C N N 362 
VAL CG1  C N N 363 
VAL CG2  C N N 364 
VAL OXT  O N N 365 
VAL H    H N N 366 
VAL H2   H N N 367 
VAL HA   H N N 368 
VAL HB   H N N 369 
VAL HG11 H N N 370 
VAL HG12 H N N 371 
VAL HG13 H N N 372 
VAL HG21 H N N 373 
VAL HG22 H N N 374 
VAL HG23 H N N 375 
VAL HXT  H N N 376 
# 
loop_
_chem_comp_bond.comp_id 
_chem_comp_bond.atom_id_1 
_chem_comp_bond.atom_id_2 
_chem_comp_bond.value_order 
_chem_comp_bond.pdbx_aromatic_flag 
_chem_comp_bond.pdbx_stereo_config 
_chem_comp_bond.pdbx_ordinal 
ALA N   CA   sing N N 1   
ALA N   H    sing N N 2   
ALA N   H2   sing N N 3   
ALA CA  C    sing N N 4   
ALA CA  CB   sing N N 5   
ALA CA  HA   sing N N 6   
ALA C   O    doub N N 7   
ALA C   OXT  sing N N 8   
ALA CB  HB1  sing N N 9   
ALA CB  HB2  sing N N 10  
ALA CB  HB3  sing N N 11  
ALA OXT HXT  sing N N 12  
ARG N   CA   sing N N 13  
ARG N   H    sing N N 14  
ARG N   H2   sing N N 15  
ARG CA  C    sing N N 16  
ARG CA  CB   sing N N 17  
ARG CA  HA   sing N N 18  
ARG C   O    doub N N 19  
ARG C   OXT  sing N N 20  
ARG CB  CG   sing N N 21  
ARG CB  HB2  sing N N 22  
ARG CB  HB3  sing N N 23  
ARG CG  CD   sing N N 24  
ARG CG  HG2  sing N N 25  
ARG CG  HG3  sing N N 26  
ARG CD  NE   sing N N 27  
ARG CD  HD2  sing N N 28  
ARG CD  HD3  sing N N 29  
ARG NE  CZ   sing N N 30  
ARG NE  HE   sing N N 31  
ARG CZ  NH1  sing N N 32  
ARG CZ  NH2  doub N N 33  
ARG NH1 HH11 sing N N 34  
ARG NH1 HH12 sing N N 35  
ARG NH2 HH21 sing N N 36  
ARG NH2 HH22 sing N N 37  
ARG OXT HXT  sing N N 38  
ASN N   CA   sing N N 39  
ASN N   H    sing N N 40  
ASN N   H2   sing N N 41  
ASN CA  C    sing N N 42  
ASN CA  CB   sing N N 43  
ASN CA  HA   sing N N 44  
ASN C   O    doub N N 45  
ASN C   OXT  sing N N 46  
ASN CB  CG   sing N N 47  
ASN CB  HB2  sing N N 48  
ASN CB  HB3  sing N N 49  
ASN CG  OD1  doub N N 50  
ASN CG  ND2  sing N N 51  
ASN ND2 HD21 sing N N 52  
ASN ND2 HD22 sing N N 53  
ASN OXT HXT  sing N N 54  
ASP N   CA   sing N N 55  
ASP N   H    sing N N 56  
ASP N   H2   sing N N 57  
ASP CA  C    sing N N 58  
ASP CA  CB   sing N N 59  
ASP CA  HA   sing N N 60  
ASP C   O    doub N N 61  
ASP C   OXT  sing N N 62  
ASP CB  CG   sing N N 63  
ASP CB  HB2  sing N N 64  
ASP CB  HB3  sing N N 65  
ASP CG  OD1  doub N N 66  
ASP CG  OD2  sing N N 67  
ASP OD2 HD2  sing N N 68  
ASP OXT HXT  sing N N 69  
GLN N   CA   sing N N 70  
GLN N   H    sing N N 71  
GLN N   H2   sing N N 72  
GLN CA  C    sing N N 73  
GLN CA  CB   sing N N 74  
GLN CA  HA   sing N N 75  
GLN C   O    doub N N 76  
GLN C   OXT  sing N N 77  
GLN CB  CG   sing N N 78  
GLN CB  HB2  sing N N 79  
GLN CB  HB3  sing N N 80  
GLN CG  CD   sing N N 81  
GLN CG  HG2  sing N N 82  
GLN CG  HG3  sing N N 83  
GLN CD  OE1  doub N N 84  
GLN CD  NE2  sing N N 85  
GLN NE2 HE21 sing N N 86  
GLN NE2 HE22 sing N N 87  
GLN OXT HXT  sing N N 88  
GLU N   CA   sing N N 89  
GLU N   H    sing N N 90  
GLU N   H2   sing N N 91  
GLU CA  C    sing N N 92  
GLU CA  CB   sing N N 93  
GLU CA  HA   sing N N 94  
GLU C   O    doub N N 95  
GLU C   OXT  sing N N 96  
GLU CB  CG   sing N N 97  
GLU CB  HB2  sing N N 98  
GLU CB  HB3  sing N N 99  
GLU CG  CD   sing N N 100 
GLU CG  HG2  sing N N 101 
GLU CG  HG3  sing N N 102 
GLU CD  OE1  doub N N 103 
GLU CD  OE2  sing N N 104 
GLU OE2 HE2  sing N N 105 
GLU OXT HXT  sing N N 106 
GLY N   CA   sing N N 107 
GLY N   H    sing N N 108 
GLY N   H2   sing N N 109 
GLY CA  C    sing N N 110 
GLY CA  HA2  sing N N 111 
GLY CA  HA3  sing N N 112 
GLY C   O    doub N N 113 
GLY C   OXT  sing N N 114 
GLY OXT HXT  sing N N 115 
HIS N   CA   sing N N 116 
HIS N   H    sing N N 117 
HIS N   H2   sing N N 118 
HIS CA  C    sing N N 119 
HIS CA  CB   sing N N 120 
HIS CA  HA   sing N N 121 
HIS C   O    doub N N 122 
HIS C   OXT  sing N N 123 
HIS CB  CG   sing N N 124 
HIS CB  HB2  sing N N 125 
HIS CB  HB3  sing N N 126 
HIS CG  ND1  sing Y N 127 
HIS CG  CD2  doub Y N 128 
HIS ND1 CE1  doub Y N 129 
HIS ND1 HD1  sing N N 130 
HIS CD2 NE2  sing Y N 131 
HIS CD2 HD2  sing N N 132 
HIS CE1 NE2  sing Y N 133 
HIS CE1 HE1  sing N N 134 
HIS NE2 HE2  sing N N 135 
HIS OXT HXT  sing N N 136 
HOH O   H1   sing N N 137 
HOH O   H2   sing N N 138 
ILE N   CA   sing N N 139 
ILE N   H    sing N N 140 
ILE N   H2   sing N N 141 
ILE CA  C    sing N N 142 
ILE CA  CB   sing N N 143 
ILE CA  HA   sing N N 144 
ILE C   O    doub N N 145 
ILE C   OXT  sing N N 146 
ILE CB  CG1  sing N N 147 
ILE CB  CG2  sing N N 148 
ILE CB  HB   sing N N 149 
ILE CG1 CD1  sing N N 150 
ILE CG1 HG12 sing N N 151 
ILE CG1 HG13 sing N N 152 
ILE CG2 HG21 sing N N 153 
ILE CG2 HG22 sing N N 154 
ILE CG2 HG23 sing N N 155 
ILE CD1 HD11 sing N N 156 
ILE CD1 HD12 sing N N 157 
ILE CD1 HD13 sing N N 158 
ILE OXT HXT  sing N N 159 
LEU N   CA   sing N N 160 
LEU N   H    sing N N 161 
LEU N   H2   sing N N 162 
LEU CA  C    sing N N 163 
LEU CA  CB   sing N N 164 
LEU CA  HA   sing N N 165 
LEU C   O    doub N N 166 
LEU C   OXT  sing N N 167 
LEU CB  CG   sing N N 168 
LEU CB  HB2  sing N N 169 
LEU CB  HB3  sing N N 170 
LEU CG  CD1  sing N N 171 
LEU CG  CD2  sing N N 172 
LEU CG  HG   sing N N 173 
LEU CD1 HD11 sing N N 174 
LEU CD1 HD12 sing N N 175 
LEU CD1 HD13 sing N N 176 
LEU CD2 HD21 sing N N 177 
LEU CD2 HD22 sing N N 178 
LEU CD2 HD23 sing N N 179 
LEU OXT HXT  sing N N 180 
LYS N   CA   sing N N 181 
LYS N   H    sing N N 182 
LYS N   H2   sing N N 183 
LYS CA  C    sing N N 184 
LYS CA  CB   sing N N 185 
LYS CA  HA   sing N N 186 
LYS C   O    doub N N 187 
LYS C   OXT  sing N N 188 
LYS CB  CG   sing N N 189 
LYS CB  HB2  sing N N 190 
LYS CB  HB3  sing N N 191 
LYS CG  CD   sing N N 192 
LYS CG  HG2  sing N N 193 
LYS CG  HG3  sing N N 194 
LYS CD  CE   sing N N 195 
LYS CD  HD2  sing N N 196 
LYS CD  HD3  sing N N 197 
LYS CE  NZ   sing N N 198 
LYS CE  HE2  sing N N 199 
LYS CE  HE3  sing N N 200 
LYS NZ  HZ1  sing N N 201 
LYS NZ  HZ2  sing N N 202 
LYS NZ  HZ3  sing N N 203 
LYS OXT HXT  sing N N 204 
MET N   CA   sing N N 205 
MET N   H    sing N N 206 
MET N   H2   sing N N 207 
MET CA  C    sing N N 208 
MET CA  CB   sing N N 209 
MET CA  HA   sing N N 210 
MET C   O    doub N N 211 
MET C   OXT  sing N N 212 
MET CB  CG   sing N N 213 
MET CB  HB2  sing N N 214 
MET CB  HB3  sing N N 215 
MET CG  SD   sing N N 216 
MET CG  HG2  sing N N 217 
MET CG  HG3  sing N N 218 
MET SD  CE   sing N N 219 
MET CE  HE1  sing N N 220 
MET CE  HE2  sing N N 221 
MET CE  HE3  sing N N 222 
MET OXT HXT  sing N N 223 
PHE N   CA   sing N N 224 
PHE N   H    sing N N 225 
PHE N   H2   sing N N 226 
PHE CA  C    sing N N 227 
PHE CA  CB   sing N N 228 
PHE CA  HA   sing N N 229 
PHE C   O    doub N N 230 
PHE C   OXT  sing N N 231 
PHE CB  CG   sing N N 232 
PHE CB  HB2  sing N N 233 
PHE CB  HB3  sing N N 234 
PHE CG  CD1  doub Y N 235 
PHE CG  CD2  sing Y N 236 
PHE CD1 CE1  sing Y N 237 
PHE CD1 HD1  sing N N 238 
PHE CD2 CE2  doub Y N 239 
PHE CD2 HD2  sing N N 240 
PHE CE1 CZ   doub Y N 241 
PHE CE1 HE1  sing N N 242 
PHE CE2 CZ   sing Y N 243 
PHE CE2 HE2  sing N N 244 
PHE CZ  HZ   sing N N 245 
PHE OXT HXT  sing N N 246 
PRO N   CA   sing N N 247 
PRO N   CD   sing N N 248 
PRO N   H    sing N N 249 
PRO CA  C    sing N N 250 
PRO CA  CB   sing N N 251 
PRO CA  HA   sing N N 252 
PRO C   O    doub N N 253 
PRO C   OXT  sing N N 254 
PRO CB  CG   sing N N 255 
PRO CB  HB2  sing N N 256 
PRO CB  HB3  sing N N 257 
PRO CG  CD   sing N N 258 
PRO CG  HG2  sing N N 259 
PRO CG  HG3  sing N N 260 
PRO CD  HD2  sing N N 261 
PRO CD  HD3  sing N N 262 
PRO OXT HXT  sing N N 263 
SER N   CA   sing N N 264 
SER N   H    sing N N 265 
SER N   H2   sing N N 266 
SER CA  C    sing N N 267 
SER CA  CB   sing N N 268 
SER CA  HA   sing N N 269 
SER C   O    doub N N 270 
SER C   OXT  sing N N 271 
SER CB  OG   sing N N 272 
SER CB  HB2  sing N N 273 
SER CB  HB3  sing N N 274 
SER OG  HG   sing N N 275 
SER OXT HXT  sing N N 276 
THR N   CA   sing N N 277 
THR N   H    sing N N 278 
THR N   H2   sing N N 279 
THR CA  C    sing N N 280 
THR CA  CB   sing N N 281 
THR CA  HA   sing N N 282 
THR C   O    doub N N 283 
THR C   OXT  sing N N 284 
THR CB  OG1  sing N N 285 
THR CB  CG2  sing N N 286 
THR CB  HB   sing N N 287 
THR OG1 HG1  sing N N 288 
THR CG2 HG21 sing N N 289 
THR CG2 HG22 sing N N 290 
THR CG2 HG23 sing N N 291 
THR OXT HXT  sing N N 292 
TRP N   CA   sing N N 293 
TRP N   H    sing N N 294 
TRP N   H2   sing N N 295 
TRP CA  C    sing N N 296 
TRP CA  CB   sing N N 297 
TRP CA  HA   sing N N 298 
TRP C   O    doub N N 299 
TRP C   OXT  sing N N 300 
TRP CB  CG   sing N N 301 
TRP CB  HB2  sing N N 302 
TRP CB  HB3  sing N N 303 
TRP CG  CD1  doub Y N 304 
TRP CG  CD2  sing Y N 305 
TRP CD1 NE1  sing Y N 306 
TRP CD1 HD1  sing N N 307 
TRP CD2 CE2  doub Y N 308 
TRP CD2 CE3  sing Y N 309 
TRP NE1 CE2  sing Y N 310 
TRP NE1 HE1  sing N N 311 
TRP CE2 CZ2  sing Y N 312 
TRP CE3 CZ3  doub Y N 313 
TRP CE3 HE3  sing N N 314 
TRP CZ2 CH2  doub Y N 315 
TRP CZ2 HZ2  sing N N 316 
TRP CZ3 CH2  sing Y N 317 
TRP CZ3 HZ3  sing N N 318 
TRP CH2 HH2  sing N N 319 
TRP OXT HXT  sing N N 320 
TYR N   CA   sing N N 321 
TYR N   H    sing N N 322 
TYR N   H2   sing N N 323 
TYR CA  C    sing N N 324 
TYR CA  CB   sing N N 325 
TYR CA  HA   sing N N 326 
TYR C   O    doub N N 327 
TYR C   OXT  sing N N 328 
TYR CB  CG   sing N N 329 
TYR CB  HB2  sing N N 330 
TYR CB  HB3  sing N N 331 
TYR CG  CD1  doub Y N 332 
TYR CG  CD2  sing Y N 333 
TYR CD1 CE1  sing Y N 334 
TYR CD1 HD1  sing N N 335 
TYR CD2 CE2  doub Y N 336 
TYR CD2 HD2  sing N N 337 
TYR CE1 CZ   doub Y N 338 
TYR CE1 HE1  sing N N 339 
TYR CE2 CZ   sing Y N 340 
TYR CE2 HE2  sing N N 341 
TYR CZ  OH   sing N N 342 
TYR OH  HH   sing N N 343 
TYR OXT HXT  sing N N 344 
VAL N   CA   sing N N 345 
VAL N   H    sing N N 346 
VAL N   H2   sing N N 347 
VAL CA  C    sing N N 348 
VAL CA  CB   sing N N 349 
VAL CA  HA   sing N N 350 
VAL C   O    doub N N 351 
VAL C   OXT  sing N N 352 
VAL CB  CG1  sing N N 353 
VAL CB  CG2  sing N N 354 
VAL CB  HB   sing N N 355 
VAL CG1 HG11 sing N N 356 
VAL CG1 HG12 sing N N 357 
VAL CG1 HG13 sing N N 358 
VAL CG2 HG21 sing N N 359 
VAL CG2 HG22 sing N N 360 
VAL CG2 HG23 sing N N 361 
VAL OXT HXT  sing N N 362 
# 
_atom_sites.entry_id                    4I86 
_atom_sites.fract_transf_matrix[1][1]   0.02441826 
_atom_sites.fract_transf_matrix[1][2]   0.00408232 
_atom_sites.fract_transf_matrix[1][3]   -0.00570954 
_atom_sites.fract_transf_matrix[2][1]   0.00458117 
_atom_sites.fract_transf_matrix[2][2]   -0.01149421 
_atom_sites.fract_transf_matrix[2][3]   0.01137415 
_atom_sites.fract_transf_matrix[3][1]   -0.00057512 
_atom_sites.fract_transf_matrix[3][2]   -0.00910579 
_atom_sites.fract_transf_matrix[3][3]   -0.00897027 
_atom_sites.fract_transf_vector[1]      0.300909 
_atom_sites.fract_transf_vector[2]      -0.011973 
_atom_sites.fract_transf_vector[3]      -0.111590 
# 
loop_
_atom_type.symbol 
C 
N 
O 
S 
# 
loop_
_atom_site.group_PDB 
_atom_site.id 
_atom_site.type_symbol 
_atom_site.label_atom_id 
_atom_site.label_alt_id 
_atom_site.label_comp_id 
_atom_site.label_asym_id 
_atom_site.label_entity_id 
_atom_site.label_seq_id 
_atom_site.pdbx_PDB_ins_code 
_atom_site.Cartn_x 
_atom_site.Cartn_y 
_atom_site.Cartn_z 
_atom_site.occupancy 
_atom_site.B_iso_or_equiv 
_atom_site.pdbx_formal_charge 
_atom_site.auth_seq_id 
_atom_site.auth_comp_id 
_atom_site.auth_asym_id 
_atom_site.auth_atom_id 
_atom_site.pdbx_PDB_model_num 
ATOM   1    N N   . GLN A 1 5   ? 10.861  -5.342  -7.277  1.00 52.73 ? 1   GLN A N   1 
ATOM   2    C CA  . GLN A 1 5   ? 11.951  -4.760  -8.051  1.00 48.39 ? 1   GLN A CA  1 
ATOM   3    C C   . GLN A 1 5   ? 12.270  -3.334  -7.584  1.00 50.94 ? 1   GLN A C   1 
ATOM   4    O O   . GLN A 1 5   ? 12.247  -3.042  -6.385  1.00 49.36 ? 1   GLN A O   1 
ATOM   5    C CB  . GLN A 1 5   ? 11.599  -4.782  -9.535  1.00 45.76 ? 1   GLN A CB  1 
ATOM   6    C CG  . GLN A 1 5   ? 10.111  -4.636  -9.804  1.00 46.66 ? 1   GLN A CG  1 
ATOM   7    C CD  . GLN A 1 5   ? 9.817   -4.370  -11.265 1.00 50.46 ? 1   GLN A CD  1 
ATOM   8    O OE1 . GLN A 1 5   ? 10.241  -3.349  -11.819 1.00 48.31 ? 1   GLN A OE1 1 
ATOM   9    N NE2 . GLN A 1 5   ? 9.103   -5.295  -11.905 1.00 43.06 ? 1   GLN A NE2 1 
ATOM   10   N N   . LYS A 1 6   ? 12.584  -2.449  -8.524  1.00 48.58 ? 2   LYS A N   1 
ATOM   11   C CA  . LYS A 1 6   ? 12.876  -1.061  -8.174  1.00 45.72 ? 2   LYS A CA  1 
ATOM   12   C C   . LYS A 1 6   ? 12.099  -0.107  -9.080  1.00 49.47 ? 2   LYS A C   1 
ATOM   13   O O   . LYS A 1 6   ? 12.040  -0.283  -10.305 1.00 39.17 ? 2   LYS A O   1 
ATOM   14   C CB  . LYS A 1 6   ? 14.382  -0.777  -8.194  1.00 49.24 ? 2   LYS A CB  1 
ATOM   15   C CG  . LYS A 1 6   ? 14.865  0.028   -6.980  1.00 51.80 ? 2   LYS A CG  1 
ATOM   16   C CD  . LYS A 1 6   ? 16.386  0.017   -6.829  1.00 55.48 ? 2   LYS A CD  1 
ATOM   17   C CE  . LYS A 1 6   ? 17.010  1.287   -7.394  1.00 53.95 ? 2   LYS A CE  1 
ATOM   18   N NZ  . LYS A 1 6   ? 18.458  1.399   -7.054  1.00 54.72 ? 2   LYS A NZ  1 
ATOM   19   N N   . ARG A 1 7   ? 11.501  0.902   -8.457  1.00 52.59 ? 3   ARG A N   1 
ATOM   20   C CA  . ARG A 1 7   ? 10.505  1.732   -9.118  1.00 51.95 ? 3   ARG A CA  1 
ATOM   21   C C   . ARG A 1 7   ? 10.777  3.224   -8.914  1.00 52.02 ? 3   ARG A C   1 
ATOM   22   O O   . ARG A 1 7   ? 10.889  3.692   -7.774  1.00 57.18 ? 3   ARG A O   1 
ATOM   23   C CB  . ARG A 1 7   ? 9.128   1.374   -8.547  1.00 50.86 ? 3   ARG A CB  1 
ATOM   24   C CG  . ARG A 1 7   ? 7.962   1.679   -9.463  1.00 50.63 ? 3   ARG A CG  1 
ATOM   25   C CD  . ARG A 1 7   ? 6.948   0.549   -9.411  1.00 46.61 ? 3   ARG A CD  1 
ATOM   26   N NE  . ARG A 1 7   ? 5.743   0.866   -10.172 1.00 42.52 ? 3   ARG A NE  1 
ATOM   27   C CZ  . ARG A 1 7   ? 4.506   0.791   -9.685  1.00 43.46 ? 3   ARG A CZ  1 
ATOM   28   N NH1 . ARG A 1 7   ? 3.466   1.102   -10.454 1.00 35.59 ? 3   ARG A NH1 1 
ATOM   29   N NH2 . ARG A 1 7   ? 4.310   0.403   -8.427  1.00 50.72 ? 3   ARG A NH2 1 
ATOM   30   N N   . ASN A 1 8   ? 10.900  3.975   -10.005 1.00 47.91 ? 4   ASN A N   1 
ATOM   31   C CA  . ASN A 1 8   ? 10.975  5.429   -9.880  1.00 49.40 ? 4   ASN A CA  1 
ATOM   32   C C   . ASN A 1 8   ? 9.561   5.976   -9.737  1.00 44.79 ? 4   ASN A C   1 
ATOM   33   O O   . ASN A 1 8   ? 8.643   5.494   -10.403 1.00 46.63 ? 4   ASN A O   1 
ATOM   34   C CB  . ASN A 1 8   ? 11.706  6.062   -11.066 1.00 46.14 ? 4   ASN A CB  1 
ATOM   35   C CG  . ASN A 1 8   ? 13.172  6.370   -10.757 1.00 49.37 ? 4   ASN A CG  1 
ATOM   36   O OD1 . ASN A 1 8   ? 13.540  6.649   -9.606  1.00 48.60 ? 4   ASN A OD1 1 
ATOM   37   N ND2 . ASN A 1 8   ? 14.014  6.322   -11.787 1.00 42.14 ? 4   ASN A ND2 1 
ATOM   38   N N   . SER A 1 9   ? 9.369   6.954   -8.857  1.00 47.68 ? 5   SER A N   1 
ATOM   39   C CA  . SER A 1 9   ? 8.015   7.433   -8.565  1.00 43.40 ? 5   SER A CA  1 
ATOM   40   C C   . SER A 1 9   ? 7.430   8.207   -9.741  1.00 44.38 ? 5   SER A C   1 
ATOM   41   O O   . SER A 1 9   ? 6.236   8.084   -10.054 1.00 37.54 ? 5   SER A O   1 
ATOM   42   C CB  . SER A 1 9   ? 7.989   8.298   -7.293  1.00 39.43 ? 5   SER A CB  1 
ATOM   43   O OG  . SER A 1 9   ? 8.721   9.502   -7.460  1.00 45.54 ? 5   SER A OG  1 
ATOM   44   N N   . HIS A 1 10  ? 8.272   8.991   -10.409 1.00 45.46 ? 6   HIS A N   1 
ATOM   45   C CA  . HIS A 1 10  ? 7.770   9.962   -11.371 1.00 40.46 ? 6   HIS A CA  1 
ATOM   46   C C   . HIS A 1 10  ? 6.696   10.794  -10.667 1.00 40.47 ? 6   HIS A C   1 
ATOM   47   O O   . HIS A 1 10  ? 5.607   11.017  -11.215 1.00 38.31 ? 6   HIS A O   1 
ATOM   48   C CB  . HIS A 1 10  ? 7.202   9.279   -12.629 1.00 39.32 ? 6   HIS A CB  1 
ATOM   49   C CG  . HIS A 1 10  ? 8.224   8.515   -13.413 1.00 42.23 ? 6   HIS A CG  1 
ATOM   50   N ND1 . HIS A 1 10  ? 8.461   7.167   -13.224 1.00 45.38 ? 6   HIS A ND1 1 
ATOM   51   C CD2 . HIS A 1 10  ? 9.103   8.919   -14.369 1.00 42.55 ? 6   HIS A CD2 1 
ATOM   52   C CE1 . HIS A 1 10  ? 9.431   6.774   -14.036 1.00 48.50 ? 6   HIS A CE1 1 
ATOM   53   N NE2 . HIS A 1 10  ? 9.835   7.810   -14.735 1.00 44.01 ? 6   HIS A NE2 1 
ATOM   54   N N   . ARG A 1 11  ? 7.008   11.239  -9.446  1.00 35.35 ? 7   ARG A N   1 
ATOM   55   C CA  . ARG A 1 11  ? 6.130   12.146  -8.694  1.00 40.07 ? 7   ARG A CA  1 
ATOM   56   C C   . ARG A 1 11  ? 5.812   13.423  -9.473  1.00 37.59 ? 7   ARG A C   1 
ATOM   57   O O   . ARG A 1 11  ? 6.681   14.269  -9.676  1.00 35.59 ? 7   ARG A O   1 
ATOM   58   C CB  . ARG A 1 11  ? 6.802   12.567  -7.390  1.00 40.66 ? 7   ARG A CB  1 
ATOM   59   C CG  . ARG A 1 11  ? 5.905   13.380  -6.469  1.00 43.05 ? 7   ARG A CG  1 
ATOM   60   C CD  . ARG A 1 11  ? 5.087   12.429  -5.630  1.00 45.91 ? 7   ARG A CD  1 
ATOM   61   N NE  . ARG A 1 11  ? 5.786   11.148  -5.555  1.00 46.36 ? 7   ARG A NE  1 
ATOM   62   C CZ  . ARG A 1 11  ? 6.461   10.716  -4.497  1.00 44.91 ? 7   ARG A CZ  1 
ATOM   63   N NH1 . ARG A 1 11  ? 6.515   11.446  -3.391  1.00 51.94 ? 7   ARG A NH1 1 
ATOM   64   N NH2 . ARG A 1 11  ? 7.066   9.538   -4.542  1.00 47.60 ? 7   ARG A NH2 1 
ATOM   65   N N   . ILE A 1 12  ? 4.562   13.582  -9.882  1.00 36.60 ? 8   ILE A N   1 
ATOM   66   C CA  . ILE A 1 12  ? 4.150   14.806  -10.559 1.00 35.19 ? 8   ILE A CA  1 
ATOM   67   C C   . ILE A 1 12  ? 3.058   15.529  -9.774  1.00 32.92 ? 8   ILE A C   1 
ATOM   68   O O   . ILE A 1 12  ? 1.912   15.068  -9.724  1.00 32.31 ? 8   ILE A O   1 
ATOM   69   C CB  . ILE A 1 12  ? 3.693   14.528  -12.026 1.00 32.87 ? 8   ILE A CB  1 
ATOM   70   C CG1 . ILE A 1 12  ? 3.012   15.747  -12.634 1.00 34.63 ? 8   ILE A CG1 1 
ATOM   71   C CG2 . ILE A 1 12  ? 2.767   13.334  -12.086 1.00 35.24 ? 8   ILE A CG2 1 
ATOM   72   C CD1 . ILE A 1 12  ? 3.934   16.943  -12.805 1.00 39.67 ? 8   ILE A CD1 1 
ATOM   73   N N   . PRO A 1 13  ? 3.422   16.651  -9.122  1.00 31.80 ? 9   PRO A N   1 
ATOM   74   C CA  . PRO A 1 13  ? 2.406   17.531  -8.525  1.00 33.58 ? 9   PRO A CA  1 
ATOM   75   C C   . PRO A 1 13  ? 1.424   18.024  -9.583  1.00 30.70 ? 9   PRO A C   1 
ATOM   76   O O   . PRO A 1 13  ? 1.838   18.569  -10.611 1.00 34.46 ? 9   PRO A O   1 
ATOM   77   C CB  . PRO A 1 13  ? 3.226   18.711  -7.978  1.00 35.57 ? 9   PRO A CB  1 
ATOM   78   C CG  . PRO A 1 13  ? 4.646   18.519  -8.507  1.00 35.72 ? 9   PRO A CG  1 
ATOM   79   C CD  . PRO A 1 13  ? 4.794   17.059  -8.758  1.00 34.07 ? 9   PRO A CD  1 
ATOM   80   N N   . ALA A 1 14  ? 0.137   17.832  -9.333  1.00 33.70 ? 10  ALA A N   1 
ATOM   81   C CA  . ALA A 1 14  ? -0.886  18.196  -10.302 1.00 31.51 ? 10  ALA A CA  1 
ATOM   82   C C   . ALA A 1 14  ? -2.238  18.280  -9.624  1.00 32.71 ? 10  ALA A C   1 
ATOM   83   O O   . ALA A 1 14  ? -2.516  17.557  -8.669  1.00 31.85 ? 10  ALA A O   1 
ATOM   84   C CB  . ALA A 1 14  ? -0.931  17.192  -11.439 1.00 35.15 ? 10  ALA A CB  1 
ATOM   85   N N   . THR A 1 15  ? -3.079  19.171  -10.133 1.00 31.52 ? 11  THR A N   1 
ATOM   86   C CA  . THR A 1 15  ? -4.388  19.391  -9.564  1.00 32.72 ? 11  THR A CA  1 
ATOM   87   C C   . THR A 1 15  ? -5.448  19.005  -10.586 1.00 35.71 ? 11  THR A C   1 
ATOM   88   O O   . THR A 1 15  ? -5.683  19.732  -11.560 1.00 37.78 ? 11  THR A O   1 
ATOM   89   C CB  . THR A 1 15  ? -4.583  20.872  -9.172  1.00 35.60 ? 11  THR A CB  1 
ATOM   90   O OG1 . THR A 1 15  ? -3.622  21.229  -8.171  1.00 33.15 ? 11  THR A OG1 1 
ATOM   91   C CG2 . THR A 1 15  ? -5.995  21.099  -8.621  1.00 33.38 ? 11  THR A CG2 1 
ATOM   92   N N   . ILE A 1 16  ? -6.085  17.856  -10.369 1.00 36.88 ? 12  ILE A N   1 
ATOM   93   C CA  . ILE A 1 16  ? -7.149  17.408  -11.258 1.00 28.92 ? 12  ILE A CA  1 
ATOM   94   C C   . ILE A 1 16  ? -8.291  16.798  -10.482 1.00 29.32 ? 12  ILE A C   1 
ATOM   95   O O   . ILE A 1 16  ? -8.072  16.070  -9.506  1.00 31.88 ? 12  ILE A O   1 
ATOM   96   C CB  . ILE A 1 16  ? -6.633  16.447  -12.373 1.00 30.66 ? 12  ILE A CB  1 
ATOM   97   C CG1 . ILE A 1 16  ? -6.202  15.098  -11.811 1.00 30.42 ? 12  ILE A CG1 1 
ATOM   98   C CG2 . ILE A 1 16  ? -5.478  17.087  -13.137 1.00 36.38 ? 12  ILE A CG2 1 
ATOM   99   C CD1 . ILE A 1 16  ? -5.874  14.096  -12.892 1.00 31.62 ? 12  ILE A CD1 1 
ATOM   100  N N   . PRO A 1 17  ? -9.526  17.112  -10.899 1.00 29.35 ? 13  PRO A N   1 
ATOM   101  C CA  . PRO A 1 17  ? -10.712 16.579  -10.232 1.00 29.62 ? 13  PRO A CA  1 
ATOM   102  C C   . PRO A 1 17  ? -10.710 15.050  -10.299 1.00 24.90 ? 13  PRO A C   1 
ATOM   103  O O   . PRO A 1 17  ? -10.365 14.458  -11.333 1.00 23.47 ? 13  PRO A O   1 
ATOM   104  C CB  . PRO A 1 17  ? -11.875 17.135  -11.074 1.00 28.62 ? 13  PRO A CB  1 
ATOM   105  C CG  . PRO A 1 17  ? -11.290 18.300  -11.804 1.00 36.44 ? 13  PRO A CG  1 
ATOM   106  C CD  . PRO A 1 17  ? -9.865  17.948  -12.064 1.00 30.96 ? 13  PRO A CD  1 
ATOM   107  N N   . VAL A 1 18  ? -11.117 14.419  -9.208  1.00 24.41 ? 14  VAL A N   1 
ATOM   108  C CA  . VAL A 1 18  ? -11.256 12.975  -9.188  1.00 25.10 ? 14  VAL A CA  1 
ATOM   109  C C   . VAL A 1 18  ? -12.477 12.605  -8.373  1.00 28.25 ? 14  VAL A C   1 
ATOM   110  O O   . VAL A 1 18  ? -12.916 13.376  -7.513  1.00 27.84 ? 14  VAL A O   1 
ATOM   111  C CB  . VAL A 1 18  ? -10.003 12.303  -8.583  1.00 22.93 ? 14  VAL A CB  1 
ATOM   112  C CG1 . VAL A 1 18  ? -8.772  12.601  -9.426  1.00 23.66 ? 14  VAL A CG1 1 
ATOM   113  C CG2 . VAL A 1 18  ? -9.788  12.777  -7.151  1.00 27.23 ? 14  VAL A CG2 1 
ATOM   114  N N   . GLU A 1 19  ? -13.028 11.424  -8.641  1.00 24.90 ? 15  GLU A N   1 
ATOM   115  C CA  . GLU A 1 19  ? -14.085 10.873  -7.807  1.00 26.99 ? 15  GLU A CA  1 
ATOM   116  C C   . GLU A 1 19  ? -13.581 9.546   -7.264  1.00 26.01 ? 15  GLU A C   1 
ATOM   117  O O   . GLU A 1 19  ? -12.885 8.807   -7.968  1.00 22.44 ? 15  GLU A O   1 
ATOM   118  C CB  . GLU A 1 19  ? -15.370 10.672  -8.619  1.00 23.39 ? 15  GLU A CB  1 
ATOM   119  C CG  . GLU A 1 19  ? -15.758 11.885  -9.454  1.00 25.00 ? 15  GLU A CG  1 
ATOM   120  C CD  . GLU A 1 19  ? -16.284 11.502  -10.828 1.00 38.83 ? 15  GLU A CD  1 
ATOM   121  O OE1 . GLU A 1 19  ? -15.980 10.376  -11.295 1.00 40.82 ? 15  GLU A OE1 1 
ATOM   122  O OE2 . GLU A 1 19  ? -17.011 12.320  -11.448 1.00 45.04 ? 15  GLU A OE2 1 
ATOM   123  N N   . VAL A 1 20  ? -13.942 9.237   -6.026  1.00 23.77 ? 16  VAL A N   1 
ATOM   124  C CA  . VAL A 1 20  ? -13.467 8.018   -5.385  1.00 25.23 ? 16  VAL A CA  1 
ATOM   125  C C   . VAL A 1 20  ? -14.615 7.281   -4.720  1.00 26.96 ? 16  VAL A C   1 
ATOM   126  O O   . VAL A 1 20  ? -15.367 7.864   -3.943  1.00 28.92 ? 16  VAL A O   1 
ATOM   127  C CB  . VAL A 1 20  ? -12.434 8.324   -4.294  1.00 23.64 ? 16  VAL A CB  1 
ATOM   128  C CG1 . VAL A 1 20  ? -11.840 7.019   -3.767  1.00 22.83 ? 16  VAL A CG1 1 
ATOM   129  C CG2 . VAL A 1 20  ? -11.360 9.264   -4.830  1.00 19.75 ? 16  VAL A CG2 1 
ATOM   130  N N   . ALA A 1 21  ? -14.738 5.997   -5.029  1.00 24.51 ? 17  ALA A N   1 
ATOM   131  C CA  . ALA A 1 21  ? -15.732 5.141   -4.415  1.00 27.24 ? 17  ALA A CA  1 
ATOM   132  C C   . ALA A 1 21  ? -15.038 3.941   -3.787  1.00 27.79 ? 17  ALA A C   1 
ATOM   133  O O   . ALA A 1 21  ? -14.087 3.415   -4.378  1.00 25.49 ? 17  ALA A O   1 
ATOM   134  C CB  . ALA A 1 21  ? -16.702 4.666   -5.465  1.00 26.24 ? 17  ALA A CB  1 
ATOM   135  N N   . ASN A 1 22  ? -15.505 3.472   -2.626  1.00 25.36 ? 18  ASN A N   1 
ATOM   136  C CA  . ASN A 1 22  ? -15.020 2.172   -2.122  1.00 26.45 ? 18  ASN A CA  1 
ATOM   137  C C   . ASN A 1 22  ? -15.636 1.027   -2.933  1.00 26.54 ? 18  ASN A C   1 
ATOM   138  O O   . ASN A 1 22  ? -16.501 1.262   -3.769  1.00 25.45 ? 18  ASN A O   1 
ATOM   139  C CB  . ASN A 1 22  ? -15.195 1.994   -0.603  1.00 30.41 ? 18  ASN A CB  1 
ATOM   140  C CG  . ASN A 1 22  ? -16.643 2.136   -0.147  1.00 36.58 ? 18  ASN A CG  1 
ATOM   141  O OD1 . ASN A 1 22  ? -17.560 2.260   -0.965  1.00 32.19 ? 18  ASN A OD1 1 
ATOM   142  N ND2 . ASN A 1 22  ? -16.856 2.095   1.176   1.00 37.93 ? 18  ASN A ND2 1 
ATOM   143  N N   . ALA A 1 23  ? -15.188 -0.203  -2.724  1.00 28.08 ? 19  ALA A N   1 
ATOM   144  C CA  . ALA A 1 23  ? -15.505 -1.275  -3.674  1.00 28.45 ? 19  ALA A CA  1 
ATOM   145  C C   . ALA A 1 23  ? -16.942 -1.756  -3.623  1.00 36.80 ? 19  ALA A C   1 
ATOM   146  O O   . ALA A 1 23  ? -17.443 -2.303  -4.615  1.00 31.56 ? 19  ALA A O   1 
ATOM   147  C CB  . ALA A 1 23  ? -14.534 -2.468  -3.527  1.00 29.84 ? 19  ALA A CB  1 
ATOM   148  N N   . ASP A 1 24  ? -17.599 -1.572  -2.478  1.00 36.35 ? 20  ASP A N   1 
ATOM   149  C CA  . ASP A 1 24  ? -19.006 -1.939  -2.375  1.00 37.63 ? 20  ASP A CA  1 
ATOM   150  C C   . ASP A 1 24  ? -19.952 -0.766  -2.635  1.00 37.11 ? 20  ASP A C   1 
ATOM   151  O O   . ASP A 1 24  ? -21.165 -0.925  -2.560  1.00 40.56 ? 20  ASP A O   1 
ATOM   152  C CB  . ASP A 1 24  ? -19.322 -2.653  -1.053  1.00 42.91 ? 20  ASP A CB  1 
ATOM   153  C CG  . ASP A 1 24  ? -19.151 -1.761  0.171   1.00 46.74 ? 20  ASP A CG  1 
ATOM   154  O OD1 . ASP A 1 24  ? -19.135 -0.516  0.045   1.00 42.39 ? 20  ASP A OD1 1 
ATOM   155  O OD2 . ASP A 1 24  ? -19.055 -2.329  1.285   1.00 54.28 ? 20  ASP A OD2 1 
ATOM   156  N N   . GLY A 1 25  ? -19.398 0.403   -2.958  1.00 33.85 ? 21  GLY A N   1 
ATOM   157  C CA  . GLY A 1 25  ? -20.214 1.549   -3.336  1.00 35.46 ? 21  GLY A CA  1 
ATOM   158  C C   . GLY A 1 25  ? -20.876 2.265   -2.171  1.00 38.45 ? 21  GLY A C   1 
ATOM   159  O O   . GLY A 1 25  ? -21.653 3.205   -2.380  1.00 39.94 ? 21  GLY A O   1 
ATOM   160  N N   . SER A 1 26  ? -20.566 1.835   -0.948  1.00 34.53 ? 22  SER A N   1 
ATOM   161  C CA  . SER A 1 26  ? -21.127 2.450   0.263   1.00 40.56 ? 22  SER A CA  1 
ATOM   162  C C   . SER A 1 26  ? -20.575 3.854   0.506   1.00 37.42 ? 22  SER A C   1 
ATOM   163  O O   . SER A 1 26  ? -21.195 4.678   1.189   1.00 36.22 ? 22  SER A O   1 
ATOM   164  C CB  . SER A 1 26  ? -20.882 1.563   1.491   1.00 40.55 ? 22  SER A CB  1 
ATOM   165  O OG  . SER A 1 26  ? -19.523 1.149   1.565   1.00 45.32 ? 22  SER A OG  1 
ATOM   166  N N   . ILE A 1 27  ? -19.406 4.134   -0.057  1.00 35.44 ? 23  ILE A N   1 
ATOM   167  C CA  . ILE A 1 27  ? -18.816 5.467   0.061   1.00 31.50 ? 23  ILE A CA  1 
ATOM   168  C C   . ILE A 1 27  ? -18.397 6.019   -1.301  1.00 32.14 ? 23  ILE A C   1 
ATOM   169  O O   . ILE A 1 27  ? -17.794 5.311   -2.117  1.00 32.72 ? 23  ILE A O   1 
ATOM   170  C CB  . ILE A 1 27  ? -17.601 5.467   1.016   1.00 34.54 ? 23  ILE A CB  1 
ATOM   171  C CG1 . ILE A 1 27  ? -18.003 4.951   2.405   1.00 34.63 ? 23  ILE A CG1 1 
ATOM   172  C CG2 . ILE A 1 27  ? -16.989 6.855   1.110   1.00 35.20 ? 23  ILE A CG2 1 
ATOM   173  C CD1 . ILE A 1 27  ? -16.820 4.694   3.337   1.00 40.56 ? 23  ILE A CD1 1 
ATOM   174  N N   . ILE A 1 28  ? -18.727 7.285   -1.535  1.00 27.08 ? 24  ILE A N   1 
ATOM   175  C CA  . ILE A 1 28  ? -18.367 7.989   -2.759  1.00 32.14 ? 24  ILE A CA  1 
ATOM   176  C C   . ILE A 1 28  ? -18.076 9.447   -2.447  1.00 36.44 ? 24  ILE A C   1 
ATOM   177  O O   . ILE A 1 28  ? -18.930 10.148  -1.886  1.00 36.88 ? 24  ILE A O   1 
ATOM   178  C CB  . ILE A 1 28  ? -19.501 7.975   -3.792  1.00 31.47 ? 24  ILE A CB  1 
ATOM   179  C CG1 . ILE A 1 28  ? -19.852 6.543   -4.207  1.00 27.37 ? 24  ILE A CG1 1 
ATOM   180  C CG2 . ILE A 1 28  ? -19.124 8.832   -5.003  1.00 29.41 ? 24  ILE A CG2 1 
ATOM   181  C CD1 . ILE A 1 28  ? -20.900 6.503   -5.288  1.00 33.58 ? 24  ILE A CD1 1 
ATOM   182  N N   . VAL A 1 29  ? -16.879 9.909   -2.811  1.00 30.92 ? 25  VAL A N   1 
ATOM   183  C CA  . VAL A 1 29  ? -16.518 11.300  -2.560  1.00 32.37 ? 25  VAL A CA  1 
ATOM   184  C C   . VAL A 1 29  ? -15.830 11.893  -3.765  1.00 30.72 ? 25  VAL A C   1 
ATOM   185  O O   . VAL A 1 29  ? -15.418 11.171  -4.675  1.00 29.58 ? 25  VAL A O   1 
ATOM   186  C CB  . VAL A 1 29  ? -15.598 11.455  -1.318  1.00 35.32 ? 25  VAL A CB  1 
ATOM   187  C CG1 . VAL A 1 29  ? -16.211 10.761  -0.104  1.00 31.92 ? 25  VAL A CG1 1 
ATOM   188  C CG2 . VAL A 1 29  ? -14.212 10.881  -1.614  1.00 35.17 ? 25  VAL A CG2 1 
ATOM   189  N N   . THR A 1 30  ? -15.705 13.215  -3.756  1.00 31.93 ? 26  THR A N   1 
ATOM   190  C CA  . THR A 1 30  ? -15.063 13.958  -4.826  1.00 33.04 ? 26  THR A CA  1 
ATOM   191  C C   . THR A 1 30  ? -13.896 14.732  -4.214  1.00 34.02 ? 26  THR A C   1 
ATOM   192  O O   . THR A 1 30  ? -13.860 14.920  -3.000  1.00 36.87 ? 26  THR A O   1 
ATOM   193  C CB  . THR A 1 30  ? -16.089 14.911  -5.492  1.00 33.79 ? 26  THR A CB  1 
ATOM   194  O OG1 . THR A 1 30  ? -17.175 14.129  -6.017  1.00 39.92 ? 26  THR A OG1 1 
ATOM   195  C CG2 . THR A 1 30  ? -15.458 15.692  -6.625  1.00 35.41 ? 26  THR A CG2 1 
ATOM   196  N N   . GLY A 1 31  ? -12.945 15.167  -5.042  1.00 31.68 ? 27  GLY A N   1 
ATOM   197  C CA  . GLY A 1 31  ? -11.755 15.856  -4.562  1.00 31.57 ? 27  GLY A CA  1 
ATOM   198  C C   . GLY A 1 31  ? -10.886 16.332  -5.707  1.00 31.36 ? 27  GLY A C   1 
ATOM   199  O O   . GLY A 1 31  ? -11.296 16.233  -6.864  1.00 29.39 ? 27  GLY A O   1 
ATOM   200  N N   . VAL A 1 32  ? -9.707  16.885  -5.400  1.00 31.39 ? 28  VAL A N   1 
ATOM   201  C CA  . VAL A 1 32  ? -8.716  17.163  -6.429  1.00 28.91 ? 28  VAL A CA  1 
ATOM   202  C C   . VAL A 1 32  ? -7.388  16.542  -6.039  1.00 32.96 ? 28  VAL A C   1 
ATOM   203  O O   . VAL A 1 32  ? -7.081  16.393  -4.852  1.00 33.97 ? 28  VAL A O   1 
ATOM   204  C CB  . VAL A 1 32  ? -8.508  18.685  -6.704  1.00 38.00 ? 28  VAL A CB  1 
ATOM   205  C CG1 . VAL A 1 32  ? -9.744  19.303  -7.345  1.00 37.43 ? 28  VAL A CG1 1 
ATOM   206  C CG2 . VAL A 1 32  ? -8.123  19.419  -5.423  1.00 36.90 ? 28  VAL A CG2 1 
ATOM   207  N N   . THR A 1 33  ? -6.589  16.194  -7.038  1.00 30.30 ? 29  THR A N   1 
ATOM   208  C CA  . THR A 1 33  ? -5.306  15.567  -6.765  1.00 33.71 ? 29  THR A CA  1 
ATOM   209  C C   . THR A 1 33  ? -4.310  16.596  -6.241  1.00 35.60 ? 29  THR A C   1 
ATOM   210  O O   . THR A 1 33  ? -4.467  17.798  -6.471  1.00 31.47 ? 29  THR A O   1 
ATOM   211  C CB  . THR A 1 33  ? -4.732  14.905  -8.017  1.00 27.90 ? 29  THR A CB  1 
ATOM   212  O OG1 . THR A 1 33  ? -4.483  15.911  -9.015  1.00 27.70 ? 29  THR A OG1 1 
ATOM   213  C CG2 . THR A 1 33  ? -5.717  13.867  -8.547  1.00 25.98 ? 29  THR A CG2 1 
ATOM   214  N N   . GLU A 1 34  ? -3.281  16.111  -5.553  1.00 34.33 ? 30  GLU A N   1 
ATOM   215  C CA  . GLU A 1 34  ? -2.166  16.960  -5.142  1.00 34.75 ? 30  GLU A CA  1 
ATOM   216  C C   . GLU A 1 34  ? -0.908  16.514  -5.880  1.00 33.13 ? 30  GLU A C   1 
ATOM   217  O O   . GLU A 1 34  ? -0.166  17.325  -6.441  1.00 32.14 ? 30  GLU A O   1 
ATOM   218  C CB  . GLU A 1 34  ? -1.971  16.866  -3.629  1.00 36.11 ? 30  GLU A CB  1 
ATOM   219  C CG  . GLU A 1 34  ? -3.143  17.425  -2.833  1.00 38.69 ? 30  GLU A CG  1 
ATOM   220  C CD  . GLU A 1 34  ? -3.035  17.121  -1.354  1.00 43.20 ? 30  GLU A CD  1 
ATOM   221  O OE1 . GLU A 1 34  ? -1.930  16.735  -0.915  1.00 50.62 ? 30  GLU A OE1 1 
ATOM   222  O OE2 . GLU A 1 34  ? -4.051  17.254  -0.637  1.00 49.32 ? 30  GLU A OE2 1 
ATOM   223  N N   . ASP A 1 35  ? -0.679  15.207  -5.896  1.00 30.36 ? 31  ASP A N   1 
ATOM   224  C CA  . ASP A 1 35  ? 0.404   14.659  -6.689  1.00 29.59 ? 31  ASP A CA  1 
ATOM   225  C C   . ASP A 1 35  ? 0.022   13.267  -7.157  1.00 31.37 ? 31  ASP A C   1 
ATOM   226  O O   . ASP A 1 35  ? -0.835  12.611  -6.557  1.00 31.36 ? 31  ASP A O   1 
ATOM   227  C CB  . ASP A 1 35  ? 1.682   14.583  -5.871  1.00 31.70 ? 31  ASP A CB  1 
ATOM   228  C CG  . ASP A 1 35  ? 1.606   13.522  -4.795  1.00 36.27 ? 31  ASP A CG  1 
ATOM   229  O OD1 . ASP A 1 35  ? 1.291   13.885  -3.648  1.00 35.95 ? 31  ASP A OD1 1 
ATOM   230  O OD2 . ASP A 1 35  ? 1.839   12.326  -5.095  1.00 40.63 ? 31  ASP A OD2 1 
ATOM   231  N N   . LEU A 1 36  ? 0.654   12.828  -8.236  1.00 28.79 ? 32  LEU A N   1 
ATOM   232  C CA  . LEU A 1 36  ? 0.442   11.491  -8.764  1.00 27.06 ? 32  LEU A CA  1 
ATOM   233  C C   . LEU A 1 36  ? 1.818   10.906  -8.978  1.00 26.12 ? 32  LEU A C   1 
ATOM   234  O O   . LEU A 1 36  ? 2.753   11.629  -9.277  1.00 26.82 ? 32  LEU A O   1 
ATOM   235  C CB  . LEU A 1 36  ? -0.319  11.550  -10.094 1.00 27.46 ? 32  LEU A CB  1 
ATOM   236  C CG  . LEU A 1 36  ? -1.774  12.008  -9.944  1.00 28.45 ? 32  LEU A CG  1 
ATOM   237  C CD1 . LEU A 1 36  ? -2.377  12.382  -11.268 1.00 34.28 ? 32  LEU A CD1 1 
ATOM   238  C CD2 . LEU A 1 36  ? -2.593  10.916  -9.317  1.00 25.07 ? 32  LEU A CD2 1 
ATOM   239  N N   . SER A 1 37  ? 1.947   9.598   -8.800  1.00 24.38 ? 33  SER A N   1 
ATOM   240  C CA  . SER A 1 37  ? 3.196   8.917   -9.094  1.00 26.81 ? 33  SER A CA  1 
ATOM   241  C C   . SER A 1 37  ? 2.876   7.551   -9.674  1.00 25.72 ? 33  SER A C   1 
ATOM   242  O O   . SER A 1 37  ? 1.704   7.139   -9.716  1.00 22.55 ? 33  SER A O   1 
ATOM   243  C CB  . SER A 1 37  ? 4.029   8.752   -7.818  1.00 27.90 ? 33  SER A CB  1 
ATOM   244  O OG  . SER A 1 37  ? 3.263   8.076   -6.840  1.00 26.69 ? 33  SER A OG  1 
ATOM   245  N N   . MET A 1 38  ? 3.911   6.843   -10.110 1.00 24.46 ? 34  MET A N   1 
ATOM   246  C CA  . MET A 1 38  ? 3.747   5.452   -10.508 1.00 26.59 ? 34  MET A CA  1 
ATOM   247  C C   . MET A 1 38  ? 3.285   4.585   -9.323  1.00 25.77 ? 34  MET A C   1 
ATOM   248  O O   . MET A 1 38  ? 2.753   3.496   -9.515  1.00 24.14 ? 34  MET A O   1 
ATOM   249  C CB  . MET A 1 38  ? 5.049   4.906   -11.104 1.00 30.59 ? 34  MET A CB  1 
ATOM   250  C CG  . MET A 1 38  ? 5.352   5.411   -12.515 1.00 25.90 ? 34  MET A CG  1 
ATOM   251  S SD  . MET A 1 38  ? 4.011   5.198   -13.708 1.00 23.97 ? 34  MET A SD  1 
ATOM   252  C CE  . MET A 1 38  ? 3.690   3.422   -13.610 1.00 23.34 ? 34  MET A CE  1 
ATOM   253  N N   . GLY A 1 39  ? 3.479   5.072   -8.099  1.00 23.41 ? 35  GLY A N   1 
ATOM   254  C CA  . GLY A 1 39  ? 3.098   4.308   -6.918  1.00 27.38 ? 35  GLY A CA  1 
ATOM   255  C C   . GLY A 1 39  ? 1.648   4.532   -6.486  1.00 22.81 ? 35  GLY A C   1 
ATOM   256  O O   . GLY A 1 39  ? 0.962   3.612   -6.035  1.00 20.22 ? 35  GLY A O   1 
ATOM   257  N N   . GLY A 1 40  ? 1.183   5.765   -6.618  1.00 21.82 ? 36  GLY A N   1 
ATOM   258  C CA  . GLY A 1 40  ? -0.165  6.111   -6.207  1.00 21.15 ? 36  GLY A CA  1 
ATOM   259  C C   . GLY A 1 40  ? -0.528  7.573   -6.347  1.00 24.61 ? 36  GLY A C   1 
ATOM   260  O O   . GLY A 1 40  ? -0.061  8.278   -7.261  1.00 22.97 ? 36  GLY A O   1 
ATOM   261  N N   . ALA A 1 41  ? -1.395  8.026   -5.445  1.00 23.58 ? 37  ALA A N   1 
ATOM   262  C CA  . ALA A 1 41  ? -1.932  9.382   -5.523  1.00 28.40 ? 37  ALA A CA  1 
ATOM   263  C C   . ALA A 1 41  ? -2.041  10.028  -4.152  1.00 24.87 ? 37  ALA A C   1 
ATOM   264  O O   . ALA A 1 41  ? -2.243  9.348   -3.152  1.00 27.82 ? 37  ALA A O   1 
ATOM   265  C CB  . ALA A 1 41  ? -3.300  9.364   -6.196  1.00 27.48 ? 37  ALA A CB  1 
ATOM   266  N N   . ALA A 1 42  ? -1.909  11.347  -4.112  1.00 28.99 ? 38  ALA A N   1 
ATOM   267  C CA  . ALA A 1 42  ? -2.306  12.106  -2.927  1.00 34.03 ? 38  ALA A CA  1 
ATOM   268  C C   . ALA A 1 42  ? -3.437  13.024  -3.349  1.00 27.95 ? 38  ALA A C   1 
ATOM   269  O O   . ALA A 1 42  ? -3.300  13.772  -4.318  1.00 27.33 ? 38  ALA A O   1 
ATOM   270  C CB  . ALA A 1 42  ? -1.131  12.913  -2.361  1.00 30.61 ? 38  ALA A CB  1 
ATOM   271  N N   . VAL A 1 43  ? -4.553  12.962  -2.630  1.00 30.59 ? 39  VAL A N   1 
ATOM   272  C CA  . VAL A 1 43  ? -5.745  13.708  -3.038  1.00 31.93 ? 39  VAL A CA  1 
ATOM   273  C C   . VAL A 1 43  ? -6.312  14.617  -1.943  1.00 35.98 ? 39  VAL A C   1 
ATOM   274  O O   . VAL A 1 43  ? -6.461  14.200  -0.786  1.00 30.77 ? 39  VAL A O   1 
ATOM   275  C CB  . VAL A 1 43  ? -6.876  12.758  -3.482  1.00 31.76 ? 39  VAL A CB  1 
ATOM   276  C CG1 . VAL A 1 43  ? -8.061  13.557  -4.055  1.00 29.70 ? 39  VAL A CG1 1 
ATOM   277  C CG2 . VAL A 1 43  ? -6.357  11.729  -4.503  1.00 24.47 ? 39  VAL A CG2 1 
ATOM   278  N N   . LYS A 1 44  ? -6.640  15.857  -2.307  1.00 33.83 ? 40  LYS A N   1 
ATOM   279  C CA  . LYS A 1 44  ? -7.369  16.726  -1.379  1.00 37.81 ? 40  LYS A CA  1 
ATOM   280  C C   . LYS A 1 44  ? -8.822  16.267  -1.321  1.00 40.92 ? 40  LYS A C   1 
ATOM   281  O O   . LYS A 1 44  ? -9.575  16.399  -2.293  1.00 37.02 ? 40  LYS A O   1 
ATOM   282  C CB  . LYS A 1 44  ? -7.292  18.193  -1.795  1.00 40.70 ? 40  LYS A CB  1 
ATOM   283  C CG  . LYS A 1 44  ? -7.808  19.166  -0.727  1.00 48.15 ? 40  LYS A CG  1 
ATOM   284  C CD  . LYS A 1 44  ? -7.667  20.620  -1.198  1.00 48.34 ? 40  LYS A CD  1 
ATOM   285  C CE  . LYS A 1 44  ? -8.695  21.535  -0.537  1.00 48.06 ? 40  LYS A CE  1 
ATOM   286  N NZ  . LYS A 1 44  ? -8.708  22.895  -1.165  1.00 54.31 ? 40  LYS A NZ  1 
ATOM   287  N N   . MET A 1 45  ? -9.215  15.711  -0.182  1.00 37.90 ? 41  MET A N   1 
ATOM   288  C CA  . MET A 1 45  ? -10.518 15.083  -0.071  1.00 39.36 ? 41  MET A CA  1 
ATOM   289  C C   . MET A 1 45  ? -10.834 14.767  1.383   1.00 44.62 ? 41  MET A C   1 
ATOM   290  O O   . MET A 1 45  ? -9.935  14.747  2.225   1.00 47.79 ? 41  MET A O   1 
ATOM   291  C CB  . MET A 1 45  ? -10.538 13.785  -0.887  1.00 36.93 ? 41  MET A CB  1 
ATOM   292  C CG  . MET A 1 45  ? -9.518  12.753  -0.423  1.00 34.28 ? 41  MET A CG  1 
ATOM   293  S SD  . MET A 1 45  ? -9.794  11.123  -1.148  1.00 35.52 ? 41  MET A SD  1 
ATOM   294  C CE  . MET A 1 45  ? -10.548 10.250  0.221   1.00 36.40 ? 41  MET A CE  1 
ATOM   295  N N   . SER A 1 46  ? -12.106 14.500  1.667   1.00 43.68 ? 42  SER A N   1 
ATOM   296  C CA  . SER A 1 46  ? -12.529 14.123  3.012   1.00 48.96 ? 42  SER A CA  1 
ATOM   297  C C   . SER A 1 46  ? -13.239 12.774  3.017   1.00 47.79 ? 42  SER A C   1 
ATOM   298  O O   . SER A 1 46  ? -14.357 12.647  2.509   1.00 56.25 ? 42  SER A O   1 
ATOM   299  C CB  . SER A 1 46  ? -13.424 15.209  3.623   1.00 54.31 ? 42  SER A CB  1 
ATOM   300  O OG  . SER A 1 46  ? -12.791 16.485  3.558   1.00 56.54 ? 42  SER A OG  1 
ATOM   301  N N   . TRP A 1 47  ? -12.576 11.772  3.594   1.00 47.54 ? 43  TRP A N   1 
ATOM   302  C CA  . TRP A 1 47  ? -13.102 10.409  3.707   1.00 46.90 ? 43  TRP A CA  1 
ATOM   303  C C   . TRP A 1 47  ? -13.956 10.271  4.974   1.00 52.19 ? 43  TRP A C   1 
ATOM   304  O O   . TRP A 1 47  ? -13.478 10.542  6.080   1.00 50.94 ? 43  TRP A O   1 
ATOM   305  C CB  . TRP A 1 47  ? -11.931 9.415   3.732   1.00 44.46 ? 43  TRP A CB  1 
ATOM   306  C CG  . TRP A 1 47  ? -12.280 7.968   3.473   1.00 41.82 ? 43  TRP A CG  1 
ATOM   307  C CD1 . TRP A 1 47  ? -12.235 6.941   4.371   1.00 42.31 ? 43  TRP A CD1 1 
ATOM   308  C CD2 . TRP A 1 47  ? -12.704 7.390   2.224   1.00 37.64 ? 43  TRP A CD2 1 
ATOM   309  N NE1 . TRP A 1 47  ? -12.614 5.763   3.766   1.00 40.69 ? 43  TRP A NE1 1 
ATOM   310  C CE2 . TRP A 1 47  ? -12.901 6.011   2.449   1.00 37.94 ? 43  TRP A CE2 1 
ATOM   311  C CE3 . TRP A 1 47  ? -12.933 7.905   0.943   1.00 37.74 ? 43  TRP A CE3 1 
ATOM   312  C CZ2 . TRP A 1 47  ? -13.318 5.140   1.437   1.00 35.42 ? 43  TRP A CZ2 1 
ATOM   313  C CZ3 . TRP A 1 47  ? -13.350 7.041   -0.058  1.00 33.04 ? 43  TRP A CZ3 1 
ATOM   314  C CH2 . TRP A 1 47  ? -13.535 5.676   0.194   1.00 32.31 ? 43  TRP A CH2 1 
ATOM   315  N N   . PRO A 1 48  ? -15.222 9.838   4.814   1.00 53.35 ? 44  PRO A N   1 
ATOM   316  C CA  . PRO A 1 48  ? -16.229 9.842   5.888   1.00 53.34 ? 44  PRO A CA  1 
ATOM   317  C C   . PRO A 1 48  ? -16.242 8.590   6.762   1.00 55.76 ? 44  PRO A C   1 
ATOM   318  O O   . PRO A 1 48  ? -17.314 8.155   7.181   1.00 61.50 ? 44  PRO A O   1 
ATOM   319  C CB  . PRO A 1 48  ? -17.546 9.905   5.112   1.00 51.43 ? 44  PRO A CB  1 
ATOM   320  C CG  . PRO A 1 48  ? -17.246 9.101   3.876   1.00 48.30 ? 44  PRO A CG  1 
ATOM   321  C CD  . PRO A 1 48  ? -15.804 9.428   3.521   1.00 47.34 ? 44  PRO A CD  1 
ATOM   322  N N   . ALA A 1 49  ? -15.083 8.010   7.025   1.00 54.06 ? 45  ALA A N   1 
ATOM   323  C CA  . ALA A 1 49  ? -15.009 6.884   7.940   1.00 59.99 ? 45  ALA A CA  1 
ATOM   324  C C   . ALA A 1 49  ? -13.585 6.736   8.429   1.00 59.51 ? 45  ALA A C   1 
ATOM   325  O O   . ALA A 1 49  ? -12.662 7.312   7.853   1.00 59.63 ? 45  ALA A O   1 
ATOM   326  C CB  . ALA A 1 49  ? -15.482 5.608   7.259   1.00 57.55 ? 45  ALA A CB  1 
ATOM   327  N N   . LYS A 1 50  ? -13.412 5.978   9.505   1.00 61.35 ? 46  LYS A N   1 
ATOM   328  C CA  . LYS A 1 50  ? -12.077 5.687   9.988   1.00 59.95 ? 46  LYS A CA  1 
ATOM   329  C C   . LYS A 1 50  ? -11.538 4.479   9.255   1.00 57.96 ? 46  LYS A C   1 
ATOM   330  O O   . LYS A 1 50  ? -12.228 3.468   9.099   1.00 56.52 ? 46  LYS A O   1 
ATOM   331  C CB  . LYS A 1 50  ? -12.051 5.473   11.503  1.00 60.60 ? 46  LYS A CB  1 
ATOM   332  C CG  . LYS A 1 50  ? -11.857 6.771   12.268  1.00 61.45 ? 46  LYS A CG  1 
ATOM   333  C CD  . LYS A 1 50  ? -10.715 7.572   11.646  1.00 66.24 ? 46  LYS A CD  1 
ATOM   334  C CE  . LYS A 1 50  ? -10.348 8.790   12.484  1.00 68.01 ? 46  LYS A CE  1 
ATOM   335  N NZ  . LYS A 1 50  ? -9.207  9.541   11.881  1.00 62.89 ? 46  LYS A NZ  1 
ATOM   336  N N   . LEU A 1 51  ? -10.308 4.608   8.779   1.00 57.78 ? 47  LEU A N   1 
ATOM   337  C CA  . LEU A 1 51  ? -9.673  3.537   8.039   1.00 56.33 ? 47  LEU A CA  1 
ATOM   338  C C   . LEU A 1 51  ? -9.185  2.460   8.995   1.00 55.93 ? 47  LEU A C   1 
ATOM   339  O O   . LEU A 1 51  ? -8.361  2.739   9.870   1.00 57.48 ? 47  LEU A O   1 
ATOM   340  C CB  . LEU A 1 51  ? -8.475  4.086   7.262   1.00 48.65 ? 47  LEU A CB  1 
ATOM   341  C CG  . LEU A 1 51  ? -8.490  3.965   5.743   1.00 51.11 ? 47  LEU A CG  1 
ATOM   342  C CD1 . LEU A 1 51  ? -9.779  3.301   5.266   1.00 50.76 ? 47  LEU A CD1 1 
ATOM   343  C CD2 . LEU A 1 51  ? -8.314  5.339   5.115   1.00 47.13 ? 47  LEU A CD2 1 
ATOM   344  N N   . SER A 1 52  ? -9.683  1.237   8.845   1.00 52.58 ? 48  SER A N   1 
ATOM   345  C CA  . SER A 1 52  ? -8.994  0.106   9.458   1.00 56.78 ? 48  SER A CA  1 
ATOM   346  C C   . SER A 1 52  ? -7.568  0.111   8.912   1.00 61.66 ? 48  SER A C   1 
ATOM   347  O O   . SER A 1 52  ? -6.588  0.162   9.664   1.00 61.22 ? 48  SER A O   1 
ATOM   348  C CB  . SER A 1 52  ? -9.664  -1.216  9.089   1.00 61.46 ? 48  SER A CB  1 
ATOM   349  O OG  . SER A 1 52  ? -8.687  -2.246  8.965   1.00 64.01 ? 48  SER A OG  1 
ATOM   350  N N   . GLY A 1 53  ? -7.475  0.070   7.586   1.00 55.04 ? 49  GLY A N   1 
ATOM   351  C CA  . GLY A 1 53  ? -6.207  0.108   6.880   1.00 53.90 ? 49  GLY A CA  1 
ATOM   352  C C   . GLY A 1 53  ? -6.459  0.113   5.385   1.00 49.63 ? 49  GLY A C   1 
ATOM   353  O O   . GLY A 1 53  ? -7.543  0.504   4.944   1.00 50.76 ? 49  GLY A O   1 
ATOM   354  N N   . PRO A 1 54  ? -5.463  -0.325  4.595   1.00 51.89 ? 50  PRO A N   1 
ATOM   355  C CA  . PRO A 1 54  ? -5.571  -0.416  3.126   1.00 44.42 ? 50  PRO A CA  1 
ATOM   356  C C   . PRO A 1 54  ? -6.951  -0.904  2.637   1.00 40.30 ? 50  PRO A C   1 
ATOM   357  O O   . PRO A 1 54  ? -7.288  -2.082  2.777   1.00 45.53 ? 50  PRO A O   1 
ATOM   358  C CB  . PRO A 1 54  ? -4.474  -1.420  2.770   1.00 43.90 ? 50  PRO A CB  1 
ATOM   359  C CG  . PRO A 1 54  ? -3.399  -1.152  3.818   1.00 46.73 ? 50  PRO A CG  1 
ATOM   360  C CD  . PRO A 1 54  ? -4.130  -0.736  5.086   1.00 44.99 ? 50  PRO A CD  1 
ATOM   361  N N   . THR A 1 55  ? -7.732  0.005   2.056   1.00 39.49 ? 51  THR A N   1 
ATOM   362  C CA  . THR A 1 55  ? -9.123  -0.264  1.681   1.00 38.40 ? 51  THR A CA  1 
ATOM   363  C C   . THR A 1 55  ? -9.337  -0.045  0.186   1.00 29.62 ? 51  THR A C   1 
ATOM   364  O O   . THR A 1 55  ? -9.104  1.052   -0.306  1.00 29.35 ? 51  THR A O   1 
ATOM   365  C CB  . THR A 1 55  ? -10.086 0.669   2.462   1.00 41.00 ? 51  THR A CB  1 
ATOM   366  O OG1 . THR A 1 55  ? -10.094 0.292   3.842   1.00 49.27 ? 51  THR A OG1 1 
ATOM   367  C CG2 . THR A 1 55  ? -11.506 0.598   1.904   1.00 35.97 ? 51  THR A CG2 1 
ATOM   368  N N   . PRO A 1 56  ? -9.793  -1.089  -0.531  1.00 29.82 ? 52  PRO A N   1 
ATOM   369  C CA  . PRO A 1 56  ? -9.924  -1.043  -1.992  1.00 30.33 ? 52  PRO A CA  1 
ATOM   370  C C   . PRO A 1 56  ? -10.985 -0.069  -2.487  1.00 30.91 ? 52  PRO A C   1 
ATOM   371  O O   . PRO A 1 56  ? -12.122 -0.040  -1.991  1.00 29.57 ? 52  PRO A O   1 
ATOM   372  C CB  . PRO A 1 56  ? -10.281 -2.487  -2.381  1.00 28.28 ? 52  PRO A CB  1 
ATOM   373  C CG  . PRO A 1 56  ? -10.715 -3.146  -1.135  1.00 33.84 ? 52  PRO A CG  1 
ATOM   374  C CD  . PRO A 1 56  ? -10.053 -2.434  0.008   1.00 33.70 ? 52  PRO A CD  1 
ATOM   375  N N   . VAL A 1 57  ? -10.585 0.732   -3.470  1.00 26.25 ? 53  VAL A N   1 
ATOM   376  C CA  . VAL A 1 57  ? -11.440 1.774   -4.050  1.00 23.43 ? 53  VAL A CA  1 
ATOM   377  C C   . VAL A 1 57  ? -11.243 1.830   -5.564  1.00 25.38 ? 53  VAL A C   1 
ATOM   378  O O   . VAL A 1 57  ? -10.371 1.143   -6.120  1.00 22.49 ? 53  VAL A O   1 
ATOM   379  C CB  . VAL A 1 57  ? -11.109 3.183   -3.487  1.00 24.09 ? 53  VAL A CB  1 
ATOM   380  C CG1 . VAL A 1 57  ? -11.191 3.214   -1.949  1.00 25.25 ? 53  VAL A CG1 1 
ATOM   381  C CG2 . VAL A 1 57  ? -9.736  3.658   -3.972  1.00 23.96 ? 53  VAL A CG2 1 
ATOM   382  N N   . TYR A 1 58  ? -12.071 2.634   -6.224  1.00 19.15 ? 54  TYR A N   1 
ATOM   383  C CA  . TYR A 1 58  ? -11.875 2.968   -7.618  1.00 20.12 ? 54  TYR A CA  1 
ATOM   384  C C   . TYR A 1 58  ? -11.730 4.468   -7.671  1.00 22.84 ? 54  TYR A C   1 
ATOM   385  O O   . TYR A 1 58  ? -12.469 5.188   -6.989  1.00 22.34 ? 54  TYR A O   1 
ATOM   386  C CB  . TYR A 1 58  ? -13.059 2.494   -8.486  1.00 22.94 ? 54  TYR A CB  1 
ATOM   387  C CG  . TYR A 1 58  ? -13.240 0.990   -8.493  1.00 24.08 ? 54  TYR A CG  1 
ATOM   388  C CD1 . TYR A 1 58  ? -12.335 0.174   -9.151  1.00 22.45 ? 54  TYR A CD1 1 
ATOM   389  C CD2 . TYR A 1 58  ? -14.310 0.386   -7.839  1.00 24.41 ? 54  TYR A CD2 1 
ATOM   390  C CE1 . TYR A 1 58  ? -12.484 -1.202  -9.164  1.00 23.13 ? 54  TYR A CE1 1 
ATOM   391  C CE2 . TYR A 1 58  ? -14.467 -1.009  -7.850  1.00 22.48 ? 54  TYR A CE2 1 
ATOM   392  C CZ  . TYR A 1 58  ? -13.550 -1.786  -8.516  1.00 23.61 ? 54  TYR A CZ  1 
ATOM   393  O OH  . TYR A 1 58  ? -13.680 -3.157  -8.545  1.00 27.57 ? 54  TYR A OH  1 
ATOM   394  N N   . ILE A 1 59  ? -10.758 4.936   -8.453  1.00 20.15 ? 55  ILE A N   1 
ATOM   395  C CA  . ILE A 1 59  ? -10.556 6.358   -8.662  1.00 19.96 ? 55  ILE A CA  1 
ATOM   396  C C   . ILE A 1 59  ? -10.887 6.689   -10.115 1.00 22.39 ? 55  ILE A C   1 
ATOM   397  O O   . ILE A 1 59  ? -10.437 6.008   -11.036 1.00 18.67 ? 55  ILE A O   1 
ATOM   398  C CB  . ILE A 1 59  ? -9.106  6.777   -8.337  1.00 22.25 ? 55  ILE A CB  1 
ATOM   399  C CG1 . ILE A 1 59  ? -8.813  6.541   -6.851  1.00 23.50 ? 55  ILE A CG1 1 
ATOM   400  C CG2 . ILE A 1 59  ? -8.862  8.225   -8.702  1.00 19.55 ? 55  ILE A CG2 1 
ATOM   401  C CD1 . ILE A 1 59  ? -7.463  7.010   -6.427  1.00 23.12 ? 55  ILE A CD1 1 
ATOM   402  N N   . ARG A 1 60  ? -11.721 7.704   -10.314 1.00 20.53 ? 56  ARG A N   1 
ATOM   403  C CA  . ARG A 1 60  ? -12.105 8.098   -11.660 1.00 22.03 ? 56  ARG A CA  1 
ATOM   404  C C   . ARG A 1 60  ? -11.718 9.548   -11.905 1.00 23.46 ? 56  ARG A C   1 
ATOM   405  O O   . ARG A 1 60  ? -11.845 10.400  -11.024 1.00 24.03 ? 56  ARG A O   1 
ATOM   406  C CB  . ARG A 1 60  ? -13.603 7.901   -11.867 1.00 21.25 ? 56  ARG A CB  1 
ATOM   407  C CG  . ARG A 1 60  ? -14.110 8.394   -13.216 1.00 22.88 ? 56  ARG A CG  1 
ATOM   408  C CD  . ARG A 1 60  ? -15.564 8.050   -13.427 1.00 24.03 ? 56  ARG A CD  1 
ATOM   409  N NE  . ARG A 1 60  ? -15.987 8.424   -14.776 1.00 30.79 ? 56  ARG A NE  1 
ATOM   410  C CZ  . ARG A 1 60  ? -16.522 9.601   -15.088 1.00 37.05 ? 56  ARG A CZ  1 
ATOM   411  N NH1 . ARG A 1 60  ? -16.702 10.516  -14.143 1.00 34.34 ? 56  ARG A NH1 1 
ATOM   412  N NH2 . ARG A 1 60  ? -16.869 9.863   -16.345 1.00 41.10 ? 56  ARG A NH2 1 
ATOM   413  N N   . THR A 1 61  ? -11.240 9.831   -13.105 1.00 22.40 ? 57  THR A N   1 
ATOM   414  C CA  . THR A 1 61  ? -10.914 11.199  -13.467 1.00 23.35 ? 57  THR A CA  1 
ATOM   415  C C   . THR A 1 61  ? -10.872 11.279  -14.974 1.00 24.07 ? 57  THR A C   1 
ATOM   416  O O   . THR A 1 61  ? -11.081 10.268  -15.664 1.00 22.10 ? 57  THR A O   1 
ATOM   417  C CB  . THR A 1 61  ? -9.546  11.628  -12.862 1.00 29.72 ? 57  THR A CB  1 
ATOM   418  O OG1 . THR A 1 61  ? -9.324  13.024  -13.100 1.00 30.25 ? 57  THR A OG1 1 
ATOM   419  C CG2 . THR A 1 61  ? -8.388  10.797  -13.459 1.00 26.12 ? 57  THR A CG2 1 
ATOM   420  N N   . VAL A 1 62  ? -10.601 12.476  -15.478 1.00 25.85 ? 58  VAL A N   1 
ATOM   421  C CA  . VAL A 1 62  ? -10.482 12.699  -16.915 1.00 26.60 ? 58  VAL A CA  1 
ATOM   422  C C   . VAL A 1 62  ? -9.175  13.434  -17.231 1.00 28.67 ? 58  VAL A C   1 
ATOM   423  O O   . VAL A 1 62  ? -8.728  14.309  -16.484 1.00 30.66 ? 58  VAL A O   1 
ATOM   424  C CB  . VAL A 1 62  ? -11.721 13.467  -17.464 1.00 29.09 ? 58  VAL A CB  1 
ATOM   425  C CG1 . VAL A 1 62  ? -11.541 13.838  -18.946 1.00 31.08 ? 58  VAL A CG1 1 
ATOM   426  C CG2 . VAL A 1 62  ? -12.995 12.632  -17.265 1.00 27.61 ? 58  VAL A CG2 1 
ATOM   427  N N   . LEU A 1 63  ? -8.546  13.057  -18.330 1.00 27.36 ? 59  LEU A N   1 
ATOM   428  C CA  . LEU A 1 63  ? -7.314  13.695  -18.735 1.00 27.32 ? 59  LEU A CA  1 
ATOM   429  C C   . LEU A 1 63  ? -7.282  13.652  -20.240 1.00 27.93 ? 59  LEU A C   1 
ATOM   430  O O   . LEU A 1 63  ? -7.534  12.603  -20.826 1.00 28.49 ? 59  LEU A O   1 
ATOM   431  C CB  . LEU A 1 63  ? -6.118  12.931  -18.178 1.00 26.50 ? 59  LEU A CB  1 
ATOM   432  C CG  . LEU A 1 63  ? -4.764  13.600  -18.423 1.00 31.16 ? 59  LEU A CG  1 
ATOM   433  C CD1 . LEU A 1 63  ? -4.653  14.857  -17.590 1.00 30.82 ? 59  LEU A CD1 1 
ATOM   434  C CD2 . LEU A 1 63  ? -3.631  12.637  -18.092 1.00 31.15 ? 59  LEU A CD2 1 
ATOM   435  N N   . ASP A 1 64  ? -6.987  14.791  -20.866 1.00 35.35 ? 60  ASP A N   1 
ATOM   436  C CA  . ASP A 1 64  ? -6.935  14.880  -22.321 1.00 30.79 ? 60  ASP A CA  1 
ATOM   437  C C   . ASP A 1 64  ? -8.187  14.280  -22.958 1.00 32.30 ? 60  ASP A C   1 
ATOM   438  O O   . ASP A 1 64  ? -8.102  13.571  -23.965 1.00 31.11 ? 60  ASP A O   1 
ATOM   439  C CB  . ASP A 1 64  ? -5.692  14.168  -22.861 1.00 32.98 ? 60  ASP A CB  1 
ATOM   440  C CG  . ASP A 1 64  ? -4.403  14.670  -22.227 1.00 40.68 ? 60  ASP A CG  1 
ATOM   441  O OD1 . ASP A 1 64  ? -4.372  15.838  -21.770 1.00 39.19 ? 60  ASP A OD1 1 
ATOM   442  O OD2 . ASP A 1 64  ? -3.419  13.895  -22.188 1.00 45.25 ? 60  ASP A OD2 1 
ATOM   443  N N   . GLY A 1 65  ? -9.342  14.541  -22.359 1.00 27.87 ? 61  GLY A N   1 
ATOM   444  C CA  . GLY A 1 65  ? -10.592 14.050  -22.917 1.00 36.35 ? 61  GLY A CA  1 
ATOM   445  C C   . GLY A 1 65  ? -10.887 12.574  -22.671 1.00 37.64 ? 61  GLY A C   1 
ATOM   446  O O   . GLY A 1 65  ? -11.981 12.100  -22.982 1.00 32.42 ? 61  GLY A O   1 
ATOM   447  N N   . GLU A 1 66  ? -9.914  11.848  -22.118 1.00 34.39 ? 62  GLU A N   1 
ATOM   448  C CA  . GLU A 1 66  ? -10.071 10.420  -21.856 1.00 31.68 ? 62  GLU A CA  1 
ATOM   449  C C   . GLU A 1 66  ? -10.513 10.151  -20.415 1.00 31.76 ? 62  GLU A C   1 
ATOM   450  O O   . GLU A 1 66  ? -10.003 10.753  -19.468 1.00 23.71 ? 62  GLU A O   1 
ATOM   451  C CB  . GLU A 1 66  ? -8.762  9.670   -22.140 1.00 35.38 ? 62  GLU A CB  1 
ATOM   452  C CG  . GLU A 1 66  ? -8.326  9.667   -23.607 1.00 42.03 ? 62  GLU A CG  1 
ATOM   453  C CD  . GLU A 1 66  ? -6.813  9.512   -23.770 1.00 45.99 ? 62  GLU A CD  1 
ATOM   454  O OE1 . GLU A 1 66  ? -6.185  8.782   -22.962 1.00 42.98 ? 62  GLU A OE1 1 
ATOM   455  O OE2 . GLU A 1 66  ? -6.245  10.131  -24.703 1.00 47.10 ? 62  GLU A OE2 1 
ATOM   456  N N   . GLU A 1 67  ? -11.467 9.243   -20.253 1.00 25.25 ? 63  GLU A N   1 
ATOM   457  C CA  . GLU A 1 67  ? -11.844 8.784   -18.921 1.00 30.08 ? 63  GLU A CA  1 
ATOM   458  C C   . GLU A 1 67  ? -10.805 7.765   -18.427 1.00 26.78 ? 63  GLU A C   1 
ATOM   459  O O   . GLU A 1 67  ? -10.438 6.833   -19.154 1.00 28.96 ? 63  GLU A O   1 
ATOM   460  C CB  . GLU A 1 67  ? -13.234 8.147   -18.965 1.00 28.69 ? 63  GLU A CB  1 
ATOM   461  C CG  . GLU A 1 67  ? -13.803 7.725   -17.631 1.00 28.19 ? 63  GLU A CG  1 
ATOM   462  C CD  . GLU A 1 67  ? -15.139 6.996   -17.795 1.00 32.30 ? 63  GLU A CD  1 
ATOM   463  O OE1 . GLU A 1 67  ? -15.205 6.045   -18.617 1.00 30.35 ? 63  GLU A OE1 1 
ATOM   464  O OE2 . GLU A 1 67  ? -16.116 7.374   -17.108 1.00 30.70 ? 63  GLU A OE2 1 
ATOM   465  N N   . LEU A 1 68  ? -10.306 7.955   -17.206 1.00 22.66 ? 64  LEU A N   1 
ATOM   466  C CA  . LEU A 1 68  ? -9.367  7.000   -16.617 1.00 23.82 ? 64  LEU A CA  1 
ATOM   467  C C   . LEU A 1 68  ? -9.968  6.449   -15.342 1.00 23.61 ? 64  LEU A C   1 
ATOM   468  O O   . LEU A 1 68  ? -10.313 7.209   -14.434 1.00 20.99 ? 64  LEU A O   1 
ATOM   469  C CB  . LEU A 1 68  ? -8.017  7.655   -16.292 1.00 21.33 ? 64  LEU A CB  1 
ATOM   470  C CG  . LEU A 1 68  ? -7.351  8.406   -17.448 1.00 31.22 ? 64  LEU A CG  1 
ATOM   471  C CD1 . LEU A 1 68  ? -6.044  9.046   -17.005 1.00 26.96 ? 64  LEU A CD1 1 
ATOM   472  C CD2 . LEU A 1 68  ? -7.118  7.467   -18.618 1.00 33.89 ? 64  LEU A CD2 1 
ATOM   473  N N   . ILE A 1 69  ? -10.073 5.127   -15.256 1.00 20.63 ? 65  ILE A N   1 
ATOM   474  C CA  . ILE A 1 69  ? -10.613 4.504   -14.053 1.00 20.98 ? 65  ILE A CA  1 
ATOM   475  C C   . ILE A 1 69  ? -9.573  3.549   -13.487 1.00 19.90 ? 65  ILE A C   1 
ATOM   476  O O   . ILE A 1 69  ? -9.166  2.607   -14.162 1.00 18.31 ? 65  ILE A O   1 
ATOM   477  C CB  . ILE A 1 69  ? -11.940 3.757   -14.362 1.00 20.43 ? 65  ILE A CB  1 
ATOM   478  C CG1 . ILE A 1 69  ? -12.979 4.763   -14.848 1.00 20.27 ? 65  ILE A CG1 1 
ATOM   479  C CG2 . ILE A 1 69  ? -12.401 2.986   -13.111 1.00 18.48 ? 65  ILE A CG2 1 
ATOM   480  C CD1 . ILE A 1 69  ? -14.135 4.184   -15.607 1.00 25.72 ? 65  ILE A CD1 1 
ATOM   481  N N   . LEU A 1 70  ? -9.120  3.806   -12.264 1.00 16.00 ? 66  LEU A N   1 
ATOM   482  C CA  . LEU A 1 70  ? -8.005  3.048   -11.723 1.00 19.73 ? 66  LEU A CA  1 
ATOM   483  C C   . LEU A 1 70  ? -8.336  2.442   -10.368 1.00 19.42 ? 66  LEU A C   1 
ATOM   484  O O   . LEU A 1 70  ? -8.675  3.172   -9.435  1.00 20.10 ? 66  LEU A O   1 
ATOM   485  C CB  . LEU A 1 70  ? -6.760  3.940   -11.600 1.00 20.53 ? 66  LEU A CB  1 
ATOM   486  C CG  . LEU A 1 70  ? -6.382  4.852   -12.791 1.00 17.34 ? 66  LEU A CG  1 
ATOM   487  C CD1 . LEU A 1 70  ? -7.032  6.218   -12.664 1.00 19.90 ? 66  LEU A CD1 1 
ATOM   488  C CD2 . LEU A 1 70  ? -4.879  4.996   -12.863 1.00 17.40 ? 66  LEU A CD2 1 
ATOM   489  N N   . PRO A 1 71  ? -8.225  1.108   -10.245 1.00 15.82 ? 67  PRO A N   1 
ATOM   490  C CA  . PRO A 1 71  ? -8.383  0.486   -8.920  1.00 21.10 ? 67  PRO A CA  1 
ATOM   491  C C   . PRO A 1 71  ? -7.252  0.945   -8.017  1.00 23.71 ? 67  PRO A C   1 
ATOM   492  O O   . PRO A 1 71  ? -6.152  1.250   -8.496  1.00 20.11 ? 67  PRO A O   1 
ATOM   493  C CB  . PRO A 1 71  ? -8.227  -1.021  -9.193  1.00 21.80 ? 67  PRO A CB  1 
ATOM   494  C CG  . PRO A 1 71  ? -8.423  -1.175  -10.663 1.00 24.75 ? 67  PRO A CG  1 
ATOM   495  C CD  . PRO A 1 71  ? -7.914  0.115   -11.283 1.00 22.95 ? 67  PRO A CD  1 
ATOM   496  N N   . ALA A 1 72  ? -7.515  0.995   -6.720  1.00 24.82 ? 68  ALA A N   1 
ATOM   497  C CA  . ALA A 1 72  ? -6.504  1.451   -5.791  1.00 25.23 ? 68  ALA A CA  1 
ATOM   498  C C   . ALA A 1 72  ? -6.860  1.004   -4.395  1.00 26.02 ? 68  ALA A C   1 
ATOM   499  O O   . ALA A 1 72  ? -7.871  0.327   -4.177  1.00 26.52 ? 68  ALA A O   1 
ATOM   500  C CB  . ALA A 1 72  ? -6.341  2.975   -5.857  1.00 21.61 ? 68  ALA A CB  1 
ATOM   501  N N   . ARG A 1 73  ? -6.003  1.368   -3.458  1.00 26.63 ? 69  ARG A N   1 
ATOM   502  C CA  . ARG A 1 73  ? -6.253  1.126   -2.053  1.00 29.80 ? 69  ARG A CA  1 
ATOM   503  C C   . ARG A 1 73  ? -6.031  2.440   -1.318  1.00 28.39 ? 69  ARG A C   1 
ATOM   504  O O   . ARG A 1 73  ? -4.969  3.039   -1.462  1.00 25.75 ? 69  ARG A O   1 
ATOM   505  C CB  . ARG A 1 73  ? -5.311  0.021   -1.538  1.00 30.96 ? 69  ARG A CB  1 
ATOM   506  C CG  . ARG A 1 73  ? -5.910  -1.388  -1.653  1.00 32.00 ? 69  ARG A CG  1 
ATOM   507  C CD  . ARG A 1 73  ? -4.984  -2.501  -1.187  1.00 39.06 ? 69  ARG A CD  1 
ATOM   508  N NE  . ARG A 1 73  ? -4.068  -2.929  -2.243  1.00 49.60 ? 69  ARG A NE  1 
ATOM   509  C CZ  . ARG A 1 73  ? -3.386  -4.076  -2.242  1.00 54.68 ? 69  ARG A CZ  1 
ATOM   510  N NH1 . ARG A 1 73  ? -3.515  -4.942  -1.236  1.00 45.27 ? 69  ARG A NH1 1 
ATOM   511  N NH2 . ARG A 1 73  ? -2.577  -4.360  -3.262  1.00 47.24 ? 69  ARG A NH2 1 
ATOM   512  N N   . ILE A 1 74  ? -7.030  2.922   -0.576  1.00 26.19 ? 70  ILE A N   1 
ATOM   513  C CA  . ILE A 1 74  ? -6.771  4.074   0.282   1.00 26.51 ? 70  ILE A CA  1 
ATOM   514  C C   . ILE A 1 74  ? -5.997  3.562   1.499   1.00 33.70 ? 70  ILE A C   1 
ATOM   515  O O   . ILE A 1 74  ? -6.353  2.538   2.088   1.00 30.71 ? 70  ILE A O   1 
ATOM   516  C CB  . ILE A 1 74  ? -8.058  4.874   0.689   1.00 31.81 ? 70  ILE A CB  1 
ATOM   517  C CG1 . ILE A 1 74  ? -7.665  6.152   1.452   1.00 33.61 ? 70  ILE A CG1 1 
ATOM   518  C CG2 . ILE A 1 74  ? -9.015  4.013   1.510   1.00 30.34 ? 70  ILE A CG2 1 
ATOM   519  C CD1 . ILE A 1 74  ? -8.729  7.235   1.472   1.00 35.27 ? 70  ILE A CD1 1 
ATOM   520  N N   . ILE A 1 75  ? -4.909  4.241   1.848   1.00 34.45 ? 71  ILE A N   1 
ATOM   521  C CA  . ILE A 1 75  ? -4.065  3.744   2.930   1.00 35.88 ? 71  ILE A CA  1 
ATOM   522  C C   . ILE A 1 75  ? -4.037  4.694   4.129   1.00 37.17 ? 71  ILE A C   1 
ATOM   523  O O   . ILE A 1 75  ? -3.772  4.273   5.253   1.00 41.34 ? 71  ILE A O   1 
ATOM   524  C CB  . ILE A 1 75  ? -2.617  3.424   2.446   1.00 35.98 ? 71  ILE A CB  1 
ATOM   525  C CG1 . ILE A 1 75  ? -1.948  4.660   1.846   1.00 33.18 ? 71  ILE A CG1 1 
ATOM   526  C CG2 . ILE A 1 75  ? -2.625  2.267   1.432   1.00 34.03 ? 71  ILE A CG2 1 
ATOM   527  C CD1 . ILE A 1 75  ? -0.426  4.530   1.687   1.00 33.50 ? 71  ILE A CD1 1 
ATOM   528  N N   . ARG A 1 76  ? -4.305  5.973   3.884   1.00 38.17 ? 72  ARG A N   1 
ATOM   529  C CA  . ARG A 1 76  ? -4.435  6.946   4.966   1.00 41.26 ? 72  ARG A CA  1 
ATOM   530  C C   . ARG A 1 76  ? -5.446  8.022   4.605   1.00 42.50 ? 72  ARG A C   1 
ATOM   531  O O   . ARG A 1 76  ? -5.605  8.369   3.432   1.00 39.44 ? 72  ARG A O   1 
ATOM   532  C CB  . ARG A 1 76  ? -3.090  7.607   5.284   1.00 40.85 ? 72  ARG A CB  1 
ATOM   533  C CG  . ARG A 1 76  ? -3.061  8.341   6.621   1.00 45.91 ? 72  ARG A CG  1 
ATOM   534  C CD  . ARG A 1 76  ? -2.129  9.546   6.575   1.00 52.22 ? 72  ARG A CD  1 
ATOM   535  N NE  . ARG A 1 76  ? -2.745  10.694  5.907   1.00 58.74 ? 72  ARG A NE  1 
ATOM   536  C CZ  . ARG A 1 76  ? -2.965  11.875  6.484   1.00 60.64 ? 72  ARG A CZ  1 
ATOM   537  N NH1 . ARG A 1 76  ? -2.606  12.079  7.748   1.00 62.53 ? 72  ARG A NH1 1 
ATOM   538  N NH2 . ARG A 1 76  ? -3.538  12.856  5.793   1.00 54.27 ? 72  ARG A NH2 1 
ATOM   539  N N   . ALA A 1 77  ? -6.118  8.553   5.625   1.00 45.14 ? 73  ALA A N   1 
ATOM   540  C CA  . ALA A 1 77  ? -7.056  9.660   5.457   1.00 50.41 ? 73  ALA A CA  1 
ATOM   541  C C   . ALA A 1 77  ? -6.937  10.627  6.636   1.00 51.56 ? 73  ALA A C   1 
ATOM   542  O O   . ALA A 1 77  ? -7.114  10.231  7.787   1.00 49.41 ? 73  ALA A O   1 
ATOM   543  C CB  . ALA A 1 77  ? -8.483  9.127   5.344   1.00 48.97 ? 73  ALA A CB  1 
ATOM   544  N N   . GLY A 1 78  ? -6.633  11.890  6.351   1.00 54.14 ? 74  GLY A N   1 
ATOM   545  C CA  . GLY A 1 78  ? -6.412  12.860  7.409   1.00 57.67 ? 74  GLY A CA  1 
ATOM   546  C C   . GLY A 1 78  ? -7.131  14.184  7.234   1.00 57.55 ? 74  GLY A C   1 
ATOM   547  O O   . GLY A 1 78  ? -6.587  15.238  7.576   1.00 55.76 ? 74  GLY A O   1 
ATOM   548  N N   . ASN A 1 79  ? -8.364  14.125  6.730   1.00 62.00 ? 75  ASN A N   1 
ATOM   549  C CA  . ASN A 1 79  ? -9.149  15.316  6.382   1.00 59.08 ? 75  ASN A CA  1 
ATOM   550  C C   . ASN A 1 79  ? -8.332  16.323  5.575   1.00 59.93 ? 75  ASN A C   1 
ATOM   551  O O   . ASN A 1 79  ? -7.266  16.785  6.007   1.00 61.68 ? 75  ASN A O   1 
ATOM   552  C CB  . ASN A 1 79  ? -9.779  15.974  7.619   1.00 66.03 ? 75  ASN A CB  1 
ATOM   553  C CG  . ASN A 1 79  ? -10.665 17.162  7.268   1.00 66.81 ? 75  ASN A CG  1 
ATOM   554  O OD1 . ASN A 1 79  ? -10.192 18.300  7.185   1.00 68.90 ? 75  ASN A OD1 1 
ATOM   555  N ND2 . ASN A 1 79  ? -11.960 16.904  7.069   1.00 64.56 ? 75  ASN A ND2 1 
ATOM   556  N N   . GLY A 1 80  ? -8.840  16.659  4.393   1.00 59.08 ? 76  GLY A N   1 
ATOM   557  C CA  . GLY A 1 80  ? -8.097  17.465  3.448   1.00 55.23 ? 76  GLY A CA  1 
ATOM   558  C C   . GLY A 1 80  ? -7.160  16.589  2.638   1.00 50.29 ? 76  GLY A C   1 
ATOM   559  O O   . GLY A 1 80  ? -6.655  17.017  1.602   1.00 48.29 ? 76  GLY A O   1 
ATOM   560  N N   . ARG A 1 81  ? -6.927  15.360  3.099   1.00 43.78 ? 77  ARG A N   1 
ATOM   561  C CA  . ARG A 1 81  ? -5.952  14.507  2.429   1.00 46.64 ? 77  ARG A CA  1 
ATOM   562  C C   . ARG A 1 81  ? -6.274  13.011  2.458   1.00 42.44 ? 77  ARG A C   1 
ATOM   563  O O   . ARG A 1 81  ? -6.502  12.433  3.516   1.00 42.88 ? 77  ARG A O   1 
ATOM   564  C CB  . ARG A 1 81  ? -4.547  14.762  3.000   1.00 50.70 ? 77  ARG A CB  1 
ATOM   565  C CG  . ARG A 1 81  ? -3.464  13.844  2.459   1.00 48.48 ? 77  ARG A CG  1 
ATOM   566  C CD  . ARG A 1 81  ? -2.415  14.598  1.659   1.00 51.73 ? 77  ARG A CD  1 
ATOM   567  N NE  . ARG A 1 81  ? -1.083  14.436  2.242   1.00 57.32 ? 77  ARG A NE  1 
ATOM   568  C CZ  . ARG A 1 81  ? -0.317  15.446  2.638   1.00 58.73 ? 77  ARG A CZ  1 
ATOM   569  N NH1 . ARG A 1 81  ? -0.749  16.693  2.491   1.00 57.39 ? 77  ARG A NH1 1 
ATOM   570  N NH2 . ARG A 1 81  ? 0.878   15.215  3.169   1.00 61.61 ? 77  ARG A NH2 1 
ATOM   571  N N   . GLY A 1 82  ? -6.289  12.398  1.275   1.00 38.60 ? 78  GLY A N   1 
ATOM   572  C CA  . GLY A 1 82  ? -6.370  10.952  1.149   1.00 35.20 ? 78  GLY A CA  1 
ATOM   573  C C   . GLY A 1 82  ? -5.140  10.453  0.400   1.00 31.05 ? 78  GLY A C   1 
ATOM   574  O O   . GLY A 1 82  ? -4.754  11.036  -0.623  1.00 27.22 ? 78  GLY A O   1 
ATOM   575  N N   . ILE A 1 83  ? -4.508  9.397   0.914   1.00 32.88 ? 79  ILE A N   1 
ATOM   576  C CA  . ILE A 1 83  ? -3.327  8.821   0.261   1.00 32.08 ? 79  ILE A CA  1 
ATOM   577  C C   . ILE A 1 83  ? -3.651  7.443   -0.294  1.00 28.81 ? 79  ILE A C   1 
ATOM   578  O O   . ILE A 1 83  ? -4.204  6.588   0.411   1.00 31.19 ? 79  ILE A O   1 
ATOM   579  C CB  . ILE A 1 83  ? -2.113  8.681   1.213   1.00 37.07 ? 79  ILE A CB  1 
ATOM   580  C CG1 . ILE A 1 83  ? -1.799  10.015  1.906   1.00 37.14 ? 79  ILE A CG1 1 
ATOM   581  C CG2 . ILE A 1 83  ? -0.899  8.115   0.446   1.00 32.82 ? 79  ILE A CG2 1 
ATOM   582  C CD1 . ILE A 1 83  ? -1.447  11.153  0.959   1.00 38.15 ? 79  ILE A CD1 1 
ATOM   583  N N   . PHE A 1 84  ? -3.274  7.213   -1.551  1.00 26.22 ? 80  PHE A N   1 
ATOM   584  C CA  . PHE A 1 84  ? -3.616  5.952   -2.211  1.00 25.60 ? 80  PHE A CA  1 
ATOM   585  C C   . PHE A 1 84  ? -2.390  5.284   -2.825  1.00 25.49 ? 80  PHE A C   1 
ATOM   586  O O   . PHE A 1 84  ? -1.408  5.943   -3.147  1.00 23.67 ? 80  PHE A O   1 
ATOM   587  C CB  . PHE A 1 84  ? -4.642  6.202   -3.326  1.00 27.35 ? 80  PHE A CB  1 
ATOM   588  C CG  . PHE A 1 84  ? -5.905  6.884   -2.861  1.00 26.75 ? 80  PHE A CG  1 
ATOM   589  C CD1 . PHE A 1 84  ? -7.061  6.155   -2.646  1.00 26.01 ? 80  PHE A CD1 1 
ATOM   590  C CD2 . PHE A 1 84  ? -5.935  8.257   -2.650  1.00 27.55 ? 80  PHE A CD2 1 
ATOM   591  C CE1 . PHE A 1 84  ? -8.225  6.775   -2.218  1.00 25.66 ? 80  PHE A CE1 1 
ATOM   592  C CE2 . PHE A 1 84  ? -7.101  8.883   -2.222  1.00 27.24 ? 80  PHE A CE2 1 
ATOM   593  C CZ  . PHE A 1 84  ? -8.240  8.139   -2.007  1.00 26.91 ? 80  PHE A CZ  1 
ATOM   594  N N   . ILE A 1 85  ? -2.469  3.965   -2.974  1.00 22.98 ? 81  ILE A N   1 
ATOM   595  C CA  . ILE A 1 85  ? -1.545  3.227   -3.819  1.00 24.18 ? 81  ILE A CA  1 
ATOM   596  C C   . ILE A 1 85  ? -2.340  2.537   -4.926  1.00 21.08 ? 81  ILE A C   1 
ATOM   597  O O   . ILE A 1 85  ? -3.404  1.986   -4.670  1.00 22.16 ? 81  ILE A O   1 
ATOM   598  C CB  . ILE A 1 85  ? -0.757  2.162   -3.018  1.00 27.12 ? 81  ILE A CB  1 
ATOM   599  C CG1 . ILE A 1 85  ? -1.723  1.239   -2.271  1.00 24.63 ? 81  ILE A CG1 1 
ATOM   600  C CG2 . ILE A 1 85  ? 0.210   2.832   -2.050  1.00 25.05 ? 81  ILE A CG2 1 
ATOM   601  C CD1 . ILE A 1 85  ? -1.042  0.068   -1.581  1.00 24.52 ? 81  ILE A CD1 1 
ATOM   602  N N   . TRP A 1 86  ? -1.841  2.586   -6.155  1.00 19.61 ? 82  TRP A N   1 
ATOM   603  C CA  . TRP A 1 86  ? -2.504  1.905   -7.266  1.00 20.69 ? 82  TRP A CA  1 
ATOM   604  C C   . TRP A 1 86  ? -2.510  0.405   -7.051  1.00 22.65 ? 82  TRP A C   1 
ATOM   605  O O   . TRP A 1 86  ? -1.583  -0.141  -6.461  1.00 26.25 ? 82  TRP A O   1 
ATOM   606  C CB  . TRP A 1 86  ? -1.786  2.212   -8.580  1.00 20.56 ? 82  TRP A CB  1 
ATOM   607  C CG  . TRP A 1 86  ? -1.634  3.685   -8.848  1.00 20.34 ? 82  TRP A CG  1 
ATOM   608  C CD1 . TRP A 1 86  ? -0.472  4.366   -9.057  1.00 19.65 ? 82  TRP A CD1 1 
ATOM   609  C CD2 . TRP A 1 86  ? -2.686  4.650   -8.906  1.00 19.09 ? 82  TRP A CD2 1 
ATOM   610  N NE1 . TRP A 1 86  ? -0.735  5.700   -9.262  1.00 21.23 ? 82  TRP A NE1 1 
ATOM   611  C CE2 . TRP A 1 86  ? -2.091  5.898   -9.174  1.00 20.18 ? 82  TRP A CE2 1 
ATOM   612  C CE3 . TRP A 1 86  ? -4.080  4.576   -8.774  1.00 19.49 ? 82  TRP A CE3 1 
ATOM   613  C CZ2 . TRP A 1 86  ? -2.841  7.060   -9.315  1.00 19.57 ? 82  TRP A CZ2 1 
ATOM   614  C CZ3 . TRP A 1 86  ? -4.818  5.725   -8.910  1.00 18.54 ? 82  TRP A CZ3 1 
ATOM   615  C CH2 . TRP A 1 86  ? -4.200  6.957   -9.174  1.00 20.20 ? 82  TRP A CH2 1 
ATOM   616  N N   . THR A 1 87  ? -3.564  -0.240  -7.546  1.00 23.67 ? 83  THR A N   1 
ATOM   617  C CA  . THR A 1 87  ? -3.686  -1.690  -7.630  1.00 24.91 ? 83  THR A CA  1 
ATOM   618  C C   . THR A 1 87  ? -3.576  -2.063  -9.109  1.00 30.81 ? 83  THR A C   1 
ATOM   619  O O   . THR A 1 87  ? -4.390  -1.630  -9.921  1.00 27.25 ? 83  THR A O   1 
ATOM   620  C CB  . THR A 1 87  ? -5.088  -2.142  -7.159  1.00 28.77 ? 83  THR A CB  1 
ATOM   621  O OG1 . THR A 1 87  ? -5.255  -1.848  -5.764  1.00 32.74 ? 83  THR A OG1 1 
ATOM   622  C CG2 . THR A 1 87  ? -5.267  -3.623  -7.375  1.00 32.75 ? 83  THR A CG2 1 
ATOM   623  N N   . ILE A 1 88  ? -2.584  -2.865  -9.466  1.00 31.67 ? 84  ILE A N   1 
ATOM   624  C CA  . ILE A 1 88  ? -2.338  -3.182  -10.867 1.00 29.22 ? 84  ILE A CA  1 
ATOM   625  C C   . ILE A 1 88  ? -2.365  -4.697  -11.084 1.00 34.46 ? 84  ILE A C   1 
ATOM   626  O O   . ILE A 1 88  ? -1.417  -5.400  -10.718 1.00 37.13 ? 84  ILE A O   1 
ATOM   627  C CB  . ILE A 1 88  ? -0.957  -2.634  -11.317 1.00 29.13 ? 84  ILE A CB  1 
ATOM   628  C CG1 . ILE A 1 88  ? -0.849  -1.124  -11.060 1.00 26.92 ? 84  ILE A CG1 1 
ATOM   629  C CG2 . ILE A 1 88  ? -0.712  -2.940  -12.797 1.00 28.21 ? 84  ILE A CG2 1 
ATOM   630  C CD1 . ILE A 1 88  ? 0.436   -0.490  -11.588 1.00 29.35 ? 84  ILE A CD1 1 
ATOM   631  N N   . ASP A 1 89  ? -3.436  -5.202  -11.686 1.00 37.12 ? 85  ASP A N   1 
ATOM   632  C CA  . ASP A 1 89  ? -3.592  -6.650  -11.855 1.00 39.40 ? 85  ASP A CA  1 
ATOM   633  C C   . ASP A 1 89  ? -3.517  -7.096  -13.309 1.00 43.02 ? 85  ASP A C   1 
ATOM   634  O O   . ASP A 1 89  ? -3.718  -8.279  -13.611 1.00 42.21 ? 85  ASP A O   1 
ATOM   635  C CB  . ASP A 1 89  ? -4.938  -7.108  -11.289 1.00 41.09 ? 85  ASP A CB  1 
ATOM   636  C CG  . ASP A 1 89  ? -5.061  -6.863  -9.806  1.00 42.00 ? 85  ASP A CG  1 
ATOM   637  O OD1 . ASP A 1 89  ? -4.057  -7.035  -9.076  1.00 45.27 ? 85  ASP A OD1 1 
ATOM   638  O OD2 . ASP A 1 89  ? -6.172  -6.505  -9.374  1.00 48.50 ? 85  ASP A OD2 1 
ATOM   639  N N   . ASN A 1 90  ? -3.269  -6.151  -14.208 1.00 33.44 ? 86  ASN A N   1 
ATOM   640  C CA  . ASN A 1 90  ? -3.112  -6.468  -15.623 1.00 33.32 ? 86  ASN A CA  1 
ATOM   641  C C   . ASN A 1 90  ? -2.476  -5.306  -16.396 1.00 33.04 ? 86  ASN A C   1 
ATOM   642  O O   . ASN A 1 90  ? -2.271  -4.209  -15.853 1.00 27.09 ? 86  ASN A O   1 
ATOM   643  C CB  . ASN A 1 90  ? -4.452  -6.886  -16.243 1.00 32.92 ? 86  ASN A CB  1 
ATOM   644  C CG  . ASN A 1 90  ? -5.500  -5.783  -16.186 1.00 37.98 ? 86  ASN A CG  1 
ATOM   645  O OD1 . ASN A 1 90  ? -5.183  -4.599  -16.349 1.00 32.82 ? 86  ASN A OD1 1 
ATOM   646  N ND2 . ASN A 1 90  ? -6.763  -6.169  -15.944 1.00 39.80 ? 86  ASN A ND2 1 
ATOM   647  N N   . LEU A 1 91  ? -2.165  -5.557  -17.662 1.00 31.19 ? 87  LEU A N   1 
ATOM   648  C CA  . LEU A 1 91  ? -1.526  -4.568  -18.521 1.00 33.08 ? 87  LEU A CA  1 
ATOM   649  C C   . LEU A 1 91  ? -2.351  -3.304  -18.729 1.00 29.28 ? 87  LEU A C   1 
ATOM   650  O O   . LEU A 1 91  ? -1.797  -2.205  -18.794 1.00 26.78 ? 87  LEU A O   1 
ATOM   651  C CB  . LEU A 1 91  ? -1.185  -5.183  -19.885 1.00 29.53 ? 87  LEU A CB  1 
ATOM   652  C CG  . LEU A 1 91  ? 0.053   -6.059  -19.904 1.00 34.52 ? 87  LEU A CG  1 
ATOM   653  C CD1 . LEU A 1 91  ? 0.426   -6.393  -21.356 1.00 37.32 ? 87  LEU A CD1 1 
ATOM   654  C CD2 . LEU A 1 91  ? 1.193   -5.328  -19.212 1.00 30.47 ? 87  LEU A CD2 1 
ATOM   655  N N   . GLN A 1 92  ? -3.666  -3.438  -18.858 1.00 24.71 ? 88  GLN A N   1 
ATOM   656  C CA  . GLN A 1 92  ? -4.470  -2.243  -19.054 1.00 30.84 ? 88  GLN A CA  1 
ATOM   657  C C   . GLN A 1 92  ? -4.452  -1.363  -17.809 1.00 26.80 ? 88  GLN A C   1 
ATOM   658  O O   . GLN A 1 92  ? -4.512  -0.135  -17.923 1.00 25.66 ? 88  GLN A O   1 
ATOM   659  C CB  . GLN A 1 92  ? -5.916  -2.557  -19.463 1.00 34.60 ? 88  GLN A CB  1 
ATOM   660  C CG  . GLN A 1 92  ? -6.740  -1.282  -19.666 1.00 39.72 ? 88  GLN A CG  1 
ATOM   661  C CD  . GLN A 1 92  ? -7.101  -0.999  -21.132 1.00 46.68 ? 88  GLN A CD  1 
ATOM   662  O OE1 . GLN A 1 92  ? -7.910  -1.720  -21.730 1.00 52.15 ? 88  GLN A OE1 1 
ATOM   663  N NE2 . GLN A 1 92  ? -6.524  0.068   -21.704 1.00 37.53 ? 88  GLN A NE2 1 
ATOM   664  N N   . GLN A 1 93  ? -4.381  -1.988  -16.632 1.00 23.70 ? 89  GLN A N   1 
ATOM   665  C CA  . GLN A 1 93  ? -4.313  -1.250  -15.371 1.00 26.03 ? 89  GLN A CA  1 
ATOM   666  C C   . GLN A 1 93  ? -2.945  -0.582  -15.238 1.00 21.89 ? 89  GLN A C   1 
ATOM   667  O O   . GLN A 1 93  ? -2.843  0.580   -14.838 1.00 19.28 ? 89  GLN A O   1 
ATOM   668  C CB  . GLN A 1 93  ? -4.648  -2.163  -14.178 1.00 24.61 ? 89  GLN A CB  1 
ATOM   669  C CG  . GLN A 1 93  ? -6.143  -2.544  -14.188 1.00 27.57 ? 89  GLN A CG  1 
ATOM   670  C CD  . GLN A 1 93  ? -6.574  -3.416  -13.028 1.00 32.97 ? 89  GLN A CD  1 
ATOM   671  O OE1 . GLN A 1 93  ? -5.752  -3.829  -12.207 1.00 32.52 ? 89  GLN A OE1 1 
ATOM   672  N NE2 . GLN A 1 93  ? -7.881  -3.702  -12.952 1.00 26.53 ? 89  GLN A NE2 1 
ATOM   673  N N   . GLU A 1 94  ? -1.904  -1.301  -15.631 1.00 22.36 ? 90  GLU A N   1 
ATOM   674  C CA  . GLU A 1 94  ? -0.557  -0.743  -15.621 1.00 27.11 ? 90  GLU A CA  1 
ATOM   675  C C   . GLU A 1 94  ? -0.506  0.506   -16.503 1.00 19.75 ? 90  GLU A C   1 
ATOM   676  O O   . GLU A 1 94  ? 0.013   1.553   -16.104 1.00 17.64 ? 90  GLU A O   1 
ATOM   677  C CB  . GLU A 1 94  ? 0.447   -1.781  -16.149 1.00 25.86 ? 90  GLU A CB  1 
ATOM   678  C CG  . GLU A 1 94  ? 1.866   -1.242  -16.321 1.00 27.21 ? 90  GLU A CG  1 
ATOM   679  C CD  . GLU A 1 94  ? 2.554   -0.983  -14.989 1.00 29.97 ? 90  GLU A CD  1 
ATOM   680  O OE1 . GLU A 1 94  ? 3.446   -0.102  -14.922 1.00 29.43 ? 90  GLU A OE1 1 
ATOM   681  O OE2 . GLU A 1 94  ? 2.227   -1.692  -14.012 1.00 33.63 ? 90  GLU A OE2 1 
ATOM   682  N N   . PHE A 1 95  ? -1.066  0.404   -17.700 1.00 19.63 ? 91  PHE A N   1 
ATOM   683  C CA  . PHE A 1 95  ? -0.992  1.508   -18.650 1.00 19.85 ? 91  PHE A CA  1 
ATOM   684  C C   . PHE A 1 95  ? -1.961  2.649   -18.403 1.00 20.81 ? 91  PHE A C   1 
ATOM   685  O O   . PHE A 1 95  ? -1.741  3.754   -18.895 1.00 18.72 ? 91  PHE A O   1 
ATOM   686  C CB  . PHE A 1 95  ? -1.080  1.015   -20.099 1.00 21.21 ? 91  PHE A CB  1 
ATOM   687  C CG  . PHE A 1 95  ? 0.209   0.436   -20.607 1.00 18.57 ? 91  PHE A CG  1 
ATOM   688  C CD1 . PHE A 1 95  ? 1.275   1.264   -20.920 1.00 19.98 ? 91  PHE A CD1 1 
ATOM   689  C CD2 . PHE A 1 95  ? 0.366   -0.932  -20.742 1.00 21.79 ? 91  PHE A CD2 1 
ATOM   690  C CE1 . PHE A 1 95  ? 2.484   0.731   -21.371 1.00 21.64 ? 91  PHE A CE1 1 
ATOM   691  C CE2 . PHE A 1 95  ? 1.567   -1.472  -21.205 1.00 23.00 ? 91  PHE A CE2 1 
ATOM   692  C CZ  . PHE A 1 95  ? 2.621   -0.633  -21.517 1.00 23.40 ? 91  PHE A CZ  1 
ATOM   693  N N   . SER A 1 96  ? -3.017  2.409   -17.636 1.00 18.87 ? 92  SER A N   1 
ATOM   694  C CA  . SER A 1 96  ? -3.878  3.519   -17.244 1.00 20.29 ? 92  SER A CA  1 
ATOM   695  C C   . SER A 1 96  ? -3.103  4.407   -16.295 1.00 17.94 ? 92  SER A C   1 
ATOM   696  O O   . SER A 1 96  ? -3.153  5.630   -16.395 1.00 16.32 ? 92  SER A O   1 
ATOM   697  C CB  . SER A 1 96  ? -5.148  3.019   -16.567 1.00 21.69 ? 92  SER A CB  1 
ATOM   698  O OG  . SER A 1 96  ? -5.899  2.251   -17.488 1.00 23.51 ? 92  SER A OG  1 
ATOM   699  N N   . VAL A 1 97  ? -2.361  3.781   -15.386 1.00 17.87 ? 93  VAL A N   1 
ATOM   700  C CA  . VAL A 1 97  ? -1.507  4.520   -14.458 1.00 18.55 ? 93  VAL A CA  1 
ATOM   701  C C   . VAL A 1 97  ? -0.443  5.300   -15.226 1.00 16.34 ? 93  VAL A C   1 
ATOM   702  O O   . VAL A 1 97  ? -0.225  6.468   -14.950 1.00 16.35 ? 93  VAL A O   1 
ATOM   703  C CB  . VAL A 1 97  ? -0.827  3.593   -13.431 1.00 18.50 ? 93  VAL A CB  1 
ATOM   704  C CG1 . VAL A 1 97  ? 0.214   4.378   -12.593 1.00 17.96 ? 93  VAL A CG1 1 
ATOM   705  C CG2 . VAL A 1 97  ? -1.877  2.955   -12.537 1.00 18.61 ? 93  VAL A CG2 1 
ATOM   706  N N   . ILE A 1 98  ? 0.217   4.647   -16.183 1.00 16.91 ? 94  ILE A N   1 
ATOM   707  C CA  . ILE A 1 98  ? 1.213   5.309   -17.024 1.00 20.64 ? 94  ILE A CA  1 
ATOM   708  C C   . ILE A 1 98  ? 0.591   6.493   -17.778 1.00 18.62 ? 94  ILE A C   1 
ATOM   709  O O   . ILE A 1 98  ? 1.161   7.592   -17.818 1.00 19.47 ? 94  ILE A O   1 
ATOM   710  C CB  . ILE A 1 98  ? 1.889   4.308   -18.010 1.00 16.60 ? 94  ILE A CB  1 
ATOM   711  C CG1 . ILE A 1 98  ? 2.744   3.291   -17.252 1.00 17.98 ? 94  ILE A CG1 1 
ATOM   712  C CG2 . ILE A 1 98  ? 2.698   5.034   -19.072 1.00 17.79 ? 94  ILE A CG2 1 
ATOM   713  C CD1 . ILE A 1 98  ? 3.336   2.170   -18.129 1.00 16.90 ? 94  ILE A CD1 1 
ATOM   714  N N   . ARG A 1 99  ? -0.577  6.281   -18.379 1.00 17.72 ? 95  ARG A N   1 
ATOM   715  C CA  . ARG A 1 99  ? -1.215  7.347   -19.156 1.00 22.01 ? 95  ARG A CA  1 
ATOM   716  C C   . ARG A 1 99  ? -1.497  8.574   -18.292 1.00 20.50 ? 95  ARG A C   1 
ATOM   717  O O   . ARG A 1 99  ? -1.317  9.699   -18.734 1.00 22.35 ? 95  ARG A O   1 
ATOM   718  C CB  . ARG A 1 99  ? -2.523  6.864   -19.803 1.00 23.11 ? 95  ARG A CB  1 
ATOM   719  C CG  . ARG A 1 99  ? -2.324  6.004   -21.051 1.00 27.10 ? 95  ARG A CG  1 
ATOM   720  C CD  . ARG A 1 99  ? -3.654  5.828   -21.825 1.00 32.46 ? 95  ARG A CD  1 
ATOM   721  N NE  . ARG A 1 99  ? -4.482  4.793   -21.237 1.00 38.30 ? 95  ARG A NE  1 
ATOM   722  C CZ  . ARG A 1 99  ? -5.781  4.910   -20.993 1.00 33.89 ? 95  ARG A CZ  1 
ATOM   723  N NH1 . ARG A 1 99  ? -6.432  6.022   -21.299 1.00 37.79 ? 95  ARG A NH1 1 
ATOM   724  N NH2 . ARG A 1 99  ? -6.428  3.896   -20.447 1.00 33.97 ? 95  ARG A NH2 1 
ATOM   725  N N   . LEU A 1 100 ? -1.981  8.338   -17.077 1.00 19.26 ? 96  LEU A N   1 
ATOM   726  C CA  . LEU A 1 100 ? -2.240  9.392   -16.105 1.00 20.57 ? 96  LEU A CA  1 
ATOM   727  C C   . LEU A 1 100 ? -0.981  10.153  -15.705 1.00 22.05 ? 96  LEU A C   1 
ATOM   728  O O   . LEU A 1 100 ? -0.918  11.377  -15.848 1.00 23.35 ? 96  LEU A O   1 
ATOM   729  C CB  . LEU A 1 100 ? -2.885  8.805   -14.847 1.00 18.01 ? 96  LEU A CB  1 
ATOM   730  C CG  . LEU A 1 100 ? -3.200  9.746   -13.671 1.00 23.91 ? 96  LEU A CG  1 
ATOM   731  C CD1 . LEU A 1 100 ? -4.104  10.908  -14.105 1.00 23.26 ? 96  LEU A CD1 1 
ATOM   732  C CD2 . LEU A 1 100 ? -3.843  8.969   -12.503 1.00 21.19 ? 96  LEU A CD2 1 
ATOM   733  N N   . VAL A 1 101 ? 0.008   9.431   -15.192 1.00 22.43 ? 97  VAL A N   1 
ATOM   734  C CA  . VAL A 1 101 ? 1.241   10.051  -14.709 1.00 22.29 ? 97  VAL A CA  1 
ATOM   735  C C   . VAL A 1 101 ? 2.047   10.727  -15.814 1.00 21.51 ? 97  VAL A C   1 
ATOM   736  O O   . VAL A 1 101 ? 2.436   11.882  -15.672 1.00 23.98 ? 97  VAL A O   1 
ATOM   737  C CB  . VAL A 1 101 ? 2.142   9.029   -13.978 1.00 24.51 ? 97  VAL A CB  1 
ATOM   738  C CG1 . VAL A 1 101 ? 3.488   9.667   -13.578 1.00 25.06 ? 97  VAL A CG1 1 
ATOM   739  C CG2 . VAL A 1 101 ? 1.429   8.478   -12.765 1.00 20.91 ? 97  VAL A CG2 1 
ATOM   740  N N   . PHE A 1 102 ? 2.303   10.020  -16.913 1.00 20.08 ? 98  PHE A N   1 
ATOM   741  C CA  . PHE A 1 102 ? 3.041   10.625  -18.033 1.00 21.11 ? 98  PHE A CA  1 
ATOM   742  C C   . PHE A 1 102 ? 2.183   11.597  -18.850 1.00 25.74 ? 98  PHE A C   1 
ATOM   743  O O   . PHE A 1 102 ? 2.721   12.525  -19.471 1.00 30.93 ? 98  PHE A O   1 
ATOM   744  C CB  . PHE A 1 102 ? 3.668   9.573   -18.958 1.00 19.73 ? 98  PHE A CB  1 
ATOM   745  C CG  . PHE A 1 102 ? 4.874   8.853   -18.360 1.00 22.87 ? 98  PHE A CG  1 
ATOM   746  C CD1 . PHE A 1 102 ? 6.167   9.169   -18.768 1.00 25.26 ? 98  PHE A CD1 1 
ATOM   747  C CD2 . PHE A 1 102 ? 4.707   7.846   -17.423 1.00 21.90 ? 98  PHE A CD2 1 
ATOM   748  C CE1 . PHE A 1 102 ? 7.271   8.512   -18.226 1.00 28.98 ? 98  PHE A CE1 1 
ATOM   749  C CE2 . PHE A 1 102 ? 5.816   7.189   -16.858 1.00 26.36 ? 98  PHE A CE2 1 
ATOM   750  C CZ  . PHE A 1 102 ? 7.098   7.524   -17.272 1.00 26.65 ? 98  PHE A CZ  1 
ATOM   751  N N   . GLY A 1 103 ? 0.864   11.392  -18.870 1.00 20.28 ? 99  GLY A N   1 
ATOM   752  C CA  . GLY A 1 103 ? -0.024  12.325  -19.555 1.00 24.19 ? 99  GLY A CA  1 
ATOM   753  C C   . GLY A 1 103 ? 0.075   13.681  -18.875 1.00 33.34 ? 99  GLY A C   1 
ATOM   754  O O   . GLY A 1 103 ? 0.035   14.729  -19.526 1.00 33.58 ? 99  GLY A O   1 
ATOM   755  N N   . LEU A 1 104 ? 0.216   13.659  -17.551 1.00 28.55 ? 100 LEU A N   1 
ATOM   756  C CA  . LEU A 1 104 ? 0.390   14.889  -16.790 1.00 32.15 ? 100 LEU A CA  1 
ATOM   757  C C   . LEU A 1 104 ? 1.809   15.488  -16.936 1.00 32.88 ? 100 LEU A C   1 
ATOM   758  O O   . LEU A 1 104 ? 1.978   16.709  -16.876 1.00 40.97 ? 100 LEU A O   1 
ATOM   759  C CB  . LEU A 1 104 ? 0.028   14.656  -15.325 1.00 28.63 ? 100 LEU A CB  1 
ATOM   760  C CG  . LEU A 1 104 ? -1.465  14.580  -15.008 1.00 32.65 ? 100 LEU A CG  1 
ATOM   761  C CD1 . LEU A 1 104 ? -1.647  14.068  -13.593 1.00 31.19 ? 100 LEU A CD1 1 
ATOM   762  C CD2 . LEU A 1 104 ? -2.147  15.938  -15.164 1.00 34.64 ? 100 LEU A CD2 1 
ATOM   763  N N   . GLU A 1 105 ? 2.825   14.651  -17.130 1.00 31.42 ? 101 GLU A N   1 
ATOM   764  C CA  . GLU A 1 105 ? 4.164   15.177  -17.403 1.00 36.26 ? 101 GLU A CA  1 
ATOM   765  C C   . GLU A 1 105 ? 4.128   15.973  -18.706 1.00 42.31 ? 101 GLU A C   1 
ATOM   766  O O   . GLU A 1 105 ? 4.733   17.046  -18.815 1.00 42.36 ? 101 GLU A O   1 
ATOM   767  C CB  . GLU A 1 105 ? 5.206   14.053  -17.518 1.00 36.22 ? 101 GLU A CB  1 
ATOM   768  C CG  . GLU A 1 105 ? 5.694   13.480  -16.187 1.00 39.74 ? 101 GLU A CG  1 
ATOM   769  C CD  . GLU A 1 105 ? 6.734   12.366  -16.358 1.00 37.60 ? 101 GLU A CD  1 
ATOM   770  O OE1 . GLU A 1 105 ? 7.513   12.408  -17.344 1.00 45.62 ? 101 GLU A OE1 1 
ATOM   771  O OE2 . GLU A 1 105 ? 6.773   11.441  -15.508 1.00 36.18 ? 101 GLU A OE2 1 
ATOM   772  N N   . HIS A 1 106 ? 3.408   15.432  -19.689 1.00 37.20 ? 102 HIS A N   1 
ATOM   773  C CA  . HIS A 1 106 ? 3.338   16.014  -21.018 1.00 41.83 ? 102 HIS A CA  1 
ATOM   774  C C   . HIS A 1 106 ? 2.681   17.398  -21.010 1.00 44.30 ? 102 HIS A C   1 
ATOM   775  O O   . HIS A 1 106 ? 1.807   17.683  -20.182 1.00 39.56 ? 102 HIS A O   1 
ATOM   776  C CB  . HIS A 1 106 ? 2.581   15.075  -21.957 1.00 39.34 ? 102 HIS A CB  1 
ATOM   777  C CG  . HIS A 1 106 ? 2.621   15.505  -23.385 1.00 50.72 ? 102 HIS A CG  1 
ATOM   778  N ND1 . HIS A 1 106 ? 3.707   15.272  -24.206 1.00 51.12 ? 102 HIS A ND1 1 
ATOM   779  C CD2 . HIS A 1 106 ? 1.715   16.170  -24.146 1.00 46.84 ? 102 HIS A CD2 1 
ATOM   780  C CE1 . HIS A 1 106 ? 3.466   15.767  -25.404 1.00 55.12 ? 102 HIS A CE1 1 
ATOM   781  N NE2 . HIS A 1 106 ? 2.264   16.318  -25.394 1.00 53.93 ? 102 HIS A NE2 1 
ATOM   782  N N   . SER B 1 9   ? -10.516 -11.013 6.287   1.00 56.50 ? 5   SER B N   1 
ATOM   783  C CA  . SER B 1 9   ? -9.537  -10.145 6.936   1.00 56.07 ? 5   SER B CA  1 
ATOM   784  C C   . SER B 1 9   ? -9.791  -10.044 8.445   1.00 60.07 ? 5   SER B C   1 
ATOM   785  O O   . SER B 1 9   ? -10.941 -9.991  8.889   1.00 64.63 ? 5   SER B O   1 
ATOM   786  C CB  . SER B 1 9   ? -9.550  -8.748  6.303   1.00 59.44 ? 5   SER B CB  1 
ATOM   787  O OG  . SER B 1 9   ? -8.350  -8.036  6.581   1.00 57.11 ? 5   SER B OG  1 
ATOM   788  N N   . HIS B 1 10  ? -8.710  -10.032 9.224   1.00 57.45 ? 6   HIS B N   1 
ATOM   789  C CA  . HIS B 1 10  ? -8.793  -9.840  10.671  1.00 58.29 ? 6   HIS B CA  1 
ATOM   790  C C   . HIS B 1 10  ? -7.467  -9.305  11.217  1.00 52.61 ? 6   HIS B C   1 
ATOM   791  O O   . HIS B 1 10  ? -6.412  -9.821  10.860  1.00 49.06 ? 6   HIS B O   1 
ATOM   792  C CB  . HIS B 1 10  ? -9.147  -11.161 11.363  1.00 58.65 ? 6   HIS B CB  1 
ATOM   793  C CG  . HIS B 1 10  ? -9.588  -10.989 12.786  1.00 59.24 ? 6   HIS B CG  1 
ATOM   794  N ND1 . HIS B 1 10  ? -9.632  -9.763  13.403  1.00 60.40 ? 6   HIS B ND1 1 
ATOM   795  C CD2 . HIS B 1 10  ? -10.008 -11.897 13.704  1.00 58.15 ? 6   HIS B CD2 1 
ATOM   796  C CE1 . HIS B 1 10  ? -10.058 -9.916  14.651  1.00 61.67 ? 6   HIS B CE1 1 
ATOM   797  N NE2 . HIS B 1 10  ? -10.292 -11.193 14.853  1.00 65.40 ? 6   HIS B NE2 1 
ATOM   798  N N   . ARG B 1 11  ? -7.520  -8.271  12.063  1.00 53.22 ? 7   ARG B N   1 
ATOM   799  C CA  . ARG B 1 11  ? -6.320  -7.762  12.741  1.00 49.66 ? 7   ARG B CA  1 
ATOM   800  C C   . ARG B 1 11  ? -6.021  -8.541  14.034  1.00 51.73 ? 7   ARG B C   1 
ATOM   801  O O   . ARG B 1 11  ? -6.801  -8.517  14.993  1.00 53.90 ? 7   ARG B O   1 
ATOM   802  C CB  . ARG B 1 11  ? -6.431  -6.248  13.042  1.00 50.37 ? 7   ARG B CB  1 
ATOM   803  C CG  . ARG B 1 11  ? -5.999  -5.282  11.905  1.00 48.96 ? 7   ARG B CG  1 
ATOM   804  C CD  . ARG B 1 11  ? -4.474  -5.038  11.860  1.00 49.59 ? 7   ARG B CD  1 
ATOM   805  N NE  . ARG B 1 11  ? -4.052  -4.090  10.808  1.00 55.45 ? 7   ARG B NE  1 
ATOM   806  C CZ  . ARG B 1 11  ? -3.121  -4.341  9.881   1.00 46.28 ? 7   ARG B CZ  1 
ATOM   807  N NH1 . ARG B 1 11  ? -2.505  -5.514  9.858   1.00 43.58 ? 7   ARG B NH1 1 
ATOM   808  N NH2 . ARG B 1 11  ? -2.802  -3.421  8.972   1.00 48.39 ? 7   ARG B NH2 1 
ATOM   809  N N   . ILE B 1 12  ? -4.896  -9.248  14.044  1.00 49.93 ? 8   ILE B N   1 
ATOM   810  C CA  . ILE B 1 12  ? -4.398  -9.869  15.261  1.00 48.85 ? 8   ILE B CA  1 
ATOM   811  C C   . ILE B 1 12  ? -3.359  -8.935  15.865  1.00 48.71 ? 8   ILE B C   1 
ATOM   812  O O   . ILE B 1 12  ? -2.296  -8.719  15.272  1.00 41.04 ? 8   ILE B O   1 
ATOM   813  C CB  . ILE B 1 12  ? -3.688  -11.217 14.990  1.00 46.22 ? 8   ILE B CB  1 
ATOM   814  C CG1 . ILE B 1 12  ? -4.386  -11.993 13.877  1.00 48.77 ? 8   ILE B CG1 1 
ATOM   815  C CG2 . ILE B 1 12  ? -3.592  -12.030 16.275  1.00 49.83 ? 8   ILE B CG2 1 
ATOM   816  C CD1 . ILE B 1 12  ? -5.660  -12.685 14.310  1.00 50.20 ? 8   ILE B CD1 1 
ATOM   817  N N   . PRO B 1 13  ? -3.662  -8.352  17.033  1.00 48.82 ? 9   PRO B N   1 
ATOM   818  C CA  . PRO B 1 13  ? -2.594  -7.605  17.700  1.00 44.22 ? 9   PRO B CA  1 
ATOM   819  C C   . PRO B 1 13  ? -1.567  -8.561  18.313  1.00 47.49 ? 9   PRO B C   1 
ATOM   820  O O   . PRO B 1 13  ? -1.699  -8.971  19.467  1.00 57.25 ? 9   PRO B O   1 
ATOM   821  C CB  . PRO B 1 13  ? -3.339  -6.824  18.788  1.00 45.93 ? 9   PRO B CB  1 
ATOM   822  C CG  . PRO B 1 13  ? -4.761  -6.768  18.310  1.00 50.16 ? 9   PRO B CG  1 
ATOM   823  C CD  . PRO B 1 13  ? -4.981  -8.082  17.630  1.00 52.60 ? 9   PRO B CD  1 
ATOM   824  N N   . ALA B 1 14  ? -0.564  -8.926  17.522  1.00 45.25 ? 10  ALA B N   1 
ATOM   825  C CA  . ALA B 1 14  ? 0.565   -9.695  18.009  1.00 42.05 ? 10  ALA B CA  1 
ATOM   826  C C   . ALA B 1 14  ? 1.788   -8.799  18.065  1.00 39.11 ? 10  ALA B C   1 
ATOM   827  O O   . ALA B 1 14  ? 1.900   -7.819  17.313  1.00 38.76 ? 10  ALA B O   1 
ATOM   828  C CB  . ALA B 1 14  ? 0.834   -10.889 17.106  1.00 41.56 ? 10  ALA B CB  1 
ATOM   829  N N   . THR B 1 15  ? 2.702   -9.124  18.967  1.00 38.41 ? 11  THR B N   1 
ATOM   830  C CA  . THR B 1 15  ? 3.980   -8.443  19.013  1.00 40.37 ? 11  THR B CA  1 
ATOM   831  C C   . THR B 1 15  ? 5.066   -9.499  18.918  1.00 39.63 ? 11  THR B C   1 
ATOM   832  O O   . THR B 1 15  ? 5.394   -10.149 19.908  1.00 45.38 ? 11  THR B O   1 
ATOM   833  C CB  . THR B 1 15  ? 4.144   -7.637  20.309  1.00 41.71 ? 11  THR B CB  1 
ATOM   834  O OG1 . THR B 1 15  ? 4.026   -8.524  21.420  1.00 44.80 ? 11  THR B OG1 1 
ATOM   835  C CG2 . THR B 1 15  ? 3.065   -6.570  20.415  1.00 34.84 ? 11  THR B CG2 1 
ATOM   836  N N   . ILE B 1 16  ? 5.607   -9.682  17.717  1.00 35.79 ? 12  ILE B N   1 
ATOM   837  C CA  . ILE B 1 16  ? 6.708   -10.621 17.512  1.00 33.73 ? 12  ILE B CA  1 
ATOM   838  C C   . ILE B 1 16  ? 7.861   -9.946  16.772  1.00 32.59 ? 12  ILE B C   1 
ATOM   839  O O   . ILE B 1 16  ? 7.647   -9.044  15.969  1.00 32.88 ? 12  ILE B O   1 
ATOM   840  C CB  . ILE B 1 16  ? 6.231   -11.878 16.751  1.00 40.46 ? 12  ILE B CB  1 
ATOM   841  C CG1 . ILE B 1 16  ? 5.729   -11.515 15.357  1.00 33.15 ? 12  ILE B CG1 1 
ATOM   842  C CG2 . ILE B 1 16  ? 5.119   -12.574 17.542  1.00 42.79 ? 12  ILE B CG2 1 
ATOM   843  C CD1 . ILE B 1 16  ? 5.435   -12.720 14.486  1.00 34.54 ? 12  ILE B CD1 1 
ATOM   844  N N   . PRO B 1 17  ? 9.093   -10.369 17.059  1.00 34.65 ? 13  PRO B N   1 
ATOM   845  C CA  . PRO B 1 17  ? 10.263  -9.765  16.417  1.00 32.81 ? 13  PRO B CA  1 
ATOM   846  C C   . PRO B 1 17  ? 10.322  -10.117 14.935  1.00 31.60 ? 13  PRO B C   1 
ATOM   847  O O   . PRO B 1 17  ? 10.009  -11.257 14.550  1.00 27.83 ? 13  PRO B O   1 
ATOM   848  C CB  . PRO B 1 17  ? 11.439  -10.405 17.162  1.00 34.09 ? 13  PRO B CB  1 
ATOM   849  C CG  . PRO B 1 17  ? 10.896  -11.704 17.671  1.00 32.34 ? 13  PRO B CG  1 
ATOM   850  C CD  . PRO B 1 17  ? 9.456   -11.453 17.987  1.00 33.46 ? 13  PRO B CD  1 
ATOM   851  N N   . VAL B 1 18  ? 10.704  -9.132  14.120  1.00 28.10 ? 14  VAL B N   1 
ATOM   852  C CA  . VAL B 1 18  ? 10.867  -9.321  12.683  1.00 26.42 ? 14  VAL B CA  1 
ATOM   853  C C   . VAL B 1 18  ? 12.129  -8.621  12.178  1.00 29.17 ? 14  VAL B C   1 
ATOM   854  O O   . VAL B 1 18  ? 12.594  -7.624  12.751  1.00 27.04 ? 14  VAL B O   1 
ATOM   855  C CB  . VAL B 1 18  ? 9.646   -8.768  11.889  1.00 26.14 ? 14  VAL B CB  1 
ATOM   856  C CG1 . VAL B 1 18  ? 8.385   -9.617  12.132  1.00 25.57 ? 14  VAL B CG1 1 
ATOM   857  C CG2 . VAL B 1 18  ? 9.401   -7.318  12.253  1.00 24.62 ? 14  VAL B CG2 1 
ATOM   858  N N   . GLU B 1 19  ? 12.684  -9.144  11.092  1.00 24.43 ? 15  GLU B N   1 
ATOM   859  C CA  . GLU B 1 19  ? 13.722  -8.423  10.380  1.00 25.57 ? 15  GLU B CA  1 
ATOM   860  C C   . GLU B 1 19  ? 13.154  -8.091  9.013   1.00 23.21 ? 15  GLU B C   1 
ATOM   861  O O   . GLU B 1 19  ? 12.454  -8.909  8.410   1.00 21.83 ? 15  GLU B O   1 
ATOM   862  C CB  . GLU B 1 19  ? 14.990  -9.269  10.257  1.00 26.23 ? 15  GLU B CB  1 
ATOM   863  C CG  . GLU B 1 19  ? 15.389  -9.962  11.549  1.00 28.00 ? 15  GLU B CG  1 
ATOM   864  C CD  . GLU B 1 19  ? 15.032  -11.427 11.558  1.00 34.50 ? 15  GLU B CD  1 
ATOM   865  O OE1 . GLU B 1 19  ? 15.316  -12.117 10.553  1.00 37.04 ? 15  GLU B OE1 1 
ATOM   866  O OE2 . GLU B 1 19  ? 14.457  -11.901 12.567  1.00 46.12 ? 15  GLU B OE2 1 
ATOM   867  N N   . VAL B 1 20  ? 13.426  -6.882  8.547   1.00 19.29 ? 16  VAL B N   1 
ATOM   868  C CA  . VAL B 1 20  ? 12.937  -6.433  7.249   1.00 22.37 ? 16  VAL B CA  1 
ATOM   869  C C   . VAL B 1 20  ? 14.103  -5.922  6.418   1.00 21.99 ? 16  VAL B C   1 
ATOM   870  O O   . VAL B 1 20  ? 14.880  -5.084  6.881   1.00 25.96 ? 16  VAL B O   1 
ATOM   871  C CB  . VAL B 1 20  ? 11.898  -5.314  7.418   1.00 20.17 ? 16  VAL B CB  1 
ATOM   872  C CG1 . VAL B 1 20  ? 11.273  -4.934  6.058   1.00 16.82 ? 16  VAL B CG1 1 
ATOM   873  C CG2 . VAL B 1 20  ? 10.813  -5.758  8.386   1.00 24.04 ? 16  VAL B CG2 1 
ATOM   874  N N   . ALA B 1 21  ? 14.249  -6.445  5.200   1.00 23.66 ? 17  ALA B N   1 
ATOM   875  C CA  . ALA B 1 21  ? 15.257  -5.937  4.270   1.00 23.25 ? 17  ALA B CA  1 
ATOM   876  C C   . ALA B 1 21  ? 14.566  -5.444  3.013   1.00 25.71 ? 17  ALA B C   1 
ATOM   877  O O   . ALA B 1 21  ? 13.565  -6.036  2.591   1.00 22.59 ? 17  ALA B O   1 
ATOM   878  C CB  . ALA B 1 21  ? 16.249  -7.034  3.908   1.00 26.26 ? 17  ALA B CB  1 
ATOM   879  N N   . ASN B 1 22  ? 15.083  -4.378  2.394   1.00 24.55 ? 18  ASN B N   1 
ATOM   880  C CA  . ASN B 1 22  ? 14.602  -4.033  1.066   1.00 23.66 ? 18  ASN B CA  1 
ATOM   881  C C   . ASN B 1 22  ? 15.152  -5.039  0.042   1.00 25.50 ? 18  ASN B C   1 
ATOM   882  O O   . ASN B 1 22  ? 15.948  -5.909  0.401   1.00 21.11 ? 18  ASN B O   1 
ATOM   883  C CB  . ASN B 1 22  ? 14.885  -2.570  0.680   1.00 25.01 ? 18  ASN B CB  1 
ATOM   884  C CG  . ASN B 1 22  ? 16.361  -2.242  0.649   1.00 27.47 ? 18  ASN B CG  1 
ATOM   885  O OD1 . ASN B 1 22  ? 17.208  -3.118  0.810   1.00 28.01 ? 18  ASN B OD1 1 
ATOM   886  N ND2 . ASN B 1 22  ? 16.678  -0.967  0.452   1.00 27.62 ? 18  ASN B ND2 1 
ATOM   887  N N   . ALA B 1 23  ? 14.723  -4.927  -1.216  1.00 28.65 ? 19  ALA B N   1 
ATOM   888  C CA  . ALA B 1 23  ? 14.970  -5.979  -2.207  1.00 28.27 ? 19  ALA B CA  1 
ATOM   889  C C   . ALA B 1 23  ? 16.424  -6.141  -2.608  1.00 32.66 ? 19  ALA B C   1 
ATOM   890  O O   . ALA B 1 23  ? 16.809  -7.217  -3.066  1.00 33.65 ? 19  ALA B O   1 
ATOM   891  C CB  . ALA B 1 23  ? 14.105  -5.791  -3.448  1.00 29.66 ? 19  ALA B CB  1 
ATOM   892  N N   . ASP B 1 24  ? 17.230  -5.088  -2.455  1.00 33.15 ? 20  ASP B N   1 
ATOM   893  C CA  . ASP B 1 24  ? 18.658  -5.203  -2.755  1.00 33.16 ? 20  ASP B CA  1 
ATOM   894  C C   . ASP B 1 24  ? 19.524  -5.353  -1.509  1.00 35.33 ? 20  ASP B C   1 
ATOM   895  O O   . ASP B 1 24  ? 20.743  -5.424  -1.610  1.00 37.94 ? 20  ASP B O   1 
ATOM   896  C CB  . ASP B 1 24  ? 19.164  -4.029  -3.605  1.00 40.87 ? 20  ASP B CB  1 
ATOM   897  C CG  . ASP B 1 24  ? 19.022  -2.680  -2.904  1.00 43.68 ? 20  ASP B CG  1 
ATOM   898  O OD1 . ASP B 1 24  ? 19.161  -1.648  -3.606  1.00 47.43 ? 20  ASP B OD1 1 
ATOM   899  O OD2 . ASP B 1 24  ? 18.765  -2.645  -1.671  1.00 34.48 ? 20  ASP B OD2 1 
ATOM   900  N N   . GLY B 1 25  ? 18.905  -5.415  -0.336  1.00 32.19 ? 21  GLY B N   1 
ATOM   901  C CA  . GLY B 1 25  ? 19.659  -5.574  0.890   1.00 33.77 ? 21  GLY B CA  1 
ATOM   902  C C   . GLY B 1 25  ? 20.402  -4.316  1.323   1.00 33.62 ? 21  GLY B C   1 
ATOM   903  O O   . GLY B 1 25  ? 21.148  -4.341  2.293   1.00 33.65 ? 21  GLY B O   1 
ATOM   904  N N   . SER B 1 26  ? 20.202  -3.204  0.626   1.00 29.59 ? 22  SER B N   1 
ATOM   905  C CA  . SER B 1 26  ? 20.832  -1.956  1.062   1.00 35.86 ? 22  SER B CA  1 
ATOM   906  C C   . SER B 1 26  ? 20.320  -1.486  2.430   1.00 35.89 ? 22  SER B C   1 
ATOM   907  O O   . SER B 1 26  ? 21.001  -0.731  3.134   1.00 36.06 ? 22  SER B O   1 
ATOM   908  C CB  . SER B 1 26  ? 20.661  -0.855  0.010   1.00 35.56 ? 22  SER B CB  1 
ATOM   909  O OG  . SER B 1 26  ? 19.301  -0.710  -0.367  1.00 37.23 ? 22  SER B OG  1 
ATOM   910  N N   . ILE B 1 27  ? 19.124  -1.939  2.801   1.00 32.51 ? 23  ILE B N   1 
ATOM   911  C CA  . ILE B 1 27  ? 18.532  -1.594  4.095   1.00 31.22 ? 23  ILE B CA  1 
ATOM   912  C C   . ILE B 1 27  ? 18.041  -2.836  4.848   1.00 29.22 ? 23  ILE B C   1 
ATOM   913  O O   . ILE B 1 27  ? 17.211  -3.592  4.350   1.00 29.29 ? 23  ILE B O   1 
ATOM   914  C CB  . ILE B 1 27  ? 17.345  -0.632  3.941   1.00 32.31 ? 23  ILE B CB  1 
ATOM   915  C CG1 . ILE B 1 27  ? 17.796  0.702   3.336   1.00 35.00 ? 23  ILE B CG1 1 
ATOM   916  C CG2 . ILE B 1 27  ? 16.656  -0.412  5.302   1.00 33.99 ? 23  ILE B CG2 1 
ATOM   917  C CD1 . ILE B 1 27  ? 16.670  1.709   3.174   1.00 32.69 ? 23  ILE B CD1 1 
ATOM   918  N N   . ILE B 1 28  ? 18.566  -3.046  6.043   1.00 29.20 ? 24  ILE B N   1 
ATOM   919  C CA  . ILE B 1 28  ? 18.115  -4.136  6.882   1.00 27.24 ? 24  ILE B CA  1 
ATOM   920  C C   . ILE B 1 28  ? 17.812  -3.553  8.241   1.00 30.81 ? 24  ILE B C   1 
ATOM   921  O O   . ILE B 1 28  ? 18.677  -2.920  8.862   1.00 30.75 ? 24  ILE B O   1 
ATOM   922  C CB  . ILE B 1 28  ? 19.175  -5.255  7.019   1.00 31.21 ? 24  ILE B CB  1 
ATOM   923  C CG1 . ILE B 1 28  ? 19.465  -5.898  5.663   1.00 30.02 ? 24  ILE B CG1 1 
ATOM   924  C CG2 . ILE B 1 28  ? 18.700  -6.352  7.988   1.00 25.58 ? 24  ILE B CG2 1 
ATOM   925  C CD1 . ILE B 1 28  ? 20.407  -7.076  5.780   1.00 33.72 ? 24  ILE B CD1 1 
ATOM   926  N N   . VAL B 1 29  ? 16.575  -3.744  8.699   1.00 25.40 ? 25  VAL B N   1 
ATOM   927  C CA  . VAL B 1 29  ? 16.187  -3.282  10.024  1.00 29.33 ? 25  VAL B CA  1 
ATOM   928  C C   . VAL B 1 29  ? 15.513  -4.392  10.818  1.00 31.62 ? 25  VAL B C   1 
ATOM   929  O O   . VAL B 1 29  ? 15.035  -5.379  10.253  1.00 30.48 ? 25  VAL B O   1 
ATOM   930  C CB  . VAL B 1 29  ? 15.246  -2.070  9.947   1.00 28.73 ? 25  VAL B CB  1 
ATOM   931  C CG1 . VAL B 1 29  ? 15.928  -0.922  9.239   1.00 30.49 ? 25  VAL B CG1 1 
ATOM   932  C CG2 . VAL B 1 29  ? 13.945  -2.452  9.247   1.00 28.87 ? 25  VAL B CG2 1 
ATOM   933  N N   . THR B 1 30  ? 15.492  -4.245  12.133  1.00 30.96 ? 26  THR B N   1 
ATOM   934  C CA  . THR B 1 30  ? 14.723  -5.166  12.953  1.00 34.51 ? 26  THR B CA  1 
ATOM   935  C C   . THR B 1 30  ? 13.630  -4.384  13.671  1.00 33.85 ? 26  THR B C   1 
ATOM   936  O O   . THR B 1 30  ? 13.758  -3.180  13.898  1.00 35.29 ? 26  THR B O   1 
ATOM   937  C CB  . THR B 1 30  ? 15.618  -5.937  13.945  1.00 34.76 ? 26  THR B CB  1 
ATOM   938  O OG1 . THR B 1 30  ? 16.175  -5.027  14.892  1.00 43.20 ? 26  THR B OG1 1 
ATOM   939  C CG2 . THR B 1 30  ? 16.746  -6.620  13.204  1.00 36.62 ? 26  THR B CG2 1 
ATOM   940  N N   . GLY B 1 31  ? 12.541  -5.062  14.009  1.00 33.87 ? 27  GLY B N   1 
ATOM   941  C CA  . GLY B 1 31  ? 11.445  -4.398  14.681  1.00 31.82 ? 27  GLY B CA  1 
ATOM   942  C C   . GLY B 1 31  ? 10.586  -5.414  15.382  1.00 29.23 ? 27  GLY B C   1 
ATOM   943  O O   . GLY B 1 31  ? 10.944  -6.592  15.466  1.00 31.63 ? 27  GLY B O   1 
ATOM   944  N N   . VAL B 1 32  ? 9.455   -4.957  15.901  1.00 29.18 ? 28  VAL B N   1 
ATOM   945  C CA  . VAL B 1 32  ? 8.479   -5.851  16.512  1.00 31.19 ? 28  VAL B CA  1 
ATOM   946  C C   . VAL B 1 32  ? 7.129   -5.489  15.940  1.00 30.92 ? 28  VAL B C   1 
ATOM   947  O O   . VAL B 1 32  ? 6.848   -4.311  15.710  1.00 33.84 ? 28  VAL B O   1 
ATOM   948  C CB  . VAL B 1 32  ? 8.474   -5.731  18.053  1.00 34.30 ? 28  VAL B CB  1 
ATOM   949  C CG1 . VAL B 1 32  ? 7.182   -6.289  18.632  1.00 34.77 ? 28  VAL B CG1 1 
ATOM   950  C CG2 . VAL B 1 32  ? 9.677   -6.452  18.638  1.00 32.53 ? 28  VAL B CG2 1 
ATOM   951  N N   . THR B 1 33  ? 6.302   -6.495  15.677  1.00 30.13 ? 29  THR B N   1 
ATOM   952  C CA  . THR B 1 33  ? 5.006   -6.241  15.071  1.00 30.93 ? 29  THR B CA  1 
ATOM   953  C C   . THR B 1 33  ? 4.099   -5.540  16.076  1.00 31.55 ? 29  THR B C   1 
ATOM   954  O O   . THR B 1 33  ? 4.297   -5.672  17.274  1.00 32.19 ? 29  THR B O   1 
ATOM   955  C CB  . THR B 1 33  ? 4.358   -7.544  14.557  1.00 31.20 ? 29  THR B CB  1 
ATOM   956  O OG1 . THR B 1 33  ? 4.167   -8.457  15.651  1.00 34.14 ? 29  THR B OG1 1 
ATOM   957  C CG2 . THR B 1 33  ? 5.267   -8.200  13.509  1.00 25.85 ? 29  THR B CG2 1 
ATOM   958  N N   . GLU B 1 34  ? 3.129   -4.771  15.594  1.00 34.44 ? 30  GLU B N   1 
ATOM   959  C CA  . GLU B 1 34  ? 2.049   -4.303  16.455  1.00 36.50 ? 30  GLU B CA  1 
ATOM   960  C C   . GLU B 1 34  ? 0.873   -5.214  16.185  1.00 38.06 ? 30  GLU B C   1 
ATOM   961  O O   . GLU B 1 34  ? 0.324   -5.827  17.098  1.00 40.03 ? 30  GLU B O   1 
ATOM   962  C CB  . GLU B 1 34  ? 1.636   -2.870  16.125  1.00 38.47 ? 30  GLU B CB  1 
ATOM   963  C CG  . GLU B 1 34  ? 2.763   -1.957  15.729  1.00 44.71 ? 30  GLU B CG  1 
ATOM   964  C CD  . GLU B 1 34  ? 2.345   -0.499  15.765  1.00 46.77 ? 30  GLU B CD  1 
ATOM   965  O OE1 . GLU B 1 34  ? 1.245   -0.171  15.258  1.00 50.10 ? 30  GLU B OE1 1 
ATOM   966  O OE2 . GLU B 1 34  ? 3.111   0.311   16.325  1.00 50.89 ? 30  GLU B OE2 1 
ATOM   967  N N   . ASP B 1 35  ? 0.488   -5.283  14.911  1.00 33.30 ? 31  ASP B N   1 
ATOM   968  C CA  . ASP B 1 35  ? -0.541  -6.217  14.474  1.00 36.12 ? 31  ASP B CA  1 
ATOM   969  C C   . ASP B 1 35  ? -0.289  -6.773  13.078  1.00 35.37 ? 31  ASP B C   1 
ATOM   970  O O   . ASP B 1 35  ? 0.563   -6.269  12.342  1.00 33.21 ? 31  ASP B O   1 
ATOM   971  C CB  . ASP B 1 35  ? -1.926  -5.571  14.543  1.00 43.18 ? 31  ASP B CB  1 
ATOM   972  C CG  . ASP B 1 35  ? -1.889  -4.092  14.274  1.00 44.68 ? 31  ASP B CG  1 
ATOM   973  O OD1 . ASP B 1 35  ? -2.096  -3.706  13.107  1.00 48.66 ? 31  ASP B OD1 1 
ATOM   974  O OD2 . ASP B 1 35  ? -1.656  -3.314  15.230  1.00 48.62 ? 31  ASP B OD2 1 
ATOM   975  N N   . LEU B 1 36  ? -1.045  -7.813  12.731  1.00 35.45 ? 32  LEU B N   1 
ATOM   976  C CA  . LEU B 1 36  ? -0.975  -8.460  11.426  1.00 36.69 ? 32  LEU B CA  1 
ATOM   977  C C   . LEU B 1 36  ? -2.383  -8.817  10.970  1.00 38.68 ? 32  LEU B C   1 
ATOM   978  O O   . LEU B 1 36  ? -3.269  -9.046  11.790  1.00 39.90 ? 32  LEU B O   1 
ATOM   979  C CB  . LEU B 1 36  ? -0.145  -9.742  11.507  1.00 36.31 ? 32  LEU B CB  1 
ATOM   980  C CG  . LEU B 1 36  ? 1.252   -9.684  12.130  1.00 38.99 ? 32  LEU B CG  1 
ATOM   981  C CD1 . LEU B 1 36  ? 1.535   -10.986 12.816  1.00 33.60 ? 32  LEU B CD1 1 
ATOM   982  C CD2 . LEU B 1 36  ? 2.326   -9.388  11.086  1.00 35.44 ? 32  LEU B CD2 1 
ATOM   983  N N   . SER B 1 37  ? -2.585  -8.871  9.658   1.00 33.06 ? 33  SER B N   1 
ATOM   984  C CA  . SER B 1 37  ? -3.848  -9.312  9.083   1.00 29.20 ? 33  SER B CA  1 
ATOM   985  C C   . SER B 1 37  ? -3.540  -10.095 7.813   1.00 25.29 ? 33  SER B C   1 
ATOM   986  O O   . SER B 1 37  ? -2.380  -10.185 7.410   1.00 25.07 ? 33  SER B O   1 
ATOM   987  C CB  . SER B 1 37  ? -4.717  -8.103  8.743   1.00 33.62 ? 33  SER B CB  1 
ATOM   988  O OG  . SER B 1 37  ? -4.165  -7.373  7.658   1.00 34.60 ? 33  SER B OG  1 
ATOM   989  N N   . MET B 1 38  ? -4.566  -10.651 7.180   1.00 25.22 ? 34  MET B N   1 
ATOM   990  C CA  . MET B 1 38  ? -4.398  -11.261 5.863   1.00 30.26 ? 34  MET B CA  1 
ATOM   991  C C   . MET B 1 38  ? -3.964  -10.240 4.816   1.00 24.47 ? 34  MET B C   1 
ATOM   992  O O   . MET B 1 38  ? -3.506  -10.613 3.738   1.00 24.83 ? 34  MET B O   1 
ATOM   993  C CB  . MET B 1 38  ? -5.685  -11.970 5.400   1.00 30.54 ? 34  MET B CB  1 
ATOM   994  C CG  . MET B 1 38  ? -5.999  -13.277 6.155   1.00 34.39 ? 34  MET B CG  1 
ATOM   995  S SD  . MET B 1 38  ? -4.622  -14.455 6.134   1.00 28.77 ? 34  MET B SD  1 
ATOM   996  C CE  . MET B 1 38  ? -4.306  -14.570 4.362   1.00 26.81 ? 34  MET B CE  1 
ATOM   997  N N   . GLY B 1 39  ? -4.115  -8.953  5.123   1.00 23.69 ? 35  GLY B N   1 
ATOM   998  C CA  . GLY B 1 39  ? -3.762  -7.913  4.168   1.00 26.95 ? 35  GLY B CA  1 
ATOM   999  C C   . GLY B 1 39  ? -2.327  -7.417  4.294   1.00 24.80 ? 35  GLY B C   1 
ATOM   1000 O O   . GLY B 1 39  ? -1.650  -7.137  3.288   1.00 24.39 ? 35  GLY B O   1 
ATOM   1001 N N   . GLY B 1 40  ? -1.862  -7.300  5.534   1.00 23.28 ? 36  GLY B N   1 
ATOM   1002 C CA  . GLY B 1 40  ? -0.506  -6.859  5.798   1.00 25.98 ? 36  GLY B CA  1 
ATOM   1003 C C   . GLY B 1 40  ? -0.101  -6.861  7.255   1.00 26.84 ? 36  GLY B C   1 
ATOM   1004 O O   . GLY B 1 40  ? -0.553  -7.697  8.040   1.00 27.87 ? 36  GLY B O   1 
ATOM   1005 N N   . ALA B 1 41  ? 0.759   -5.911  7.606   1.00 26.98 ? 37  ALA B N   1 
ATOM   1006 C CA  . ALA B 1 41  ? 1.387   -5.881  8.912   1.00 29.27 ? 37  ALA B CA  1 
ATOM   1007 C C   . ALA B 1 41  ? 1.634   -4.445  9.308   1.00 29.96 ? 37  ALA B C   1 
ATOM   1008 O O   . ALA B 1 41  ? 1.844   -3.592  8.450   1.00 25.15 ? 37  ALA B O   1 
ATOM   1009 C CB  . ALA B 1 41  ? 2.710   -6.636  8.880   1.00 28.64 ? 37  ALA B CB  1 
ATOM   1010 N N   . ALA B 1 42  ? 1.597   -4.190  10.610  1.00 28.75 ? 38  ALA B N   1 
ATOM   1011 C CA  . ALA B 1 42  ? 2.012   -2.914  11.168  1.00 32.10 ? 38  ALA B CA  1 
ATOM   1012 C C   . ALA B 1 42  ? 3.114   -3.258  12.150  1.00 30.27 ? 38  ALA B C   1 
ATOM   1013 O O   . ALA B 1 42  ? 2.979   -4.186  12.942  1.00 30.87 ? 38  ALA B O   1 
ATOM   1014 C CB  . ALA B 1 42  ? 0.846   -2.215  11.870  1.00 35.52 ? 38  ALA B CB  1 
ATOM   1015 N N   . VAL B 1 43  ? 4.218   -2.532  12.076  1.00 28.40 ? 39  VAL B N   1 
ATOM   1016 C CA  . VAL B 1 43  ? 5.419   -2.908  12.804  1.00 29.04 ? 39  VAL B CA  1 
ATOM   1017 C C   . VAL B 1 43  ? 6.034   -1.686  13.477  1.00 31.30 ? 39  VAL B C   1 
ATOM   1018 O O   . VAL B 1 43  ? 6.112   -0.614  12.870  1.00 32.08 ? 39  VAL B O   1 
ATOM   1019 C CB  . VAL B 1 43  ? 6.470   -3.505  11.842  1.00 29.10 ? 39  VAL B CB  1 
ATOM   1020 C CG1 . VAL B 1 43  ? 7.753   -3.870  12.587  1.00 26.70 ? 39  VAL B CG1 1 
ATOM   1021 C CG2 . VAL B 1 43  ? 5.890   -4.711  11.074  1.00 27.01 ? 39  VAL B CG2 1 
ATOM   1022 N N   . LYS B 1 44  ? 6.468   -1.848  14.724  1.00 32.35 ? 40  LYS B N   1 
ATOM   1023 C CA  . LYS B 1 44  ? 7.195   -0.796  15.425  1.00 35.40 ? 40  LYS B CA  1 
ATOM   1024 C C   . LYS B 1 44  ? 8.649   -0.815  14.983  1.00 28.92 ? 40  LYS B C   1 
ATOM   1025 O O   . LYS B 1 44  ? 9.394   -1.733  15.320  1.00 29.56 ? 40  LYS B O   1 
ATOM   1026 C CB  . LYS B 1 44  ? 7.103   -1.001  16.947  1.00 35.31 ? 40  LYS B CB  1 
ATOM   1027 C CG  . LYS B 1 44  ? 5.809   -0.471  17.582  1.00 44.53 ? 40  LYS B CG  1 
ATOM   1028 C CD  . LYS B 1 44  ? 5.593   -1.084  18.978  1.00 47.59 ? 40  LYS B CD  1 
ATOM   1029 C CE  . LYS B 1 44  ? 4.792   -0.168  19.901  1.00 53.64 ? 40  LYS B CE  1 
ATOM   1030 N NZ  . LYS B 1 44  ? 3.314   -0.311  19.742  1.00 51.73 ? 40  LYS B NZ  1 
ATOM   1031 N N   . MET B 1 45  ? 9.070   0.215   14.255  1.00 33.63 ? 41  MET B N   1 
ATOM   1032 C CA  . MET B 1 45  ? 10.406  0.204   13.650  1.00 29.71 ? 41  MET B CA  1 
ATOM   1033 C C   . MET B 1 45  ? 10.741  1.539   13.012  1.00 26.87 ? 41  MET B C   1 
ATOM   1034 O O   . MET B 1 45  ? 9.865   2.366   12.801  1.00 29.83 ? 41  MET B O   1 
ATOM   1035 C CB  . MET B 1 45  ? 10.448  -0.845  12.540  1.00 27.25 ? 41  MET B CB  1 
ATOM   1036 C CG  . MET B 1 45  ? 9.428   -0.520  11.435  1.00 26.06 ? 41  MET B CG  1 
ATOM   1037 S SD  . MET B 1 45  ? 9.453   -1.673  10.040  1.00 29.30 ? 41  MET B SD  1 
ATOM   1038 C CE  . MET B 1 45  ? 10.761  -0.932  9.039   1.00 28.60 ? 41  MET B CE  1 
ATOM   1039 N N   . SER B 1 46  ? 12.009  1.731   12.665  1.00 27.00 ? 42  SER B N   1 
ATOM   1040 C CA  . SER B 1 46  ? 12.417  2.937   11.953  1.00 30.82 ? 42  SER B CA  1 
ATOM   1041 C C   . SER B 1 46  ? 13.065  2.604   10.608  1.00 31.70 ? 42  SER B C   1 
ATOM   1042 O O   . SER B 1 46  ? 14.138  2.007   10.562  1.00 36.36 ? 42  SER B O   1 
ATOM   1043 C CB  . SER B 1 46  ? 13.385  3.765   12.802  1.00 32.13 ? 42  SER B CB  1 
ATOM   1044 O OG  . SER B 1 46  ? 13.733  4.976   12.141  1.00 37.35 ? 42  SER B OG  1 
ATOM   1045 N N   . TRP B 1 47  ? 12.415  3.001   9.520   1.00 29.96 ? 43  TRP B N   1 
ATOM   1046 C CA  . TRP B 1 47  ? 12.993  2.865   8.191   1.00 32.34 ? 43  TRP B CA  1 
ATOM   1047 C C   . TRP B 1 47  ? 13.964  4.028   7.931   1.00 34.39 ? 43  TRP B C   1 
ATOM   1048 O O   . TRP B 1 47  ? 13.548  5.183   7.873   1.00 36.22 ? 43  TRP B O   1 
ATOM   1049 C CB  . TRP B 1 47  ? 11.872  2.858   7.158   1.00 29.10 ? 43  TRP B CB  1 
ATOM   1050 C CG  . TRP B 1 47  ? 12.286  2.320   5.822   1.00 32.05 ? 43  TRP B CG  1 
ATOM   1051 C CD1 . TRP B 1 47  ? 12.422  3.021   4.662   1.00 33.94 ? 43  TRP B CD1 1 
ATOM   1052 C CD2 . TRP B 1 47  ? 12.606  0.960   5.514   1.00 27.64 ? 43  TRP B CD2 1 
ATOM   1053 N NE1 . TRP B 1 47  ? 12.806  2.179   3.639   1.00 33.01 ? 43  TRP B NE1 1 
ATOM   1054 C CE2 . TRP B 1 47  ? 12.921  0.908   4.139   1.00 30.01 ? 43  TRP B CE2 1 
ATOM   1055 C CE3 . TRP B 1 47  ? 12.640  -0.224  6.267   1.00 27.75 ? 43  TRP B CE3 1 
ATOM   1056 C CZ2 . TRP B 1 47  ? 13.282  -0.278  3.504   1.00 28.17 ? 43  TRP B CZ2 1 
ATOM   1057 C CZ3 . TRP B 1 47  ? 13.000  -1.394  5.641   1.00 26.11 ? 43  TRP B CZ3 1 
ATOM   1058 C CH2 . TRP B 1 47  ? 13.319  -1.414  4.268   1.00 27.18 ? 43  TRP B CH2 1 
ATOM   1059 N N   . PRO B 1 48  ? 15.262  3.729   7.757   1.00 34.97 ? 44  PRO B N   1 
ATOM   1060 C CA  . PRO B 1 48  ? 16.259  4.811   7.774   1.00 35.92 ? 44  PRO B CA  1 
ATOM   1061 C C   . PRO B 1 48  ? 16.266  5.690   6.521   1.00 39.08 ? 44  PRO B C   1 
ATOM   1062 O O   . PRO B 1 48  ? 17.208  6.456   6.329   1.00 43.97 ? 44  PRO B O   1 
ATOM   1063 C CB  . PRO B 1 48  ? 17.587  4.056   7.897   1.00 33.52 ? 44  PRO B CB  1 
ATOM   1064 C CG  . PRO B 1 48  ? 17.319  2.741   7.223   1.00 35.80 ? 44  PRO B CG  1 
ATOM   1065 C CD  . PRO B 1 48  ? 15.889  2.403   7.589   1.00 34.10 ? 44  PRO B CD  1 
ATOM   1066 N N   . ALA B 1 49  ? 15.238  5.591   5.688   1.00 36.13 ? 45  ALA B N   1 
ATOM   1067 C CA  . ALA B 1 49  ? 15.159  6.422   4.496   1.00 39.07 ? 45  ALA B CA  1 
ATOM   1068 C C   . ALA B 1 49  ? 13.730  6.912   4.263   1.00 40.25 ? 45  ALA B C   1 
ATOM   1069 O O   . ALA B 1 49  ? 12.791  6.421   4.883   1.00 40.57 ? 45  ALA B O   1 
ATOM   1070 C CB  . ALA B 1 49  ? 15.681  5.658   3.278   1.00 41.99 ? 45  ALA B CB  1 
ATOM   1071 N N   . LYS B 1 50  ? 13.566  7.892   3.379   1.00 43.76 ? 46  LYS B N   1 
ATOM   1072 C CA  . LYS B 1 50  ? 12.229  8.318   2.982   1.00 42.47 ? 46  LYS B CA  1 
ATOM   1073 C C   . LYS B 1 50  ? 11.702  7.391   1.891   1.00 38.54 ? 46  LYS B C   1 
ATOM   1074 O O   . LYS B 1 50  ? 12.462  6.950   1.036   1.00 44.19 ? 46  LYS B O   1 
ATOM   1075 C CB  . LYS B 1 50  ? 12.239  9.767   2.477   1.00 49.35 ? 46  LYS B CB  1 
ATOM   1076 C CG  . LYS B 1 50  ? 11.763  10.789  3.500   1.00 50.60 ? 46  LYS B CG  1 
ATOM   1077 C CD  . LYS B 1 50  ? 10.449  10.337  4.156   1.00 56.13 ? 46  LYS B CD  1 
ATOM   1078 C CE  . LYS B 1 50  ? 9.664   11.515  4.736   1.00 51.55 ? 46  LYS B CE  1 
ATOM   1079 N NZ  . LYS B 1 50  ? 10.489  12.362  5.640   1.00 52.57 ? 46  LYS B NZ  1 
ATOM   1080 N N   . LEU B 1 51  ? 10.408  7.092   1.917   1.00 41.23 ? 47  LEU B N   1 
ATOM   1081 C CA  . LEU B 1 51  ? 9.822   6.223   0.898   1.00 41.53 ? 47  LEU B CA  1 
ATOM   1082 C C   . LEU B 1 51  ? 9.583   6.949   -0.429  1.00 41.95 ? 47  LEU B C   1 
ATOM   1083 O O   . LEU B 1 51  ? 9.021   8.040   -0.448  1.00 41.14 ? 47  LEU B O   1 
ATOM   1084 C CB  . LEU B 1 51  ? 8.506   5.604   1.400   1.00 37.90 ? 47  LEU B CB  1 
ATOM   1085 C CG  . LEU B 1 51  ? 8.608   4.506   2.454   1.00 32.83 ? 47  LEU B CG  1 
ATOM   1086 C CD1 . LEU B 1 51  ? 7.300   3.729   2.543   1.00 33.28 ? 47  LEU B CD1 1 
ATOM   1087 C CD2 . LEU B 1 51  ? 9.752   3.559   2.100   1.00 31.33 ? 47  LEU B CD2 1 
ATOM   1088 N N   . SER B 1 52  ? 10.013  6.337   -1.532  1.00 41.29 ? 48  SER B N   1 
ATOM   1089 C CA  . SER B 1 52  ? 9.716   6.856   -2.870  1.00 46.56 ? 48  SER B CA  1 
ATOM   1090 C C   . SER B 1 52  ? 8.284   6.499   -3.270  1.00 42.99 ? 48  SER B C   1 
ATOM   1091 O O   . SER B 1 52  ? 7.672   7.172   -4.101  1.00 42.72 ? 48  SER B O   1 
ATOM   1092 C CB  . SER B 1 52  ? 10.680  6.259   -3.905  1.00 41.85 ? 48  SER B CB  1 
ATOM   1093 O OG  . SER B 1 52  ? 12.024  6.489   -3.544  1.00 48.35 ? 48  SER B OG  1 
ATOM   1094 N N   . GLY B 1 53  ? 7.764   5.437   -2.658  1.00 37.86 ? 49  GLY B N   1 
ATOM   1095 C CA  . GLY B 1 53  ? 6.461   4.865   -2.987  1.00 33.30 ? 49  GLY B CA  1 
ATOM   1096 C C   . GLY B 1 53  ? 6.426   3.460   -2.388  1.00 36.42 ? 49  GLY B C   1 
ATOM   1097 O O   . GLY B 1 53  ? 7.290   3.115   -1.569  1.00 32.23 ? 49  GLY B O   1 
ATOM   1098 N N   . PRO B 1 54  ? 5.446   2.630   -2.784  1.00 32.55 ? 50  PRO B N   1 
ATOM   1099 C CA  . PRO B 1 54  ? 5.477   1.260   -2.250  1.00 28.07 ? 50  PRO B CA  1 
ATOM   1100 C C   . PRO B 1 54  ? 6.778   0.561   -2.634  1.00 28.98 ? 50  PRO B C   1 
ATOM   1101 O O   . PRO B 1 54  ? 7.153   0.502   -3.817  1.00 32.09 ? 50  PRO B O   1 
ATOM   1102 C CB  . PRO B 1 54  ? 4.288   0.587   -2.932  1.00 28.65 ? 50  PRO B CB  1 
ATOM   1103 C CG  . PRO B 1 54  ? 3.377   1.724   -3.302  1.00 29.70 ? 50  PRO B CG  1 
ATOM   1104 C CD  . PRO B 1 54  ? 4.282   2.865   -3.654  1.00 30.53 ? 50  PRO B CD  1 
ATOM   1105 N N   . THR B 1 55  ? 7.457   0.022   -1.627  1.00 25.06 ? 51  THR B N   1 
ATOM   1106 C CA  . THR B 1 55  ? 8.812   -0.489  -1.786  1.00 24.96 ? 51  THR B CA  1 
ATOM   1107 C C   . THR B 1 55  ? 8.885   -1.948  -1.344  1.00 24.64 ? 51  THR B C   1 
ATOM   1108 O O   . THR B 1 55  ? 8.590   -2.265  -0.188  1.00 23.13 ? 51  THR B O   1 
ATOM   1109 C CB  . THR B 1 55  ? 9.791   0.385   -0.964  1.00 29.11 ? 51  THR B CB  1 
ATOM   1110 O OG1 . THR B 1 55  ? 9.818   1.703   -1.528  1.00 29.02 ? 51  THR B OG1 1 
ATOM   1111 C CG2 . THR B 1 55  ? 11.203  -0.208  -0.940  1.00 25.43 ? 51  THR B CG2 1 
ATOM   1112 N N   . PRO B 1 56  ? 9.264   -2.838  -2.275  1.00 25.47 ? 52  PRO B N   1 
ATOM   1113 C CA  . PRO B 1 56  ? 9.375   -4.283  -2.033  1.00 24.75 ? 52  PRO B CA  1 
ATOM   1114 C C   . PRO B 1 56  ? 10.385  -4.598  -0.931  1.00 20.83 ? 52  PRO B C   1 
ATOM   1115 O O   . PRO B 1 56  ? 11.509  -4.081  -0.901  1.00 22.11 ? 52  PRO B O   1 
ATOM   1116 C CB  . PRO B 1 56  ? 9.876   -4.830  -3.379  1.00 27.41 ? 52  PRO B CB  1 
ATOM   1117 C CG  . PRO B 1 56  ? 9.434   -3.807  -4.384  1.00 33.42 ? 52  PRO B CG  1 
ATOM   1118 C CD  . PRO B 1 56  ? 9.557   -2.485  -3.679  1.00 27.68 ? 52  PRO B CD  1 
ATOM   1119 N N   . VAL B 1 57  ? 9.968   -5.455  -0.012  1.00 18.76 ? 53  VAL B N   1 
ATOM   1120 C CA  . VAL B 1 57  ? 10.839  -5.909  1.061   1.00 18.78 ? 53  VAL B CA  1 
ATOM   1121 C C   . VAL B 1 57  ? 10.610  -7.388  1.284   1.00 23.01 ? 53  VAL B C   1 
ATOM   1122 O O   . VAL B 1 57  ? 9.729   -7.989  0.657   1.00 18.73 ? 53  VAL B O   1 
ATOM   1123 C CB  . VAL B 1 57  ? 10.517  -5.214  2.395   1.00 14.81 ? 53  VAL B CB  1 
ATOM   1124 C CG1 . VAL B 1 57  ? 10.682  -3.699  2.276   1.00 19.85 ? 53  VAL B CG1 1 
ATOM   1125 C CG2 . VAL B 1 57  ? 9.087   -5.548  2.818   1.00 17.83 ? 53  VAL B CG2 1 
ATOM   1126 N N   . TYR B 1 58  ? 11.420  -7.960  2.177   1.00 18.08 ? 54  TYR B N   1 
ATOM   1127 C CA  . TYR B 1 58  ? 11.187  -9.295  2.696   1.00 18.96 ? 54  TYR B CA  1 
ATOM   1128 C C   . TYR B 1 58  ? 11.139  -9.142  4.195   1.00 21.72 ? 54  TYR B C   1 
ATOM   1129 O O   . TYR B 1 58  ? 11.976  -8.451  4.778   1.00 18.72 ? 54  TYR B O   1 
ATOM   1130 C CB  . TYR B 1 58  ? 12.315  -10.268 2.301   1.00 18.65 ? 54  TYR B CB  1 
ATOM   1131 C CG  . TYR B 1 58  ? 12.464  -10.469 0.813   1.00 20.16 ? 54  TYR B CG  1 
ATOM   1132 C CD1 . TYR B 1 58  ? 11.568  -11.261 0.099   1.00 19.94 ? 54  TYR B CD1 1 
ATOM   1133 C CD2 . TYR B 1 58  ? 13.501  -9.854  0.115   1.00 22.24 ? 54  TYR B CD2 1 
ATOM   1134 C CE1 . TYR B 1 58  ? 11.697  -11.425 -1.300  1.00 22.46 ? 54  TYR B CE1 1 
ATOM   1135 C CE2 . TYR B 1 58  ? 13.648  -10.021 -1.259  1.00 23.48 ? 54  TYR B CE2 1 
ATOM   1136 C CZ  . TYR B 1 58  ? 12.750  -10.809 -1.961  1.00 26.51 ? 54  TYR B CZ  1 
ATOM   1137 O OH  . TYR B 1 58  ? 12.904  -10.954 -3.329  1.00 29.31 ? 54  TYR B OH  1 
ATOM   1138 N N   . ILE B 1 59  ? 10.137  -9.768  4.810   1.00 18.24 ? 55  ILE B N   1 
ATOM   1139 C CA  . ILE B 1 59  ? 9.982   -9.755  6.251   1.00 19.08 ? 55  ILE B CA  1 
ATOM   1140 C C   . ILE B 1 59  ? 10.222  -11.188 6.717   1.00 24.73 ? 55  ILE B C   1 
ATOM   1141 O O   . ILE B 1 59  ? 9.624   -12.131 6.192   1.00 21.00 ? 55  ILE B O   1 
ATOM   1142 C CB  . ILE B 1 59  ? 8.569   -9.293  6.647   1.00 21.48 ? 55  ILE B CB  1 
ATOM   1143 C CG1 . ILE B 1 59  ? 8.295   -7.882  6.080   1.00 22.21 ? 55  ILE B CG1 1 
ATOM   1144 C CG2 . ILE B 1 59  ? 8.377   -9.338  8.171   1.00 22.11 ? 55  ILE B CG2 1 
ATOM   1145 C CD1 . ILE B 1 59  ? 6.882   -7.380  6.335   1.00 19.04 ? 55  ILE B CD1 1 
ATOM   1146 N N   . ARG B 1 60  ? 11.131  -11.353 7.668   1.00 20.64 ? 56  ARG B N   1 
ATOM   1147 C CA  . ARG B 1 60  ? 11.438  -12.674 8.185   1.00 21.46 ? 56  ARG B CA  1 
ATOM   1148 C C   . ARG B 1 60  ? 11.087  -12.729 9.655   1.00 23.33 ? 56  ARG B C   1 
ATOM   1149 O O   . ARG B 1 60  ? 11.262  -11.754 10.380  1.00 22.30 ? 56  ARG B O   1 
ATOM   1150 C CB  . ARG B 1 60  ? 12.924  -13.001 8.003   1.00 28.45 ? 56  ARG B CB  1 
ATOM   1151 C CG  . ARG B 1 60  ? 13.383  -14.288 8.730   1.00 28.52 ? 56  ARG B CG  1 
ATOM   1152 C CD  . ARG B 1 60  ? 14.876  -14.497 8.551   1.00 30.81 ? 56  ARG B CD  1 
ATOM   1153 N NE  . ARG B 1 60  ? 15.364  -15.748 9.134   1.00 31.76 ? 56  ARG B NE  1 
ATOM   1154 C CZ  . ARG B 1 60  ? 15.763  -15.889 10.398  1.00 37.06 ? 56  ARG B CZ  1 
ATOM   1155 N NH1 . ARG B 1 60  ? 15.717  -14.864 11.238  1.00 34.09 ? 56  ARG B NH1 1 
ATOM   1156 N NH2 . ARG B 1 60  ? 16.198  -17.069 10.829  1.00 42.96 ? 56  ARG B NH2 1 
ATOM   1157 N N   . THR B 1 61  ? 10.544  -13.860 10.090  1.00 25.90 ? 57  THR B N   1 
ATOM   1158 C CA  . THR B 1 61  ? 10.354  -14.090 11.514  1.00 27.10 ? 57  THR B CA  1 
ATOM   1159 C C   . THR B 1 61  ? 10.333  -15.593 11.788  1.00 28.62 ? 57  THR B C   1 
ATOM   1160 O O   . THR B 1 61  ? 10.301  -16.408 10.857  1.00 27.24 ? 57  THR B O   1 
ATOM   1161 C CB  . THR B 1 61  ? 9.054   -13.399 12.025  1.00 28.76 ? 57  THR B CB  1 
ATOM   1162 O OG1 . THR B 1 61  ? 9.036   -13.377 13.461  1.00 30.12 ? 57  THR B OG1 1 
ATOM   1163 C CG2 . THR B 1 61  ? 7.816   -14.117 11.505  1.00 29.22 ? 57  THR B CG2 1 
ATOM   1164 N N   . VAL B 1 62  ? 10.361  -15.962 13.065  1.00 31.47 ? 58  VAL B N   1 
ATOM   1165 C CA  . VAL B 1 62  ? 10.280  -17.367 13.458  1.00 32.01 ? 58  VAL B CA  1 
ATOM   1166 C C   . VAL B 1 62  ? 9.010   -17.601 14.285  1.00 33.42 ? 58  VAL B C   1 
ATOM   1167 O O   . VAL B 1 62  ? 8.718   -16.841 15.214  1.00 33.79 ? 58  VAL B O   1 
ATOM   1168 C CB  . VAL B 1 62  ? 11.537  -17.806 14.273  1.00 38.41 ? 58  VAL B CB  1 
ATOM   1169 C CG1 . VAL B 1 62  ? 11.604  -17.059 15.601  1.00 43.12 ? 58  VAL B CG1 1 
ATOM   1170 C CG2 . VAL B 1 62  ? 11.545  -19.317 14.521  1.00 30.60 ? 58  VAL B CG2 1 
ATOM   1171 N N   . LEU B 1 63  ? 8.254   -18.642 13.944  1.00 30.74 ? 59  LEU B N   1 
ATOM   1172 C CA  . LEU B 1 63  ? 7.035   -18.966 14.682  1.00 33.99 ? 59  LEU B CA  1 
ATOM   1173 C C   . LEU B 1 63  ? 6.901   -20.475 14.857  1.00 32.97 ? 59  LEU B C   1 
ATOM   1174 O O   . LEU B 1 63  ? 6.859   -21.214 13.871  1.00 30.92 ? 59  LEU B O   1 
ATOM   1175 C CB  . LEU B 1 63  ? 5.802   -18.401 13.954  1.00 31.24 ? 59  LEU B CB  1 
ATOM   1176 C CG  . LEU B 1 63  ? 4.449   -18.493 14.669  1.00 33.72 ? 59  LEU B CG  1 
ATOM   1177 C CD1 . LEU B 1 63  ? 4.403   -17.524 15.833  1.00 34.27 ? 59  LEU B CD1 1 
ATOM   1178 C CD2 . LEU B 1 63  ? 3.336   -18.173 13.691  1.00 36.98 ? 59  LEU B CD2 1 
ATOM   1179 N N   . ASP B 1 64  ? 6.819   -20.927 16.109  1.00 37.40 ? 60  ASP B N   1 
ATOM   1180 C CA  . ASP B 1 64  ? 6.781   -22.361 16.408  1.00 36.05 ? 60  ASP B CA  1 
ATOM   1181 C C   . ASP B 1 64  ? 8.006   -23.048 15.826  1.00 37.41 ? 60  ASP B C   1 
ATOM   1182 O O   . ASP B 1 64  ? 7.900   -24.120 15.234  1.00 38.77 ? 60  ASP B O   1 
ATOM   1183 C CB  . ASP B 1 64  ? 5.529   -23.017 15.829  1.00 38.41 ? 60  ASP B CB  1 
ATOM   1184 C CG  . ASP B 1 64  ? 4.245   -22.424 16.385  1.00 44.00 ? 60  ASP B CG  1 
ATOM   1185 O OD1 . ASP B 1 64  ? 3.302   -22.194 15.596  1.00 45.12 ? 60  ASP B OD1 1 
ATOM   1186 O OD2 . ASP B 1 64  ? 4.186   -22.181 17.610  1.00 45.92 ? 60  ASP B OD2 1 
ATOM   1187 N N   . GLY B 1 65  ? 9.165   -22.422 15.984  1.00 34.98 ? 61  GLY B N   1 
ATOM   1188 C CA  . GLY B 1 65  ? 10.384  -22.951 15.403  1.00 40.36 ? 61  GLY B CA  1 
ATOM   1189 C C   . GLY B 1 65  ? 10.396  -23.050 13.881  1.00 39.71 ? 61  GLY B C   1 
ATOM   1190 O O   . GLY B 1 65  ? 11.267  -23.716 13.314  1.00 41.82 ? 61  GLY B O   1 
ATOM   1191 N N   . GLU B 1 66  ? 9.437   -22.410 13.213  1.00 35.57 ? 62  GLU B N   1 
ATOM   1192 C CA  . GLU B 1 66  ? 9.423   -22.366 11.745  1.00 38.67 ? 62  GLU B CA  1 
ATOM   1193 C C   . GLU B 1 66  ? 9.857   -20.994 11.212  1.00 36.39 ? 62  GLU B C   1 
ATOM   1194 O O   . GLU B 1 66  ? 9.372   -19.967 11.680  1.00 32.24 ? 62  GLU B O   1 
ATOM   1195 C CB  . GLU B 1 66  ? 8.028   -22.735 11.194  1.00 42.18 ? 62  GLU B CB  1 
ATOM   1196 C CG  . GLU B 1 66  ? 7.722   -24.249 11.177  1.00 43.26 ? 62  GLU B CG  1 
ATOM   1197 C CD  . GLU B 1 66  ? 6.250   -24.570 11.426  1.00 49.40 ? 62  GLU B CD  1 
ATOM   1198 O OE1 . GLU B 1 66  ? 5.384   -23.982 10.735  1.00 47.36 ? 62  GLU B OE1 1 
ATOM   1199 O OE2 . GLU B 1 66  ? 5.952   -25.407 12.321  1.00 52.87 ? 62  GLU B OE2 1 
ATOM   1200 N N   . GLU B 1 67  ? 10.767  -20.987 10.233  1.00 33.06 ? 63  GLU B N   1 
ATOM   1201 C CA  . GLU B 1 67  ? 11.178  -19.745 9.567   1.00 33.44 ? 63  GLU B CA  1 
ATOM   1202 C C   . GLU B 1 67  ? 10.131  -19.286 8.542   1.00 27.64 ? 63  GLU B C   1 
ATOM   1203 O O   . GLU B 1 67  ? 9.843   -19.991 7.574   1.00 28.22 ? 63  GLU B O   1 
ATOM   1204 C CB  . GLU B 1 67  ? 12.529  -19.919 8.864   1.00 27.65 ? 63  GLU B CB  1 
ATOM   1205 C CG  . GLU B 1 67  ? 13.097  -18.623 8.279   1.00 30.93 ? 63  GLU B CG  1 
ATOM   1206 C CD  . GLU B 1 67  ? 14.516  -18.772 7.704   1.00 31.68 ? 63  GLU B CD  1 
ATOM   1207 O OE1 . GLU B 1 67  ? 14.787  -19.762 6.990   1.00 31.93 ? 63  GLU B OE1 1 
ATOM   1208 O OE2 . GLU B 1 67  ? 15.357  -17.883 7.959   1.00 34.14 ? 63  GLU B OE2 1 
ATOM   1209 N N   . LEU B 1 68  ? 9.570   -18.101 8.760   1.00 27.77 ? 64  LEU B N   1 
ATOM   1210 C CA  . LEU B 1 68  ? 8.578   -17.548 7.851   1.00 24.69 ? 64  LEU B CA  1 
ATOM   1211 C C   . LEU B 1 68  ? 9.170   -16.326 7.163   1.00 23.33 ? 64  LEU B C   1 
ATOM   1212 O O   . LEU B 1 68  ? 9.605   -15.364 7.819   1.00 24.60 ? 64  LEU B O   1 
ATOM   1213 C CB  . LEU B 1 68  ? 7.291   -17.165 8.592   1.00 29.55 ? 64  LEU B CB  1 
ATOM   1214 C CG  . LEU B 1 68  ? 6.533   -18.283 9.323   1.00 30.38 ? 64  LEU B CG  1 
ATOM   1215 C CD1 . LEU B 1 68  ? 5.210   -17.760 9.874   1.00 29.01 ? 64  LEU B CD1 1 
ATOM   1216 C CD2 . LEU B 1 68  ? 6.281   -19.460 8.407   1.00 35.56 ? 64  LEU B CD2 1 
ATOM   1217 N N   . ILE B 1 69  ? 9.217   -16.382 5.838   1.00 21.98 ? 65  ILE B N   1 
ATOM   1218 C CA  . ILE B 1 69  ? 9.781   -15.302 5.033   1.00 25.06 ? 65  ILE B CA  1 
ATOM   1219 C C   . ILE B 1 69  ? 8.698   -14.849 4.077   1.00 18.06 ? 65  ILE B C   1 
ATOM   1220 O O   . ILE B 1 69  ? 8.261   -15.598 3.201   1.00 20.47 ? 65  ILE B O   1 
ATOM   1221 C CB  . ILE B 1 69  ? 11.049  -15.754 4.253   1.00 22.70 ? 65  ILE B CB  1 
ATOM   1222 C CG1 . ILE B 1 69  ? 12.107  -16.259 5.235   1.00 27.96 ? 65  ILE B CG1 1 
ATOM   1223 C CG2 . ILE B 1 69  ? 11.640  -14.597 3.438   1.00 19.99 ? 65  ILE B CG2 1 
ATOM   1224 C CD1 . ILE B 1 69  ? 13.222  -17.068 4.601   1.00 25.72 ? 65  ILE B CD1 1 
ATOM   1225 N N   . LEU B 1 70  ? 8.241   -13.622 4.266   1.00 18.11 ? 66  LEU B N   1 
ATOM   1226 C CA  . LEU B 1 70  ? 7.123   -13.114 3.489   1.00 19.82 ? 66  LEU B CA  1 
ATOM   1227 C C   . LEU B 1 70  ? 7.477   -11.851 2.692   1.00 20.15 ? 66  LEU B C   1 
ATOM   1228 O O   . LEU B 1 70  ? 7.838   -10.833 3.273   1.00 21.02 ? 66  LEU B O   1 
ATOM   1229 C CB  . LEU B 1 70  ? 5.935   -12.833 4.431   1.00 19.33 ? 66  LEU B CB  1 
ATOM   1230 C CG  . LEU B 1 70  ? 5.625   -13.886 5.519   1.00 24.89 ? 66  LEU B CG  1 
ATOM   1231 C CD1 . LEU B 1 70  ? 6.301   -13.526 6.850   1.00 26.49 ? 66  LEU B CD1 1 
ATOM   1232 C CD2 . LEU B 1 70  ? 4.128   -14.025 5.755   1.00 22.78 ? 66  LEU B CD2 1 
ATOM   1233 N N   . PRO B 1 71  ? 7.379   -11.921 1.353   1.00 19.16 ? 67  PRO B N   1 
ATOM   1234 C CA  . PRO B 1 71  ? 7.513   -10.743 0.497   1.00 20.09 ? 67  PRO B CA  1 
ATOM   1235 C C   . PRO B 1 71  ? 6.427   -9.762  0.873   1.00 22.03 ? 67  PRO B C   1 
ATOM   1236 O O   . PRO B 1 71  ? 5.310   -10.189 1.193   1.00 21.12 ? 67  PRO B O   1 
ATOM   1237 C CB  . PRO B 1 71  ? 7.231   -11.292 -0.919  1.00 20.53 ? 67  PRO B CB  1 
ATOM   1238 C CG  . PRO B 1 71  ? 7.483   -12.776 -0.807  1.00 25.76 ? 67  PRO B CG  1 
ATOM   1239 C CD  . PRO B 1 71  ? 7.049   -13.133 0.584   1.00 22.31 ? 67  PRO B CD  1 
ATOM   1240 N N   . ALA B 1 72  ? 6.738   -8.474  0.837   1.00 19.05 ? 68  ALA B N   1 
ATOM   1241 C CA  . ALA B 1 72  ? 5.747   -7.466  1.123   1.00 18.71 ? 68  ALA B CA  1 
ATOM   1242 C C   . ALA B 1 72  ? 6.164   -6.201  0.410   1.00 22.95 ? 68  ALA B C   1 
ATOM   1243 O O   . ALA B 1 72  ? 7.241   -6.140  -0.183  1.00 20.24 ? 68  ALA B O   1 
ATOM   1244 C CB  . ALA B 1 72  ? 5.654   -7.230  2.625   1.00 20.30 ? 68  ALA B CB  1 
ATOM   1245 N N   . ARG B 1 73  ? 5.303   -5.194  0.450   1.00 21.33 ? 69  ARG B N   1 
ATOM   1246 C CA  . ARG B 1 73  ? 5.715   -3.860  0.064   1.00 24.60 ? 69  ARG B CA  1 
ATOM   1247 C C   . ARG B 1 73  ? 5.548   -2.986  1.302   1.00 21.31 ? 69  ARG B C   1 
ATOM   1248 O O   . ARG B 1 73  ? 4.488   -3.002  1.926   1.00 20.13 ? 69  ARG B O   1 
ATOM   1249 C CB  . ARG B 1 73  ? 4.867   -3.334  -1.116  1.00 24.80 ? 69  ARG B CB  1 
ATOM   1250 C CG  . ARG B 1 73  ? 4.712   -4.334  -2.277  1.00 33.36 ? 69  ARG B CG  1 
ATOM   1251 C CD  . ARG B 1 73  ? 4.537   -3.685  -3.654  1.00 34.24 ? 69  ARG B CD  1 
ATOM   1252 N NE  . ARG B 1 73  ? 3.441   -2.718  -3.690  1.00 46.25 ? 69  ARG B NE  1 
ATOM   1253 C CZ  . ARG B 1 73  ? 2.713   -2.415  -4.769  1.00 49.47 ? 69  ARG B CZ  1 
ATOM   1254 N NH1 . ARG B 1 73  ? 2.941   -3.025  -5.932  1.00 49.88 ? 69  ARG B NH1 1 
ATOM   1255 N NH2 . ARG B 1 73  ? 1.741   -1.507  -4.678  1.00 35.41 ? 69  ARG B NH2 1 
ATOM   1256 N N   . ILE B 1 74  ? 6.590   -2.247  1.679   1.00 19.36 ? 70  ILE B N   1 
ATOM   1257 C CA  . ILE B 1 74  ? 6.409   -1.222  2.703   1.00 20.52 ? 70  ILE B CA  1 
ATOM   1258 C C   . ILE B 1 74  ? 5.765   -0.037  2.005   1.00 22.00 ? 70  ILE B C   1 
ATOM   1259 O O   . ILE B 1 74  ? 6.274   0.455   1.000   1.00 21.11 ? 70  ILE B O   1 
ATOM   1260 C CB  . ILE B 1 74  ? 7.716   -0.791  3.416   1.00 23.71 ? 70  ILE B CB  1 
ATOM   1261 C CG1 . ILE B 1 74  ? 7.392   0.219   4.526   1.00 21.26 ? 70  ILE B CG1 1 
ATOM   1262 C CG2 . ILE B 1 74  ? 8.738   -0.203  2.422   1.00 20.75 ? 70  ILE B CG2 1 
ATOM   1263 C CD1 . ILE B 1 74  ? 8.452   0.310   5.616   1.00 23.88 ? 70  ILE B CD1 1 
ATOM   1264 N N   . ILE B 1 75  ? 4.627   0.403   2.519   1.00 24.83 ? 71  ILE B N   1 
ATOM   1265 C CA  . ILE B 1 75  ? 3.851   1.437   1.844   1.00 23.69 ? 71  ILE B CA  1 
ATOM   1266 C C   . ILE B 1 75  ? 3.795   2.745   2.625   1.00 30.18 ? 71  ILE B C   1 
ATOM   1267 O O   . ILE B 1 75  ? 3.443   3.792   2.072   1.00 28.70 ? 71  ILE B O   1 
ATOM   1268 C CB  . ILE B 1 75  ? 2.421   0.953   1.557   1.00 22.71 ? 71  ILE B CB  1 
ATOM   1269 C CG1 . ILE B 1 75  ? 1.715   0.550   2.852   1.00 24.15 ? 71  ILE B CG1 1 
ATOM   1270 C CG2 . ILE B 1 75  ? 2.453   -0.207  0.577   1.00 23.70 ? 71  ILE B CG2 1 
ATOM   1271 C CD1 . ILE B 1 75  ? 0.206   0.422   2.707   1.00 25.62 ? 71  ILE B CD1 1 
ATOM   1272 N N   . ARG B 1 76  ? 4.139   2.680   3.910   1.00 29.10 ? 72  ARG B N   1 
ATOM   1273 C CA  . ARG B 1 76  ? 4.233   3.876   4.731   1.00 29.80 ? 72  ARG B CA  1 
ATOM   1274 C C   . ARG B 1 76  ? 5.244   3.666   5.847   1.00 31.59 ? 72  ARG B C   1 
ATOM   1275 O O   . ARG B 1 76  ? 5.273   2.603   6.470   1.00 28.78 ? 72  ARG B O   1 
ATOM   1276 C CB  . ARG B 1 76  ? 2.864   4.239   5.307   1.00 36.79 ? 72  ARG B CB  1 
ATOM   1277 C CG  . ARG B 1 76  ? 2.828   5.602   6.007   1.00 42.09 ? 72  ARG B CG  1 
ATOM   1278 C CD  . ARG B 1 76  ? 1.386   6.089   6.202   1.00 52.33 ? 72  ARG B CD  1 
ATOM   1279 N NE  . ARG B 1 76  ? 0.523   5.049   6.763   1.00 55.59 ? 72  ARG B NE  1 
ATOM   1280 C CZ  . ARG B 1 76  ? -0.387  5.253   7.714   1.00 56.86 ? 72  ARG B CZ  1 
ATOM   1281 N NH1 . ARG B 1 76  ? -0.561  6.467   8.221   1.00 55.53 ? 72  ARG B NH1 1 
ATOM   1282 N NH2 . ARG B 1 76  ? -1.124  4.235   8.159   1.00 48.66 ? 72  ARG B NH2 1 
ATOM   1283 N N   . ALA B 1 77  ? 6.096   4.666   6.074   1.00 32.39 ? 73  ALA B N   1 
ATOM   1284 C CA  . ALA B 1 77  ? 7.089   4.605   7.148   1.00 33.43 ? 73  ALA B CA  1 
ATOM   1285 C C   . ALA B 1 77  ? 7.283   5.980   7.774   1.00 40.05 ? 73  ALA B C   1 
ATOM   1286 O O   . ALA B 1 77  ? 7.279   7.002   7.073   1.00 34.94 ? 73  ALA B O   1 
ATOM   1287 C CB  . ALA B 1 77  ? 8.427   4.068   6.637   1.00 28.79 ? 73  ALA B CB  1 
ATOM   1288 N N   . GLY B 1 78  ? 7.458   5.993   9.092   1.00 38.94 ? 74  GLY B N   1 
ATOM   1289 C CA  . GLY B 1 78  ? 7.653   7.223   9.835   1.00 41.99 ? 74  GLY B CA  1 
ATOM   1290 C C   . GLY B 1 78  ? 6.920   7.145   11.153  1.00 40.34 ? 74  GLY B C   1 
ATOM   1291 O O   . GLY B 1 78  ? 6.023   6.313   11.310  1.00 42.11 ? 74  GLY B O   1 
ATOM   1292 N N   . ASN B 1 79  ? 7.292   7.992   12.109  1.00 46.24 ? 75  ASN B N   1 
ATOM   1293 C CA  . ASN B 1 79  ? 6.610   7.997   13.401  1.00 41.79 ? 75  ASN B CA  1 
ATOM   1294 C C   . ASN B 1 79  ? 6.789   6.672   14.139  1.00 34.89 ? 75  ASN B C   1 
ATOM   1295 O O   . ASN B 1 79  ? 5.928   6.266   14.915  1.00 42.24 ? 75  ASN B O   1 
ATOM   1296 C CB  . ASN B 1 79  ? 5.111   8.283   13.223  1.00 45.92 ? 75  ASN B CB  1 
ATOM   1297 C CG  . ASN B 1 79  ? 4.835   9.676   12.688  1.00 56.03 ? 75  ASN B CG  1 
ATOM   1298 O OD1 . ASN B 1 79  ? 5.626   10.605  12.892  1.00 56.79 ? 75  ASN B OD1 1 
ATOM   1299 N ND2 . ASN B 1 79  ? 3.700   9.832   12.000  1.00 61.20 ? 75  ASN B ND2 1 
ATOM   1300 N N   . GLY B 1 80  ? 7.900   5.987   13.884  1.00 34.60 ? 76  GLY B N   1 
ATOM   1301 C CA  . GLY B 1 80  ? 8.198   4.742   14.574  1.00 37.66 ? 76  GLY B CA  1 
ATOM   1302 C C   . GLY B 1 80  ? 7.427   3.529   14.074  1.00 35.97 ? 76  GLY B C   1 
ATOM   1303 O O   . GLY B 1 80  ? 7.414   2.490   14.735  1.00 35.50 ? 76  GLY B O   1 
ATOM   1304 N N   . ARG B 1 81  ? 6.785   3.664   12.913  1.00 37.12 ? 77  ARG B N   1 
ATOM   1305 C CA  . ARG B 1 81  ? 5.985   2.586   12.340  1.00 36.19 ? 77  ARG B CA  1 
ATOM   1306 C C   . ARG B 1 81  ? 6.398   2.278   10.903  1.00 36.40 ? 77  ARG B C   1 
ATOM   1307 O O   . ARG B 1 81  ? 6.876   3.148   10.172  1.00 35.81 ? 77  ARG B O   1 
ATOM   1308 C CB  . ARG B 1 81  ? 4.492   2.946   12.356  1.00 34.80 ? 77  ARG B CB  1 
ATOM   1309 C CG  . ARG B 1 81  ? 3.977   3.495   13.680  1.00 42.53 ? 77  ARG B CG  1 
ATOM   1310 C CD  . ARG B 1 81  ? 3.717   2.386   14.691  1.00 48.21 ? 77  ARG B CD  1 
ATOM   1311 N NE  . ARG B 1 81  ? 3.249   2.890   15.988  1.00 50.09 ? 77  ARG B NE  1 
ATOM   1312 C CZ  . ARG B 1 81  ? 4.051   3.183   17.012  1.00 52.08 ? 77  ARG B CZ  1 
ATOM   1313 N NH1 . ARG B 1 81  ? 5.367   3.022   16.898  1.00 46.04 ? 77  ARG B NH1 1 
ATOM   1314 N NH2 . ARG B 1 81  ? 3.539   3.635   18.149  1.00 52.16 ? 77  ARG B NH2 1 
ATOM   1315 N N   . GLY B 1 82  ? 6.211   1.023   10.512  1.00 31.58 ? 78  GLY B N   1 
ATOM   1316 C CA  . GLY B 1 82  ? 6.227   0.659   9.111   1.00 28.03 ? 78  GLY B CA  1 
ATOM   1317 C C   . GLY B 1 82  ? 4.928   -0.047  8.808   1.00 25.42 ? 78  GLY B C   1 
ATOM   1318 O O   . GLY B 1 82  ? 4.499   -0.909  9.576   1.00 26.48 ? 78  GLY B O   1 
ATOM   1319 N N   . ILE B 1 83  ? 4.291   0.317   7.700   1.00 26.50 ? 79  ILE B N   1 
ATOM   1320 C CA  . ILE B 1 83  ? 3.070   -0.358  7.277   1.00 26.79 ? 79  ILE B CA  1 
ATOM   1321 C C   . ILE B 1 83  ? 3.381   -1.086  5.987   1.00 21.50 ? 79  ILE B C   1 
ATOM   1322 O O   . ILE B 1 83  ? 4.014   -0.534  5.085   1.00 21.30 ? 79  ILE B O   1 
ATOM   1323 C CB  . ILE B 1 83  ? 1.905   0.609   7.018   1.00 28.07 ? 79  ILE B CB  1 
ATOM   1324 C CG1 . ILE B 1 83  ? 1.804   1.641   8.148   1.00 31.96 ? 79  ILE B CG1 1 
ATOM   1325 C CG2 . ILE B 1 83  ? 0.572   -0.186  6.801   1.00 23.35 ? 79  ILE B CG2 1 
ATOM   1326 C CD1 . ILE B 1 83  ? 1.568   1.052   9.534   1.00 30.29 ? 79  ILE B CD1 1 
ATOM   1327 N N   . PHE B 1 84  ? 2.933   -2.334  5.919   1.00 21.64 ? 80  PHE B N   1 
ATOM   1328 C CA  . PHE B 1 84  ? 3.245   -3.206  4.804   1.00 21.47 ? 80  PHE B CA  1 
ATOM   1329 C C   . PHE B 1 84  ? 1.992   -3.876  4.298   1.00 22.58 ? 80  PHE B C   1 
ATOM   1330 O O   . PHE B 1 84  ? 1.055   -4.101  5.052   1.00 22.77 ? 80  PHE B O   1 
ATOM   1331 C CB  . PHE B 1 84  ? 4.191   -4.325  5.276   1.00 21.84 ? 80  PHE B CB  1 
ATOM   1332 C CG  . PHE B 1 84  ? 5.451   -3.839  5.932   1.00 20.93 ? 80  PHE B CG  1 
ATOM   1333 C CD1 . PHE B 1 84  ? 6.627   -3.709  5.202   1.00 22.60 ? 80  PHE B CD1 1 
ATOM   1334 C CD2 . PHE B 1 84  ? 5.476   -3.552  7.292   1.00 22.46 ? 80  PHE B CD2 1 
ATOM   1335 C CE1 . PHE B 1 84  ? 7.820   -3.287  5.823   1.00 21.84 ? 80  PHE B CE1 1 
ATOM   1336 C CE2 . PHE B 1 84  ? 6.661   -3.119  7.912   1.00 23.29 ? 80  PHE B CE2 1 
ATOM   1337 C CZ  . PHE B 1 84  ? 7.825   -2.979  7.174   1.00 20.63 ? 80  PHE B CZ  1 
ATOM   1338 N N   . ILE B 1 85  ? 1.995   -4.237  3.027   1.00 21.21 ? 81  ILE B N   1 
ATOM   1339 C CA  . ILE B 1 85  ? 0.961   -5.110  2.513   1.00 23.91 ? 81  ILE B CA  1 
ATOM   1340 C C   . ILE B 1 85  ? 1.684   -6.314  1.952   1.00 18.87 ? 81  ILE B C   1 
ATOM   1341 O O   . ILE B 1 85  ? 2.752   -6.181  1.359   1.00 22.11 ? 81  ILE B O   1 
ATOM   1342 C CB  . ILE B 1 85  ? 0.092   -4.434  1.425   1.00 22.70 ? 81  ILE B CB  1 
ATOM   1343 C CG1 . ILE B 1 85  ? 0.994   -3.643  0.476   1.00 27.55 ? 81  ILE B CG1 1 
ATOM   1344 C CG2 . ILE B 1 85  ? -0.926  -3.508  2.080   1.00 26.91 ? 81  ILE B CG2 1 
ATOM   1345 C CD1 . ILE B 1 85  ? 0.330   -3.220  -0.839  1.00 36.20 ? 81  ILE B CD1 1 
ATOM   1346 N N   . TRP B 1 86  ? 1.117   -7.489  2.159   1.00 18.98 ? 82  TRP B N   1 
ATOM   1347 C CA  . TRP B 1 86  ? 1.799   -8.713  1.769   1.00 23.30 ? 82  TRP B CA  1 
ATOM   1348 C C   . TRP B 1 86  ? 1.834   -8.767  0.253   1.00 25.95 ? 82  TRP B C   1 
ATOM   1349 O O   . TRP B 1 86  ? 0.876   -8.358  -0.410  1.00 24.20 ? 82  TRP B O   1 
ATOM   1350 C CB  . TRP B 1 86  ? 1.065   -9.942  2.305   1.00 19.31 ? 82  TRP B CB  1 
ATOM   1351 C CG  . TRP B 1 86  ? 0.925   -9.994  3.803   1.00 20.66 ? 82  TRP B CG  1 
ATOM   1352 C CD1 . TRP B 1 86  ? -0.241  -10.053 4.517   1.00 22.04 ? 82  TRP B CD1 1 
ATOM   1353 C CD2 . TRP B 1 86  ? 1.993   -9.977  4.769   1.00 21.28 ? 82  TRP B CD2 1 
ATOM   1354 N NE1 . TRP B 1 86  ? 0.032   -10.082 5.868   1.00 21.13 ? 82  TRP B NE1 1 
ATOM   1355 C CE2 . TRP B 1 86  ? 1.387   -10.032 6.049   1.00 23.32 ? 82  TRP B CE2 1 
ATOM   1356 C CE3 . TRP B 1 86  ? 3.392   -9.926  4.675   1.00 18.17 ? 82  TRP B CE3 1 
ATOM   1357 C CZ2 . TRP B 1 86  ? 2.147   -10.056 7.223   1.00 20.31 ? 82  TRP B CZ2 1 
ATOM   1358 C CZ3 . TRP B 1 86  ? 4.137   -9.934  5.829   1.00 21.18 ? 82  TRP B CZ3 1 
ATOM   1359 C CH2 . TRP B 1 86  ? 3.512   -10.005 7.098   1.00 22.15 ? 82  TRP B CH2 1 
ATOM   1360 N N   . THR B 1 87  ? 2.943   -9.247  -0.300  1.00 20.98 ? 83  THR B N   1 
ATOM   1361 C CA  . THR B 1 87  ? 2.938   -9.641  -1.701  1.00 27.01 ? 83  THR B CA  1 
ATOM   1362 C C   . THR B 1 87  ? 2.638   -11.130 -1.782  1.00 27.41 ? 83  THR B C   1 
ATOM   1363 O O   . THR B 1 87  ? 3.335   -11.946 -1.185  1.00 27.95 ? 83  THR B O   1 
ATOM   1364 C CB  . THR B 1 87  ? 4.263   -9.330  -2.401  1.00 26.04 ? 83  THR B CB  1 
ATOM   1365 O OG1 . THR B 1 87  ? 4.543   -7.933  -2.260  1.00 25.43 ? 83  THR B OG1 1 
ATOM   1366 C CG2 . THR B 1 87  ? 4.138   -9.642  -3.901  1.00 31.02 ? 83  THR B CG2 1 
ATOM   1367 N N   . ILE B 1 88  ? 1.588   -11.485 -2.511  1.00 31.88 ? 84  ILE B N   1 
ATOM   1368 C CA  . ILE B 1 88  ? 1.193   -12.887 -2.616  1.00 33.84 ? 84  ILE B CA  1 
ATOM   1369 C C   . ILE B 1 88  ? 1.077   -13.328 -4.074  1.00 39.82 ? 84  ILE B C   1 
ATOM   1370 O O   . ILE B 1 88  ? 0.067   -13.050 -4.728  1.00 42.10 ? 84  ILE B O   1 
ATOM   1371 C CB  . ILE B 1 88  ? -0.148  -13.155 -1.901  1.00 33.53 ? 84  ILE B CB  1 
ATOM   1372 C CG1 . ILE B 1 88  ? -0.051  -12.802 -0.410  1.00 30.08 ? 84  ILE B CG1 1 
ATOM   1373 C CG2 . ILE B 1 88  ? -0.540  -14.614 -2.070  1.00 34.59 ? 84  ILE B CG2 1 
ATOM   1374 C CD1 . ILE B 1 88  ? -1.277  -13.231 0.422   1.00 34.92 ? 84  ILE B CD1 1 
ATOM   1375 N N   . ASP B 1 89  ? 2.091   -14.037 -4.570  1.00 38.93 ? 85  ASP B N   1 
ATOM   1376 C CA  . ASP B 1 89  ? 2.138   -14.413 -5.985  1.00 45.47 ? 85  ASP B CA  1 
ATOM   1377 C C   . ASP B 1 89  ? 2.050   -15.913 -6.258  1.00 49.27 ? 85  ASP B C   1 
ATOM   1378 O O   . ASP B 1 89  ? 2.198   -16.341 -7.404  1.00 47.68 ? 85  ASP B O   1 
ATOM   1379 C CB  . ASP B 1 89  ? 3.398   -13.859 -6.655  1.00 47.36 ? 85  ASP B CB  1 
ATOM   1380 C CG  . ASP B 1 89  ? 3.418   -12.348 -6.689  1.00 46.47 ? 85  ASP B CG  1 
ATOM   1381 O OD1 . ASP B 1 89  ? 2.408   -11.738 -7.115  1.00 51.54 ? 85  ASP B OD1 1 
ATOM   1382 O OD2 . ASP B 1 89  ? 4.445   -11.773 -6.271  1.00 45.27 ? 85  ASP B OD2 1 
ATOM   1383 N N   . ASN B 1 90  ? 1.824   -16.706 -5.216  1.00 44.60 ? 86  ASN B N   1 
ATOM   1384 C CA  . ASN B 1 90  ? 1.617   -18.145 -5.380  1.00 40.39 ? 86  ASN B CA  1 
ATOM   1385 C C   . ASN B 1 90  ? 0.978   -18.728 -4.121  1.00 36.36 ? 86  ASN B C   1 
ATOM   1386 O O   . ASN B 1 90  ? 0.609   -17.969 -3.219  1.00 36.67 ? 86  ASN B O   1 
ATOM   1387 C CB  . ASN B 1 90  ? 2.917   -18.857 -5.772  1.00 38.00 ? 86  ASN B CB  1 
ATOM   1388 C CG  . ASN B 1 90  ? 4.047   -18.606 -4.798  1.00 40.38 ? 86  ASN B CG  1 
ATOM   1389 O OD1 . ASN B 1 90  ? 3.912   -18.830 -3.592  1.00 36.96 ? 86  ASN B OD1 1 
ATOM   1390 N ND2 . ASN B 1 90  ? 5.185   -18.139 -5.321  1.00 44.61 ? 86  ASN B ND2 1 
ATOM   1391 N N   . LEU B 1 91  ? 0.827   -20.049 -4.048  1.00 35.63 ? 87  LEU B N   1 
ATOM   1392 C CA  . LEU B 1 91  ? 0.117   -20.640 -2.910  1.00 34.61 ? 87  LEU B CA  1 
ATOM   1393 C C   . LEU B 1 91  ? 0.989   -20.781 -1.682  1.00 32.76 ? 87  LEU B C   1 
ATOM   1394 O O   . LEU B 1 91  ? 0.476   -20.698 -0.568  1.00 32.77 ? 87  LEU B O   1 
ATOM   1395 C CB  . LEU B 1 91  ? -0.530  -21.989 -3.253  1.00 36.51 ? 87  LEU B CB  1 
ATOM   1396 C CG  . LEU B 1 91  ? -1.906  -21.958 -3.913  1.00 38.81 ? 87  LEU B CG  1 
ATOM   1397 C CD1 . LEU B 1 91  ? -2.346  -23.386 -4.175  1.00 34.32 ? 87  LEU B CD1 1 
ATOM   1398 C CD2 . LEU B 1 91  ? -2.930  -21.208 -3.040  1.00 32.97 ? 87  LEU B CD2 1 
ATOM   1399 N N   . GLN B 1 92  ? 2.292   -21.013 -1.870  1.00 33.78 ? 88  GLN B N   1 
ATOM   1400 C CA  . GLN B 1 92  ? 3.209   -21.062 -0.729  1.00 35.55 ? 88  GLN B CA  1 
ATOM   1401 C C   . GLN B 1 92  ? 3.240   -19.698 -0.033  1.00 29.83 ? 88  GLN B C   1 
ATOM   1402 O O   . GLN B 1 92  ? 3.343   -19.631 1.195   1.00 30.80 ? 88  GLN B O   1 
ATOM   1403 C CB  . GLN B 1 92  ? 4.636   -21.500 -1.134  1.00 37.81 ? 88  GLN B CB  1 
ATOM   1404 C CG  . GLN B 1 92  ? 4.960   -23.005 -0.964  1.00 44.68 ? 88  GLN B CG  1 
ATOM   1405 C CD  . GLN B 1 92  ? 5.582   -23.379 0.402   1.00 55.28 ? 88  GLN B CD  1 
ATOM   1406 O OE1 . GLN B 1 92  ? 4.875   -23.518 1.417   1.00 45.91 ? 88  GLN B OE1 1 
ATOM   1407 N NE2 . GLN B 1 92  ? 6.909   -23.571 0.420   1.00 53.84 ? 88  GLN B NE2 1 
ATOM   1408 N N   . GLN B 1 93  ? 3.166   -18.621 -0.818  1.00 30.90 ? 89  GLN B N   1 
ATOM   1409 C CA  . GLN B 1 93  ? 3.126   -17.267 -0.264  1.00 30.53 ? 89  GLN B CA  1 
ATOM   1410 C C   . GLN B 1 93  ? 1.783   -17.013 0.414   1.00 27.85 ? 89  GLN B C   1 
ATOM   1411 O O   . GLN B 1 93  ? 1.727   -16.465 1.524   1.00 25.53 ? 89  GLN B O   1 
ATOM   1412 C CB  . GLN B 1 93  ? 3.418   -16.212 -1.347  1.00 27.39 ? 89  GLN B CB  1 
ATOM   1413 C CG  . GLN B 1 93  ? 4.888   -16.217 -1.792  1.00 25.42 ? 89  GLN B CG  1 
ATOM   1414 C CD  . GLN B 1 93  ? 5.190   -15.244 -2.937  1.00 30.98 ? 89  GLN B CD  1 
ATOM   1415 O OE1 . GLN B 1 93  ? 4.306   -14.549 -3.439  1.00 33.68 ? 89  GLN B OE1 1 
ATOM   1416 N NE2 . GLN B 1 93  ? 6.456   -15.197 -3.347  1.00 37.33 ? 89  GLN B NE2 1 
ATOM   1417 N N   . GLU B 1 94  ? 0.701   -17.411 -0.248  1.00 26.28 ? 90  GLU B N   1 
ATOM   1418 C CA  . GLU B 1 94  ? -0.603  -17.325 0.377   1.00 28.37 ? 90  GLU B CA  1 
ATOM   1419 C C   . GLU B 1 94  ? -0.586  -18.046 1.721   1.00 25.15 ? 90  GLU B C   1 
ATOM   1420 O O   . GLU B 1 94  ? -1.033  -17.496 2.725   1.00 22.18 ? 90  GLU B O   1 
ATOM   1421 C CB  . GLU B 1 94  ? -1.691  -17.931 -0.515  1.00 32.40 ? 90  GLU B CB  1 
ATOM   1422 C CG  . GLU B 1 94  ? -3.042  -18.110 0.200   1.00 30.85 ? 90  GLU B CG  1 
ATOM   1423 C CD  . GLU B 1 94  ? -3.758  -16.780 0.444   1.00 33.76 ? 90  GLU B CD  1 
ATOM   1424 O OE1 . GLU B 1 94  ? -4.578  -16.671 1.396   1.00 32.12 ? 90  GLU B OE1 1 
ATOM   1425 O OE2 . GLU B 1 94  ? -3.505  -15.836 -0.336  1.00 36.51 ? 90  GLU B OE2 1 
ATOM   1426 N N   . PHE B 1 95  ? -0.058  -19.268 1.749   1.00 24.09 ? 91  PHE B N   1 
ATOM   1427 C CA  . PHE B 1 95  ? -0.107  -20.056 2.981   1.00 22.85 ? 91  PHE B CA  1 
ATOM   1428 C C   . PHE B 1 95  ? 0.914   -19.654 4.026   1.00 24.00 ? 91  PHE B C   1 
ATOM   1429 O O   . PHE B 1 95  ? 0.709   -19.906 5.215   1.00 22.65 ? 91  PHE B O   1 
ATOM   1430 C CB  . PHE B 1 95  ? -0.110  -21.567 2.704   1.00 27.47 ? 91  PHE B CB  1 
ATOM   1431 C CG  . PHE B 1 95  ? -1.465  -22.085 2.290   1.00 25.05 ? 91  PHE B CG  1 
ATOM   1432 C CD1 . PHE B 1 95  ? -1.774  -22.278 0.959   1.00 24.25 ? 91  PHE B CD1 1 
ATOM   1433 C CD2 . PHE B 1 95  ? -2.446  -22.319 3.244   1.00 24.13 ? 91  PHE B CD2 1 
ATOM   1434 C CE1 . PHE B 1 95  ? -3.030  -22.731 0.586   1.00 28.94 ? 91  PHE B CE1 1 
ATOM   1435 C CE2 . PHE B 1 95  ? -3.701  -22.767 2.882   1.00 21.32 ? 91  PHE B CE2 1 
ATOM   1436 C CZ  . PHE B 1 95  ? -3.997  -22.973 1.551   1.00 25.40 ? 91  PHE B CZ  1 
ATOM   1437 N N   . SER B 1 96  ? 1.996   -19.000 3.606   1.00 22.20 ? 92  SER B N   1 
ATOM   1438 C CA  . SER B 1 96  ? 2.917   -18.421 4.576   1.00 23.32 ? 92  SER B CA  1 
ATOM   1439 C C   . SER B 1 96  ? 2.224   -17.315 5.376   1.00 21.23 ? 92  SER B C   1 
ATOM   1440 O O   . SER B 1 96  ? 2.345   -17.251 6.595   1.00 21.02 ? 92  SER B O   1 
ATOM   1441 C CB  . SER B 1 96  ? 4.191   -17.900 3.890   1.00 22.46 ? 92  SER B CB  1 
ATOM   1442 O OG  . SER B 1 96  ? 4.800   -18.940 3.148   1.00 27.52 ? 92  SER B OG  1 
ATOM   1443 N N   . VAL B 1 97  ? 1.492   -16.438 4.701   1.00 22.57 ? 93  VAL B N   1 
ATOM   1444 C CA  . VAL B 1 97  ? 0.731   -15.412 5.414   1.00 24.11 ? 93  VAL B CA  1 
ATOM   1445 C C   . VAL B 1 97  ? -0.314  -16.043 6.346   1.00 23.89 ? 93  VAL B C   1 
ATOM   1446 O O   . VAL B 1 97  ? -0.455  -15.633 7.501   1.00 20.39 ? 93  VAL B O   1 
ATOM   1447 C CB  . VAL B 1 97  ? 0.014   -14.459 4.450   1.00 21.36 ? 93  VAL B CB  1 
ATOM   1448 C CG1 . VAL B 1 97  ? -0.935  -13.529 5.229   1.00 20.57 ? 93  VAL B CG1 1 
ATOM   1449 C CG2 . VAL B 1 97  ? 1.019   -13.668 3.633   1.00 20.60 ? 93  VAL B CG2 1 
ATOM   1450 N N   . ILE B 1 98  ? -1.046  -17.036 5.843   1.00 20.28 ? 94  ILE B N   1 
ATOM   1451 C CA  . ILE B 1 98  ? -2.013  -17.758 6.669   1.00 23.17 ? 94  ILE B CA  1 
ATOM   1452 C C   . ILE B 1 98  ? -1.378  -18.411 7.909   1.00 24.31 ? 94  ILE B C   1 
ATOM   1453 O O   . ILE B 1 98  ? -1.886  -18.266 9.037   1.00 24.67 ? 94  ILE B O   1 
ATOM   1454 C CB  . ILE B 1 98  ? -2.796  -18.820 5.844   1.00 23.04 ? 94  ILE B CB  1 
ATOM   1455 C CG1 . ILE B 1 98  ? -3.667  -18.129 4.789   1.00 20.20 ? 94  ILE B CG1 1 
ATOM   1456 C CG2 . ILE B 1 98  ? -3.637  -19.695 6.772   1.00 22.20 ? 94  ILE B CG2 1 
ATOM   1457 C CD1 . ILE B 1 98  ? -4.424  -19.086 3.866   1.00 25.73 ? 94  ILE B CD1 1 
ATOM   1458 N N   . ARG B 1 99  ? -0.276  -19.135 7.719   1.00 21.77 ? 95  ARG B N   1 
ATOM   1459 C CA  . ARG B 1 99  ? 0.378   -19.804 8.849   1.00 27.38 ? 95  ARG B CA  1 
ATOM   1460 C C   . ARG B 1 99  ? 0.809   -18.766 9.882   1.00 24.76 ? 95  ARG B C   1 
ATOM   1461 O O   . ARG B 1 99  ? 0.753   -19.009 11.070  1.00 22.70 ? 95  ARG B O   1 
ATOM   1462 C CB  . ARG B 1 99  ? 1.583   -20.650 8.386   1.00 28.23 ? 95  ARG B CB  1 
ATOM   1463 C CG  . ARG B 1 99  ? 1.216   -21.867 7.495   1.00 27.79 ? 95  ARG B CG  1 
ATOM   1464 C CD  . ARG B 1 99  ? 2.394   -22.264 6.564   1.00 34.73 ? 95  ARG B CD  1 
ATOM   1465 N NE  . ARG B 1 99  ? 3.648   -22.465 7.293   1.00 33.15 ? 95  ARG B NE  1 
ATOM   1466 C CZ  . ARG B 1 99  ? 4.860   -22.266 6.784   1.00 34.96 ? 95  ARG B CZ  1 
ATOM   1467 N NH1 . ARG B 1 99  ? 4.999   -21.852 5.531   1.00 38.09 ? 95  ARG B NH1 1 
ATOM   1468 N NH2 . ARG B 1 99  ? 5.937   -22.482 7.533   1.00 37.30 ? 95  ARG B NH2 1 
ATOM   1469 N N   . LEU B 1 100 ? 1.223   -17.592 9.422   1.00 23.25 ? 96  LEU B N   1 
ATOM   1470 C CA  . LEU B 1 100 ? 1.622   -16.526 10.338  1.00 23.77 ? 96  LEU B CA  1 
ATOM   1471 C C   . LEU B 1 100 ? 0.414   -15.969 11.101  1.00 25.27 ? 96  LEU B C   1 
ATOM   1472 O O   . LEU B 1 100 ? 0.414   -15.891 12.321  1.00 26.22 ? 96  LEU B O   1 
ATOM   1473 C CB  . LEU B 1 100 ? 2.302   -15.394 9.556   1.00 22.63 ? 96  LEU B CB  1 
ATOM   1474 C CG  . LEU B 1 100 ? 2.654   -14.117 10.317  1.00 26.15 ? 96  LEU B CG  1 
ATOM   1475 C CD1 . LEU B 1 100 ? 3.755   -14.396 11.344  1.00 29.35 ? 96  LEU B CD1 1 
ATOM   1476 C CD2 . LEU B 1 100 ? 3.087   -13.004 9.344   1.00 23.85 ? 96  LEU B CD2 1 
ATOM   1477 N N   . VAL B 1 101 ? -0.616  -15.580 10.363  1.00 23.92 ? 97  VAL B N   1 
ATOM   1478 C CA  . VAL B 1 101 ? -1.790  -14.933 10.943  1.00 27.18 ? 97  VAL B CA  1 
ATOM   1479 C C   . VAL B 1 101 ? -2.578  -15.871 11.852  1.00 29.51 ? 97  VAL B C   1 
ATOM   1480 O O   . VAL B 1 101 ? -2.869  -15.537 13.003  1.00 28.91 ? 97  VAL B O   1 
ATOM   1481 C CB  . VAL B 1 101 ? -2.713  -14.355 9.850   1.00 27.12 ? 97  VAL B CB  1 
ATOM   1482 C CG1 . VAL B 1 101 ? -4.077  -13.958 10.441  1.00 31.78 ? 97  VAL B CG1 1 
ATOM   1483 C CG2 . VAL B 1 101 ? -2.047  -13.156 9.163   1.00 28.27 ? 97  VAL B CG2 1 
ATOM   1484 N N   . PHE B 1 102 ? -2.898  -17.057 11.341  1.00 29.99 ? 98  PHE B N   1 
ATOM   1485 C CA  . PHE B 1 102 ? -3.675  -18.023 12.106  1.00 30.32 ? 98  PHE B CA  1 
ATOM   1486 C C   . PHE B 1 102 ? -2.813  -18.720 13.139  1.00 32.58 ? 98  PHE B C   1 
ATOM   1487 O O   . PHE B 1 102 ? -3.323  -19.199 14.146  1.00 38.25 ? 98  PHE B O   1 
ATOM   1488 C CB  . PHE B 1 102 ? -4.336  -19.053 11.188  1.00 25.81 ? 98  PHE B CB  1 
ATOM   1489 C CG  . PHE B 1 102 ? -5.583  -18.558 10.526  1.00 29.61 ? 98  PHE B CG  1 
ATOM   1490 C CD1 . PHE B 1 102 ? -6.831  -19.006 10.944  1.00 27.21 ? 98  PHE B CD1 1 
ATOM   1491 C CD2 . PHE B 1 102 ? -5.513  -17.636 9.496   1.00 28.79 ? 98  PHE B CD2 1 
ATOM   1492 C CE1 . PHE B 1 102 ? -7.976  -18.559 10.339  1.00 26.88 ? 98  PHE B CE1 1 
ATOM   1493 C CE2 . PHE B 1 102 ? -6.666  -17.168 8.878   1.00 31.48 ? 98  PHE B CE2 1 
ATOM   1494 C CZ  . PHE B 1 102 ? -7.901  -17.633 9.302   1.00 34.33 ? 98  PHE B CZ  1 
ATOM   1495 N N   . GLY B 1 103 ? -1.505  -18.787 12.885  1.00 30.55 ? 99  GLY B N   1 
ATOM   1496 C CA  . GLY B 1 103 ? -0.581  -19.376 13.840  1.00 34.59 ? 99  GLY B CA  1 
ATOM   1497 C C   . GLY B 1 103 ? -0.505  -18.531 15.103  1.00 40.86 ? 99  GLY B C   1 
ATOM   1498 O O   . GLY B 1 103 ? -0.409  -19.059 16.214  1.00 39.83 ? 99  GLY B O   1 
ATOM   1499 N N   . LEU B 1 104 ? -0.540  -17.210 14.931  1.00 38.88 ? 100 LEU B N   1 
ATOM   1500 C CA  . LEU B 1 104 ? -0.605  -16.292 16.067  1.00 39.97 ? 100 LEU B CA  1 
ATOM   1501 C C   . LEU B 1 104 ? -1.989  -16.232 16.717  1.00 44.47 ? 100 LEU B C   1 
ATOM   1502 O O   . LEU B 1 104 ? -2.088  -16.097 17.933  1.00 53.87 ? 100 LEU B O   1 
ATOM   1503 C CB  . LEU B 1 104 ? -0.136  -14.900 15.668  1.00 41.00 ? 100 LEU B CB  1 
ATOM   1504 C CG  . LEU B 1 104 ? 1.356   -14.787 15.366  1.00 36.49 ? 100 LEU B CG  1 
ATOM   1505 C CD1 . LEU B 1 104 ? 1.630   -13.410 14.831  1.00 41.57 ? 100 LEU B CD1 1 
ATOM   1506 C CD2 . LEU B 1 104 ? 2.190   -15.065 16.618  1.00 41.24 ? 100 LEU B CD2 1 
ATOM   1507 N N   . GLU B 1 105 ? -3.051  -16.310 15.915  1.00 43.64 ? 101 GLU B N   1 
ATOM   1508 C CA  . GLU B 1 105 ? -4.385  -16.590 16.451  1.00 43.74 ? 101 GLU B CA  1 
ATOM   1509 C C   . GLU B 1 105 ? -4.146  -17.783 17.366  1.00 45.41 ? 101 GLU B C   1 
ATOM   1510 O O   . GLU B 1 105 ? -4.300  -17.679 18.585  1.00 43.55 ? 101 GLU B O   1 
ATOM   1511 C CB  . GLU B 1 105 ? -5.340  -16.971 15.310  1.00 46.30 ? 101 GLU B CB  1 
ATOM   1512 C CG  . GLU B 1 105 ? -6.832  -16.743 15.539  1.00 42.39 ? 101 GLU B CG  1 
ATOM   1513 C CD  . GLU B 1 105 ? -7.579  -16.516 14.216  1.00 48.37 ? 101 GLU B CD  1 
ATOM   1514 O OE1 . GLU B 1 105 ? -7.031  -15.773 13.365  1.00 47.28 ? 101 GLU B OE1 1 
ATOM   1515 O OE2 . GLU B 1 105 ? -8.697  -17.076 14.017  1.00 42.46 ? 101 GLU B OE2 1 
ATOM   1516 N N   . HIS B 1 106 ? -3.764  -18.909 16.753  1.00 45.52 ? 102 HIS B N   1 
ATOM   1517 C CA  . HIS B 1 106 ? -3.237  -20.107 17.438  1.00 45.37 ? 102 HIS B CA  1 
ATOM   1518 C C   . HIS B 1 106 ? -3.701  -21.427 16.837  1.00 42.30 ? 102 HIS B C   1 
ATOM   1519 O O   . HIS B 1 106 ? -3.172  -22.478 17.196  1.00 48.78 ? 102 HIS B O   1 
ATOM   1520 C CB  . HIS B 1 106 ? -3.514  -20.107 18.952  1.00 47.82 ? 102 HIS B CB  1 
ATOM   1521 C CG  . HIS B 1 106 ? -2.475  -19.404 19.756  1.00 49.12 ? 102 HIS B CG  1 
ATOM   1522 N ND1 . HIS B 1 106 ? -1.282  -18.950 19.205  1.00 50.37 ? 102 HIS B ND1 1 
ATOM   1523 C CD2 . HIS B 1 106 ? -2.424  -19.044 21.060  1.00 52.41 ? 102 HIS B CD2 1 
ATOM   1524 C CE1 . HIS B 1 106 ? -0.564  -18.365 20.123  1.00 52.11 ? 102 HIS B CE1 1 
ATOM   1525 N NE2 . HIS B 1 106 ? -1.232  -18.401 21.276  1.00 60.12 ? 102 HIS B NE2 1 
HETATM 1526 O O   . HOH C 2 .   ? -5.164  1.557   -13.406 1.00 19.83 ? 201 HOH A O   1 
HETATM 1527 O O   . HOH C 2 .   ? 1.069   0.902   -6.289  1.00 29.70 ? 202 HOH A O   1 
HETATM 1528 O O   . HOH C 2 .   ? -4.428  1.567   -20.324 1.00 29.83 ? 203 HOH A O   1 
HETATM 1529 O O   . HOH C 2 .   ? -10.230 -1.700  -5.969  1.00 30.42 ? 204 HOH A O   1 
HETATM 1530 O O   . HOH C 2 .   ? -7.790  -2.774  -5.013  1.00 32.35 ? 205 HOH A O   1 
HETATM 1531 O O   . HOH C 2 .   ? -8.692  3.436   -17.590 1.00 35.48 ? 206 HOH A O   1 
HETATM 1532 O O   . HOH C 2 .   ? -2.563  21.027  -12.495 1.00 39.28 ? 207 HOH A O   1 
HETATM 1533 O O   . HOH C 2 .   ? -8.235  24.929  -2.616  1.00 42.33 ? 208 HOH A O   1 
HETATM 1534 O O   . HOH C 2 .   ? -7.325  0.654   -14.754 1.00 15.48 ? 209 HOH A O   1 
HETATM 1535 O O   . HOH C 2 .   ? -4.523  1.158   -10.657 1.00 20.51 ? 210 HOH A O   1 
HETATM 1536 O O   . HOH C 2 .   ? -20.537 8.942   0.319   1.00 40.54 ? 211 HOH A O   1 
HETATM 1537 O O   . HOH C 2 .   ? 2.026   9.426   -4.110  1.00 38.11 ? 212 HOH A O   1 
HETATM 1538 O O   . HOH C 2 .   ? -5.785  10.015  -21.087 1.00 38.68 ? 213 HOH A O   1 
HETATM 1539 O O   . HOH C 2 .   ? -5.777  7.514   8.187   1.00 46.93 ? 214 HOH A O   1 
HETATM 1540 O O   . HOH C 2 .   ? -11.276 19.926  7.598   1.00 51.13 ? 215 HOH A O   1 
HETATM 1541 O O   . HOH C 2 .   ? -11.687 -4.386  -5.684  1.00 42.68 ? 216 HOH A O   1 
HETATM 1542 O O   . HOH C 2 .   ? -7.073  -4.281  -9.481  1.00 35.84 ? 217 HOH A O   1 
HETATM 1543 O O   . HOH C 2 .   ? -18.937 13.131  -13.545 1.00 49.09 ? 218 HOH A O   1 
HETATM 1544 O O   . HOH C 2 .   ? -0.641  -3.668  -7.284  1.00 39.78 ? 219 HOH A O   1 
HETATM 1545 O O   . HOH C 2 .   ? -18.816 1.900   4.717   1.00 41.30 ? 220 HOH A O   1 
HETATM 1546 O O   . HOH C 2 .   ? -2.444  -8.486  -18.426 1.00 37.65 ? 221 HOH A O   1 
HETATM 1547 O O   . HOH C 2 .   ? -20.434 3.826   5.266   1.00 42.67 ? 222 HOH A O   1 
HETATM 1548 O O   . HOH C 2 .   ? -6.766  17.513  -19.192 1.00 33.19 ? 223 HOH A O   1 
HETATM 1549 O O   . HOH C 2 .   ? -7.834  -0.037  -17.241 1.00 35.03 ? 224 HOH A O   1 
HETATM 1550 O O   . HOH C 2 .   ? 1.982   6.991   -2.040  1.00 37.62 ? 225 HOH A O   1 
HETATM 1551 O O   . HOH C 2 .   ? -3.794  20.336  -5.938  1.00 36.21 ? 226 HOH A O   1 
HETATM 1552 O O   . HOH C 2 .   ? 3.900   7.289   -3.536  1.00 39.82 ? 227 HOH A O   1 
HETATM 1553 O O   . HOH C 2 .   ? 2.606   5.209   -1.056  1.00 40.04 ? 228 HOH A O   1 
HETATM 1554 O O   . HOH C 2 .   ? -5.780  19.133  -17.196 1.00 37.12 ? 229 HOH A O   1 
HETATM 1555 O O   . HOH C 2 .   ? -7.822  -8.893  -15.417 1.00 41.10 ? 230 HOH A O   1 
HETATM 1556 O O   . HOH C 2 .   ? 4.396   0.199   -12.690 1.00 37.57 ? 231 HOH A O   1 
HETATM 1557 O O   . HOH C 2 .   ? -13.181 3.950   -19.497 1.00 38.38 ? 232 HOH A O   1 
HETATM 1558 O O   . HOH D 2 .   ? 3.857   -12.361 1.453   1.00 19.95 ? 201 HOH B O   1 
HETATM 1559 O O   . HOH D 2 .   ? 6.562   -16.617 1.411   1.00 24.62 ? 202 HOH B O   1 
HETATM 1560 O O   . HOH D 2 .   ? 4.027   -14.914 1.959   1.00 22.43 ? 203 HOH B O   1 
HETATM 1561 O O   . HOH D 2 .   ? 14.590  0.703   -0.423  1.00 32.77 ? 204 HOH B O   1 
HETATM 1562 O O   . HOH D 2 .   ? 16.134  0.789   12.317  1.00 35.83 ? 205 HOH B O   1 
HETATM 1563 O O   . HOH D 2 .   ? 11.294  3.809   -1.250  1.00 39.33 ? 206 HOH B O   1 
HETATM 1564 O O   . HOH D 2 .   ? 17.085  -1.655  13.127  1.00 36.66 ? 207 HOH B O   1 
HETATM 1565 O O   . HOH D 2 .   ? 13.259  -2.633  -2.431  1.00 37.42 ? 208 HOH B O   1 
HETATM 1566 O O   . HOH D 2 .   ? 20.979  -1.840  6.990   1.00 40.97 ? 209 HOH B O   1 
HETATM 1567 O O   . HOH D 2 .   ? 11.230  -1.814  17.405  1.00 35.46 ? 210 HOH B O   1 
HETATM 1568 O O   . HOH D 2 .   ? 3.539   -22.078 3.332   1.00 37.42 ? 211 HOH B O   1 
HETATM 1569 O O   . HOH D 2 .   ? 13.430  3.061   0.932   1.00 38.75 ? 212 HOH B O   1 
HETATM 1570 O O   . HOH D 2 .   ? 9.474   -8.351  -2.268  1.00 25.57 ? 213 HOH B O   1 
HETATM 1571 O O   . HOH D 2 .   ? 8.686   7.808   4.234   1.00 36.40 ? 214 HOH B O   1 
HETATM 1572 O O   . HOH D 2 .   ? 0.568   -21.075 -6.676  1.00 40.82 ? 215 HOH B O   1 
HETATM 1573 O O   . HOH D 2 .   ? 16.039  9.124   2.642   1.00 44.97 ? 216 HOH B O   1 
HETATM 1574 O O   . HOH D 2 .   ? 6.985   -7.458  -3.286  1.00 29.18 ? 217 HOH B O   1 
HETATM 1575 O O   . HOH D 2 .   ? 9.418   -20.327 17.281  1.00 35.99 ? 218 HOH B O   1 
HETATM 1576 O O   . HOH D 2 .   ? 8.544   -21.204 20.578  1.00 43.80 ? 219 HOH B O   1 
HETATM 1577 O O   . HOH D 2 .   ? -6.903  -10.941 8.754   1.00 39.80 ? 220 HOH B O   1 
HETATM 1578 O O   . HOH D 2 .   ? 7.064   -19.303 18.680  1.00 39.82 ? 221 HOH B O   1 
HETATM 1579 O O   . HOH D 2 .   ? -1.819  -3.230  6.195   1.00 42.68 ? 222 HOH B O   1 
HETATM 1580 O O   . HOH D 2 .   ? 13.167  -13.406 14.290  1.00 40.41 ? 223 HOH B O   1 
HETATM 1581 O O   . HOH D 2 .   ? -0.151  -2.164  -4.604  1.00 38.13 ? 224 HOH B O   1 
HETATM 1582 O O   . HOH D 2 .   ? 8.262   -12.861 -4.427  1.00 38.54 ? 225 HOH B O   1 
HETATM 1583 O O   . HOH D 2 .   ? -2.349  -0.966  12.802  1.00 46.69 ? 226 HOH B O   1 
HETATM 1584 O O   . HOH D 2 .   ? 14.751  -23.849 13.460  1.00 45.12 ? 227 HOH B O   1 
HETATM 1585 O O   . HOH D 2 .   ? 15.620  -21.084 12.623  1.00 47.86 ? 228 HOH B O   1 
HETATM 1586 O O   . HOH D 2 .   ? -10.977 -12.250 8.415   1.00 56.70 ? 229 HOH B O   1 
HETATM 1587 O O   . HOH D 2 .   ? 15.038  -26.114 12.220  1.00 48.98 ? 230 HOH B O   1 
# 
